data_9K2X
#
_entry.id   9K2X
#
_cell.length_a   1.00
_cell.length_b   1.00
_cell.length_c   1.00
_cell.angle_alpha   90.00
_cell.angle_beta   90.00
_cell.angle_gamma   90.00
#
_symmetry.space_group_name_H-M   'P 1'
#
loop_
_entity.id
_entity.type
_entity.pdbx_description
1 polymer 'Ubiquitin carboxyl-terminal hydrolase 7'
2 polymer 'DNA (cytosine-5)-methyltransferase 1'
#
loop_
_entity_poly.entity_id
_entity_poly.type
_entity_poly.pdbx_seq_one_letter_code
_entity_poly.pdbx_strand_id
1 'polypeptide(L)'
;GPLGSMNHQQQQQQQKAGEQQLSEPEDMEMEAGDTDDPPRITQNPVINGNVALSDGHNTAEEDMEDDTSWRSEATFQFTV
ERFSRLSESVLSPPCFVRNLPWKIMVMPRFYPDRPHQKSVGFFLQCNAESDSTSWSCHAQAVLKIINYRDDEKSFSRRIS
HLFFHKENDWGFSNFMAWSEVTDPEKGFIDDDKVTFEVFVQADAPHGVAWDSKKHTGYVGLKNQGATCYMNSLLQTLFFT
NQLRKAVYMMPTEGDDSSKSVPLALQRVFYELQHSDKPVGTKKLTKSFGWETLDSFMQHDVQELCRVLLDNVENKMKGTC
VEGTIPKLFRGKMVSYIQCKEVDYRSDRREDYYDIQLSIKGKKNIFESFVDYVAVEQLDGDNKYDAGEHGLQEAEKGVKF
LTLPPVLHLQLMRFMYDPQTDQNIKINDRFEFPEQLPLDEFLQKTDPKDPANYILHAVLVHSGDNHGGHYVVYLNPKGDG
KWCKFDDDVVSRCTKEEAIEHNYGGHDDDLSVRHCTNAYMLVYIRESKLSEVLQAVTDHDIPQQLVERLQEEKRIEAQKR
KERQEAHLYMQVQIVAEDQFCGHQGNDMYDEEKVKYTVFKVLKNSSLAEFVQSLSQTMGFPQDQIRLWPMQARSNGTKRP
AMLDNEADGNKTMIELSDNENPWTIFLETVDPELAASGATLPKFDKDHDVMLFLKMYDPKTRSLNYCGHIYTPISCKIRD
LLPVMCDRAGFIQDTSLILYEEVKPNLTERIQDYDVSLDKALDELMDGDIIVFQKDDPENDNSELPTAKEYFRDLYHRVD
VIFCDKTIPNDPGFVVTLSNRMNYFQVAKTVAQRLNTDPMLLQFFKSQGYRDGPGNPLRHNYEGTLRDLLQFFKPRQPKK
LYYQQLKMKITDFENRRSFKCIWLNSQFREEEITLYPDKHGCVRDLLEECKKAVELGEKASGKLRLLEIVSYKIIGVHQE
DELLECLSPATSRTFRIEEIPLDQVDIDKENEMLVTVAHFHKEVFGTFGIPFLLRIHQGEHFREVMKRIQSLLDIQEKEF
EKFKFAIVMMGRHQYINEDEYEVNLKDFEPQPGNMSHPRPWLGLDHFNKAPKRSRYTYLEKAIKIHN
;
A
2 'polypeptide(L)'
;GPPTTPKCIQCGQYLDDPDLKYGQHPPDAVDEPQMLTNEKLSIFDANESGFESYEALPQHKLTCFSVYCKHGHLCPIDTG
LIEKNIELFFSGSAKPIYDDDPSLEGGVNGKNLGPINEWWITGFDGGEKALIGFSTSFAEYILMDPSPEYAPIFGLMQEK
IYISKIVVEFLQSNSDSTYEDLINKIETTVPPSGLNLNRFTEDSLLRHAQFVVEQVESYDEAGDSDEQPIFLTPCMRDLI
KLAGVTLGQRRAQARRQTIRHSTREKDRGPTKATTTKLVYQIFDTFFAEQIEKDDREDKENAFKRRRCGVCEVCQQPECG
KCKACKDMVKFGGSGRSKQACQERRCPNMAMKEADDDEEVDDNIPEMPSPKKMHQGKKKKQNKNRISWVGEAVKTDGKKS
YYKKVCIDAETLEVGDCVSVIPDDSSKPLYLARVTALWEDSSNGQMFHAHWFCAGTDTVLGATSDPLELFLVDECEDMQL
SYIHSKVKVIYKAPSENWAMEGGMDPESLLEGDDGKTYFYQLWYDQDYARFESPPKTQPTEDNKFKFCVSCARLAEMRQK
EIPRVLEQLEDLDSRVLYYSATKNGILYRVGDGVYLPPEAFTFNIKLSSPVKRPRKEPVDEDLYPEHYRKYSDYIKGSNL
DAPEPYRIGRIKEIFCPKKSNGRPNETDIKIRVNKFYRPENTHKSTPASYHADINLLYWSDEEAVVDFKAVQGRCTVEYG
EDLPECVQVYSMGGPNRFYFLEAYNAKSKSFEDPPNHARSPGNKGKGKGKGKGKPKSQACEPSEPEIEIKLPKLRTLDVF
SGCGGLSEGFHQAGISDTLWAIEMWDPAAQAFRLNNPGSTVFTEDCNILLKLVMAGETTNSRGQRLPQKGDVEMLCGGPP
CQGFSGMNRFNSRTYSKFKNSLVVSFLSYCDYYRPRFFLLENVRNFVSFKRSMVLKLTLRCLVRMGYQCTFGVLQAGQYG
VAQTRRRAIILAAAPGEKLPLFPEPLHVFAPRACQLSVVVDDKKFVSNITRLSSGPFRTITVRDTMSDLPEVRNGASALE
ISYNGEPQSWFQRQLRGAQYQPILRDHICKDMSALVAARMRHIPLAPGSDWRDLPNIEVRLSDGTMARKLRYTHHDRKNG
RSSSGALRGVCSCVEAGKACDPAARQFNTLIPWCLPHTGNRHNHWAGLYGRLEWDGFFSTTVTNPEPMGKQGRVLHPEQH
RVVSVRECARSQGFPDTYRLFGNILDKHRQVGNAVPPPLAKAIGLEIKLCMLAKARESASAKIKEEEAAKD
;
B
#
# COMPACT_ATOMS: atom_id res chain seq x y z
N GLU A 565 -35.47 1.92 51.96
CA GLU A 565 -36.15 2.62 50.87
C GLU A 565 -35.24 3.71 50.32
N ALA A 566 -33.95 3.40 50.24
CA ALA A 566 -32.99 4.31 49.63
C ALA A 566 -33.19 4.48 48.12
N HIS A 567 -33.75 3.48 47.45
CA HIS A 567 -33.94 3.59 46.00
C HIS A 567 -35.05 4.55 45.59
N LEU A 568 -35.84 5.06 46.53
CA LEU A 568 -36.93 5.98 46.21
C LEU A 568 -36.52 7.45 46.35
N TYR A 569 -35.27 7.72 46.67
CA TYR A 569 -34.77 9.07 46.88
C TYR A 569 -33.73 9.41 45.83
N MET A 570 -33.38 10.70 45.75
CA MET A 570 -32.38 11.17 44.80
C MET A 570 -31.72 12.40 45.40
N GLN A 571 -30.48 12.61 44.98
CA GLN A 571 -29.70 13.76 45.44
C GLN A 571 -30.02 14.91 44.49
N VAL A 572 -30.51 16.00 45.05
CA VAL A 572 -30.74 17.25 44.33
C VAL A 572 -29.71 18.25 44.82
N GLN A 573 -28.80 18.61 43.94
CA GLN A 573 -27.67 19.48 44.26
C GLN A 573 -27.97 20.91 43.83
N ILE A 574 -28.15 21.79 44.82
CA ILE A 574 -28.45 23.20 44.62
C ILE A 574 -27.14 23.98 44.53
N VAL A 575 -26.99 24.77 43.46
CA VAL A 575 -25.83 25.65 43.28
C VAL A 575 -26.30 27.10 43.27
N ALA A 576 -25.59 27.95 44.00
CA ALA A 576 -25.89 29.37 44.11
C ALA A 576 -25.01 30.19 43.18
N GLU A 577 -25.38 31.47 43.05
CA GLU A 577 -24.70 32.35 42.10
C GLU A 577 -23.30 32.72 42.56
N ASP A 578 -22.99 32.56 43.84
CA ASP A 578 -21.66 32.90 44.33
C ASP A 578 -20.60 31.99 43.73
N GLN A 579 -21.00 30.80 43.27
CA GLN A 579 -20.06 29.87 42.65
C GLN A 579 -19.74 30.30 41.23
N PHE A 580 -20.49 31.26 40.68
CA PHE A 580 -20.26 31.69 39.31
C PHE A 580 -19.14 32.72 39.25
N CYS A 581 -18.95 33.47 40.34
CA CYS A 581 -17.88 34.46 40.41
C CYS A 581 -16.52 33.79 40.43
N GLY A 582 -15.59 34.31 39.62
CA GLY A 582 -14.22 33.84 39.64
C GLY A 582 -13.88 32.73 38.68
N HIS A 583 -14.86 32.08 38.08
CA HIS A 583 -14.57 30.98 37.16
C HIS A 583 -13.86 31.47 35.90
N GLN A 584 -12.70 30.88 35.64
CA GLN A 584 -11.84 31.25 34.53
C GLN A 584 -12.02 30.36 33.31
N GLY A 585 -12.89 29.35 33.39
CA GLY A 585 -13.07 28.37 32.35
C GLY A 585 -14.34 28.56 31.55
N ASN A 586 -14.70 27.52 30.80
CA ASN A 586 -15.91 27.53 29.98
C ASN A 586 -17.18 27.38 30.82
N ASP A 587 -18.28 27.77 30.18
CA ASP A 587 -19.62 27.86 30.78
C ASP A 587 -19.53 28.75 32.03
N MET A 588 -20.32 28.48 33.06
CA MET A 588 -20.41 29.30 34.26
C MET A 588 -19.37 28.96 35.29
N TYR A 589 -19.11 27.67 35.51
CA TYR A 589 -18.25 27.26 36.61
C TYR A 589 -17.64 25.91 36.28
N ASP A 590 -16.58 25.60 37.02
CA ASP A 590 -15.93 24.30 36.96
C ASP A 590 -16.64 23.33 37.89
N GLU A 591 -17.02 22.17 37.33
CA GLU A 591 -17.78 21.19 38.08
C GLU A 591 -17.04 20.74 39.33
N GLU A 592 -15.69 20.74 39.31
CA GLU A 592 -14.98 20.30 40.49
C GLU A 592 -14.94 21.36 41.58
N LYS A 593 -14.82 22.64 41.22
CA LYS A 593 -14.65 23.70 42.23
C LYS A 593 -15.98 24.39 42.54
N VAL A 594 -16.92 23.59 43.04
CA VAL A 594 -18.28 24.05 43.30
C VAL A 594 -18.78 23.38 44.57
N LYS A 595 -19.52 24.13 45.38
CA LYS A 595 -20.12 23.59 46.60
C LYS A 595 -21.60 23.34 46.34
N TYR A 596 -22.04 22.10 46.50
CA TYR A 596 -23.44 21.85 46.25
C TYR A 596 -24.18 21.89 47.59
N THR A 597 -25.50 22.01 47.52
CA THR A 597 -26.38 21.71 48.64
C THR A 597 -27.22 20.48 48.29
N VAL A 598 -26.92 19.35 48.91
CA VAL A 598 -27.48 18.07 48.48
C VAL A 598 -28.72 17.76 49.30
N PHE A 599 -29.79 17.36 48.63
CA PHE A 599 -31.06 16.98 49.24
C PHE A 599 -31.41 15.54 48.86
N LYS A 600 -31.63 14.70 49.86
CA LYS A 600 -32.16 13.34 49.63
C LYS A 600 -33.67 13.42 49.62
N VAL A 601 -34.28 13.26 48.44
CA VAL A 601 -35.70 13.55 48.26
C VAL A 601 -36.44 12.36 47.68
N LEU A 602 -37.64 12.09 48.22
CA LEU A 602 -38.57 11.09 47.71
C LEU A 602 -38.93 11.33 46.24
N LYS A 603 -38.87 10.26 45.44
CA LYS A 603 -39.19 10.39 44.01
C LYS A 603 -40.61 10.89 43.77
N ASN A 604 -41.55 10.55 44.65
CA ASN A 604 -42.93 10.94 44.41
C ASN A 604 -43.28 12.32 44.95
N SER A 605 -42.35 12.98 45.63
CA SER A 605 -42.61 14.33 46.14
C SER A 605 -42.87 15.29 44.98
N SER A 606 -43.79 16.21 45.19
CA SER A 606 -44.09 17.19 44.14
C SER A 606 -43.04 18.29 44.09
N LEU A 607 -43.00 18.98 42.95
CA LEU A 607 -42.10 20.13 42.79
C LEU A 607 -42.42 21.25 43.76
N ALA A 608 -43.72 21.50 43.99
CA ALA A 608 -44.13 22.59 44.88
C ALA A 608 -43.63 22.34 46.30
N GLU A 609 -43.73 21.10 46.77
CA GLU A 609 -43.25 20.75 48.10
C GLU A 609 -41.76 21.01 48.21
N PHE A 610 -41.00 20.68 47.17
CA PHE A 610 -39.56 20.90 47.20
C PHE A 610 -39.22 22.39 47.15
N VAL A 611 -40.05 23.18 46.48
CA VAL A 611 -39.79 24.61 46.41
C VAL A 611 -40.09 25.27 47.76
N GLN A 612 -41.16 24.81 48.41
CA GLN A 612 -41.49 25.25 49.75
C GLN A 612 -40.36 24.88 50.71
N SER A 613 -39.94 23.62 50.68
CA SER A 613 -38.90 23.14 51.57
C SER A 613 -37.62 23.97 51.40
N LEU A 614 -37.23 24.26 50.16
CA LEU A 614 -36.02 25.03 49.93
C LEU A 614 -36.16 26.44 50.48
N SER A 615 -37.28 27.11 50.17
CA SER A 615 -37.46 28.49 50.61
C SER A 615 -37.44 28.57 52.14
N GLN A 616 -38.08 27.62 52.81
CA GLN A 616 -38.11 27.60 54.27
C GLN A 616 -36.75 27.25 54.86
N THR A 617 -36.05 26.28 54.27
CA THR A 617 -34.79 25.81 54.82
C THR A 617 -33.71 26.88 54.73
N MET A 618 -33.62 27.56 53.59
CA MET A 618 -32.52 28.50 53.39
C MET A 618 -32.88 29.93 53.80
N GLY A 619 -34.14 30.19 54.13
CA GLY A 619 -34.62 31.45 54.68
C GLY A 619 -34.91 32.58 53.72
N PHE A 620 -35.81 32.33 52.79
CA PHE A 620 -36.35 33.29 51.83
C PHE A 620 -37.82 32.96 51.59
N PRO A 621 -38.61 33.96 51.21
CA PRO A 621 -39.98 33.67 50.74
C PRO A 621 -39.98 32.95 49.41
N GLN A 622 -40.96 32.05 49.27
CA GLN A 622 -41.05 31.18 48.10
C GLN A 622 -41.24 31.96 46.81
N ASP A 623 -41.76 33.18 46.90
CA ASP A 623 -41.96 34.02 45.73
C ASP A 623 -40.77 34.92 45.46
N GLN A 624 -39.69 34.76 46.23
CA GLN A 624 -38.46 35.53 46.07
C GLN A 624 -37.35 34.70 45.43
N ILE A 625 -37.62 33.42 45.13
CA ILE A 625 -36.67 32.53 44.49
C ILE A 625 -37.23 31.99 43.18
N ARG A 626 -36.32 31.69 42.26
CA ARG A 626 -36.64 31.04 41.00
C ARG A 626 -35.72 29.84 40.83
N LEU A 627 -36.30 28.76 40.31
CA LEU A 627 -35.62 27.48 40.11
C LEU A 627 -35.27 27.32 38.64
N TRP A 628 -33.98 27.10 38.35
CA TRP A 628 -33.49 26.87 36.99
C TRP A 628 -32.79 25.53 36.84
N PRO A 629 -33.54 24.47 36.52
CA PRO A 629 -32.95 23.13 36.40
C PRO A 629 -31.75 23.16 35.45
N MET A 630 -30.64 22.57 35.88
CA MET A 630 -29.43 22.49 35.06
C MET A 630 -29.53 21.41 33.95
N GLN A 631 -29.58 21.79 32.65
CA GLN A 631 -29.81 20.88 31.52
C GLN A 631 -28.69 20.89 30.49
N ALA A 632 -28.34 19.70 30.00
CA ALA A 632 -27.27 19.52 29.03
C ALA A 632 -27.83 19.73 27.62
N ARG A 633 -27.03 20.37 26.77
CA ARG A 633 -27.43 20.64 25.41
C ARG A 633 -26.69 19.74 24.42
N SER A 634 -27.19 19.76 23.17
CA SER A 634 -26.65 18.90 22.13
C SER A 634 -25.18 19.20 21.84
N ASN A 635 -24.81 20.49 21.91
CA ASN A 635 -23.45 20.92 21.61
C ASN A 635 -22.43 20.49 22.66
N GLY A 636 -22.87 19.97 23.80
CA GLY A 636 -21.99 19.50 24.86
C GLY A 636 -21.91 20.44 26.04
N THR A 637 -22.58 21.59 25.96
CA THR A 637 -22.64 22.57 27.03
C THR A 637 -23.65 22.09 28.08
N LYS A 638 -23.65 22.75 29.24
CA LYS A 638 -24.61 22.41 30.29
C LYS A 638 -25.08 23.77 30.82
N ARG A 639 -26.33 24.13 30.49
CA ARG A 639 -26.90 25.43 30.81
C ARG A 639 -28.25 25.37 31.50
N PRO A 640 -28.60 26.40 32.27
CA PRO A 640 -29.95 26.48 32.86
C PRO A 640 -31.06 26.55 31.81
N ALA A 641 -32.12 25.78 32.05
CA ALA A 641 -33.33 25.72 31.22
C ALA A 641 -34.53 26.18 32.03
N MET A 642 -35.66 26.37 31.35
CA MET A 642 -36.89 26.87 31.96
C MET A 642 -37.70 25.78 32.63
N LEU A 643 -38.21 26.14 33.81
CA LEU A 643 -39.12 25.33 34.60
C LEU A 643 -40.24 26.27 35.02
N ASP A 644 -41.48 25.86 34.81
CA ASP A 644 -42.63 26.68 35.21
C ASP A 644 -43.08 26.26 36.60
N ASN A 645 -42.88 27.15 37.57
CA ASN A 645 -43.20 26.81 38.95
C ASN A 645 -44.69 26.56 39.15
N GLU A 646 -45.54 27.32 38.47
CA GLU A 646 -46.98 27.11 38.62
C GLU A 646 -47.47 25.90 37.84
N ALA A 647 -47.35 25.94 36.51
CA ALA A 647 -47.88 24.87 35.67
C ALA A 647 -47.31 23.50 36.04
N ASP A 648 -46.00 23.42 36.21
CA ASP A 648 -45.32 22.15 36.43
C ASP A 648 -45.09 21.87 37.92
N GLY A 649 -45.58 22.73 38.81
CA GLY A 649 -45.30 22.59 40.23
C GLY A 649 -45.75 21.29 40.85
N ASN A 650 -46.72 20.59 40.26
CA ASN A 650 -47.22 19.37 40.87
C ASN A 650 -46.60 18.09 40.32
N LYS A 651 -45.67 18.17 39.37
CA LYS A 651 -45.10 16.94 38.83
C LYS A 651 -43.91 16.50 39.67
N THR A 652 -43.76 15.19 39.83
CA THR A 652 -42.62 14.63 40.54
C THR A 652 -41.29 14.96 39.85
N MET A 653 -40.25 15.12 40.67
CA MET A 653 -38.92 15.44 40.15
C MET A 653 -38.34 14.29 39.31
N ILE A 654 -38.76 13.05 39.59
CA ILE A 654 -38.18 11.91 38.89
C ILE A 654 -38.71 11.82 37.47
N GLU A 655 -39.91 12.35 37.22
CA GLU A 655 -40.45 12.35 35.88
C GLU A 655 -39.98 13.57 35.11
N LEU A 656 -39.71 14.66 35.82
CA LEU A 656 -39.18 15.89 35.25
C LEU A 656 -37.72 15.76 34.84
N SER A 657 -36.92 14.99 35.58
CA SER A 657 -35.52 14.82 35.21
C SER A 657 -35.31 13.87 34.05
N ASP A 658 -36.31 13.07 33.67
CA ASP A 658 -36.17 12.06 32.63
C ASP A 658 -35.07 11.07 33.00
N ASN A 659 -35.17 10.57 34.24
CA ASN A 659 -34.27 9.55 34.78
C ASN A 659 -32.85 10.12 34.90
N GLU A 660 -32.74 11.22 35.65
CA GLU A 660 -31.45 11.80 35.97
C GLU A 660 -31.30 11.89 37.48
N ASN A 661 -30.06 11.76 37.97
CA ASN A 661 -29.72 11.82 39.38
C ASN A 661 -28.22 11.72 39.54
N PRO A 662 -27.55 12.62 40.29
CA PRO A 662 -28.02 13.85 40.96
C PRO A 662 -28.57 14.90 40.01
N TRP A 663 -29.49 15.76 40.47
CA TRP A 663 -30.09 16.77 39.60
C TRP A 663 -29.68 18.14 40.12
N THR A 664 -28.87 18.85 39.34
CA THR A 664 -28.36 20.13 39.78
C THR A 664 -29.31 21.22 39.31
N ILE A 665 -29.60 22.18 40.19
CA ILE A 665 -30.49 23.29 39.83
C ILE A 665 -29.86 24.60 40.29
N PHE A 666 -29.84 25.60 39.41
CA PHE A 666 -29.44 26.93 39.82
C PHE A 666 -30.60 27.60 40.55
N LEU A 667 -30.31 28.17 41.72
CA LEU A 667 -31.30 28.89 42.51
C LEU A 667 -31.03 30.39 42.38
N GLU A 668 -31.93 31.10 41.72
CA GLU A 668 -31.80 32.54 41.54
C GLU A 668 -32.62 33.25 42.60
N THR A 669 -31.95 34.03 43.45
CA THR A 669 -32.59 34.82 44.49
C THR A 669 -32.23 36.28 44.34
N VAL A 670 -32.97 37.11 45.08
CA VAL A 670 -32.67 38.53 45.17
C VAL A 670 -31.57 38.73 46.20
N ASP A 671 -30.66 39.65 45.90
CA ASP A 671 -29.57 40.02 46.80
C ASP A 671 -30.14 40.49 48.14
N PRO A 672 -29.85 39.79 49.25
CA PRO A 672 -30.43 40.20 50.54
C PRO A 672 -30.13 41.65 50.92
N GLU A 673 -29.04 42.21 50.40
CA GLU A 673 -28.72 43.61 50.70
C GLU A 673 -29.50 44.54 49.78
N LEU A 674 -30.02 44.02 48.68
CA LEU A 674 -30.88 44.79 47.80
C LEU A 674 -32.33 44.40 48.01
N ALA A 675 -32.59 43.41 48.88
CA ALA A 675 -33.93 42.95 49.20
C ALA A 675 -34.38 43.56 50.52
N ALA A 676 -33.44 43.85 51.41
CA ALA A 676 -33.75 44.56 52.65
C ALA A 676 -34.23 45.98 52.37
N SER A 677 -33.85 46.54 51.22
CA SER A 677 -34.28 47.86 50.77
C SER A 677 -35.65 47.83 50.11
N GLY A 678 -36.26 46.66 49.95
CA GLY A 678 -37.63 46.54 49.49
C GLY A 678 -37.78 45.94 48.11
N ALA A 679 -36.69 45.74 47.37
CA ALA A 679 -36.81 45.19 46.03
C ALA A 679 -37.20 43.72 46.12
N THR A 680 -37.86 43.24 45.07
CA THR A 680 -38.32 41.85 45.04
C THR A 680 -37.88 41.20 43.74
N LEU A 681 -38.32 39.95 43.55
CA LEU A 681 -37.92 39.18 42.39
C LEU A 681 -38.70 39.65 41.16
N PRO A 682 -38.03 40.15 40.13
CA PRO A 682 -38.74 40.62 38.94
C PRO A 682 -39.56 39.50 38.32
N LYS A 683 -40.62 39.90 37.62
CA LYS A 683 -41.44 38.91 36.94
C LYS A 683 -40.76 38.47 35.65
N PHE A 684 -41.07 37.25 35.22
CA PHE A 684 -40.46 36.68 34.03
C PHE A 684 -41.51 36.04 33.14
N ASP A 685 -41.61 36.54 31.91
CA ASP A 685 -42.54 36.02 30.92
C ASP A 685 -41.81 34.95 30.09
N LYS A 686 -42.26 33.71 30.22
CA LYS A 686 -41.53 32.59 29.61
C LYS A 686 -41.46 32.73 28.09
N ASP A 687 -42.48 33.29 27.47
CA ASP A 687 -42.55 33.38 26.02
C ASP A 687 -41.74 34.56 25.47
N HIS A 688 -41.69 35.67 26.19
CA HIS A 688 -41.10 36.90 25.66
C HIS A 688 -39.84 37.36 26.40
N ASP A 689 -39.54 36.80 27.56
CA ASP A 689 -38.33 37.17 28.28
C ASP A 689 -37.25 36.09 28.11
N VAL A 690 -36.02 36.46 28.46
CA VAL A 690 -34.89 35.55 28.39
C VAL A 690 -33.88 35.91 29.48
N MET A 691 -33.11 34.92 29.92
CA MET A 691 -32.07 35.09 30.93
C MET A 691 -30.70 35.05 30.25
N LEU A 692 -30.04 36.20 30.22
CA LEU A 692 -28.71 36.32 29.63
C LEU A 692 -27.66 36.28 30.73
N PHE A 693 -26.52 35.64 30.44
CA PHE A 693 -25.39 35.66 31.35
C PHE A 693 -24.31 36.56 30.79
N LEU A 694 -23.68 37.36 31.65
CA LEU A 694 -22.73 38.36 31.21
C LEU A 694 -21.37 38.09 31.82
N LYS A 695 -20.34 38.01 30.97
CA LYS A 695 -18.96 37.86 31.41
C LYS A 695 -18.13 39.03 30.91
N MET A 696 -17.12 39.42 31.68
CA MET A 696 -16.19 40.46 31.27
C MET A 696 -14.79 39.88 31.10
N TYR A 697 -14.22 40.05 29.92
CA TYR A 697 -12.87 39.59 29.63
C TYR A 697 -11.91 40.76 29.83
N ASP A 698 -10.89 40.57 30.66
CA ASP A 698 -9.85 41.57 30.80
C ASP A 698 -8.60 41.10 30.08
N PRO A 699 -8.26 41.70 28.94
CA PRO A 699 -7.03 41.32 28.22
C PRO A 699 -5.77 41.55 29.03
N LYS A 700 -5.72 42.63 29.82
CA LYS A 700 -4.51 42.94 30.56
C LYS A 700 -4.20 41.82 31.55
N THR A 701 -5.20 41.40 32.33
CA THR A 701 -4.99 40.30 33.25
C THR A 701 -5.31 38.96 32.60
N ARG A 702 -5.87 38.96 31.39
CA ARG A 702 -6.28 37.74 30.71
C ARG A 702 -7.19 36.91 31.60
N SER A 703 -8.31 37.52 32.02
CA SER A 703 -9.17 36.82 32.95
C SER A 703 -10.64 37.14 32.73
N LEU A 704 -11.49 36.29 33.27
CA LEU A 704 -12.93 36.44 33.21
C LEU A 704 -13.46 36.95 34.55
N ASN A 705 -14.43 37.85 34.47
CA ASN A 705 -15.12 38.38 35.64
C ASN A 705 -16.60 38.14 35.47
N TYR A 706 -17.19 37.34 36.35
CA TYR A 706 -18.61 37.05 36.27
C TYR A 706 -19.38 38.33 36.54
N CYS A 707 -20.25 38.70 35.61
CA CYS A 707 -21.04 39.92 35.71
C CYS A 707 -22.52 39.61 35.83
N GLY A 708 -22.85 38.54 36.54
CA GLY A 708 -24.23 38.21 36.84
C GLY A 708 -25.04 37.89 35.59
N HIS A 709 -26.35 37.87 35.82
CA HIS A 709 -27.32 37.56 34.79
C HIS A 709 -28.33 38.70 34.68
N ILE A 710 -29.13 38.67 33.63
CA ILE A 710 -30.17 39.68 33.44
C ILE A 710 -31.41 39.06 32.82
N TYR A 711 -32.57 39.59 33.21
CA TYR A 711 -33.82 39.34 32.51
C TYR A 711 -33.97 40.38 31.41
N THR A 712 -34.28 39.94 30.19
CA THR A 712 -34.47 40.91 29.13
C THR A 712 -35.46 40.39 28.11
N PRO A 713 -36.34 41.25 27.57
CA PRO A 713 -37.22 40.81 26.50
C PRO A 713 -36.43 40.34 25.30
N ILE A 714 -36.92 39.28 24.66
CA ILE A 714 -36.26 38.76 23.47
C ILE A 714 -36.13 39.85 22.40
N SER A 715 -37.16 40.68 22.26
CA SER A 715 -37.16 41.69 21.20
C SER A 715 -36.31 42.91 21.54
N CYS A 716 -35.80 43.02 22.76
CA CYS A 716 -34.97 44.16 23.13
C CYS A 716 -33.70 44.22 22.29
N LYS A 717 -33.25 45.44 22.01
CA LYS A 717 -32.05 45.68 21.23
C LYS A 717 -30.82 45.72 22.12
N ILE A 718 -29.71 45.16 21.62
CA ILE A 718 -28.43 45.14 22.34
C ILE A 718 -28.02 46.54 22.81
N ARG A 719 -28.21 47.54 21.94
CA ARG A 719 -27.82 48.89 22.30
C ARG A 719 -28.49 49.36 23.57
N ASP A 720 -29.66 48.82 23.92
CA ASP A 720 -30.24 49.32 25.15
C ASP A 720 -29.64 48.62 26.35
N LEU A 721 -28.95 47.50 26.13
CA LEU A 721 -28.29 46.78 27.19
C LEU A 721 -26.87 47.26 27.38
N LEU A 722 -26.33 47.99 26.39
CA LEU A 722 -24.94 48.43 26.50
C LEU A 722 -24.69 49.31 27.72
N PRO A 723 -25.51 50.33 28.04
CA PRO A 723 -25.21 51.13 29.24
C PRO A 723 -25.25 50.30 30.51
N VAL A 724 -26.23 49.39 30.59
CA VAL A 724 -26.34 48.47 31.71
C VAL A 724 -25.06 47.65 31.84
N MET A 725 -24.66 46.99 30.76
CA MET A 725 -23.43 46.19 30.74
C MET A 725 -22.22 47.01 31.18
N CYS A 726 -22.15 48.26 30.73
CA CYS A 726 -21.03 49.14 31.08
C CYS A 726 -21.01 49.40 32.57
N ASP A 727 -22.13 49.84 33.13
CA ASP A 727 -22.12 50.23 34.53
C ASP A 727 -22.22 49.03 35.45
N ARG A 728 -22.55 47.86 34.90
CA ARG A 728 -22.62 46.62 35.63
C ARG A 728 -21.24 45.99 35.74
N ALA A 729 -20.32 46.44 34.89
CA ALA A 729 -18.95 45.94 34.87
C ALA A 729 -17.98 46.97 35.43
N GLY A 730 -18.49 48.14 35.78
CA GLY A 730 -17.74 49.26 36.32
C GLY A 730 -17.06 50.13 35.29
N PHE A 731 -17.58 50.13 34.06
CA PHE A 731 -17.05 50.94 32.98
C PHE A 731 -17.70 52.32 32.97
N ILE A 732 -16.90 53.33 32.60
CA ILE A 732 -17.47 54.64 32.36
C ILE A 732 -18.52 54.48 31.26
N GLN A 733 -19.64 55.19 31.40
CA GLN A 733 -20.74 55.03 30.47
C GLN A 733 -20.38 55.51 29.06
N ASP A 734 -21.10 54.96 28.08
CA ASP A 734 -20.85 55.18 26.65
C ASP A 734 -19.45 54.73 26.25
N THR A 735 -18.94 53.68 26.88
CA THR A 735 -17.69 53.06 26.47
C THR A 735 -17.92 52.06 25.34
N SER A 736 -17.12 52.19 24.28
CA SER A 736 -17.25 51.28 23.14
C SER A 736 -16.83 49.88 23.58
N LEU A 737 -17.66 48.89 23.28
CA LEU A 737 -17.44 47.53 23.73
C LEU A 737 -17.42 46.58 22.55
N ILE A 738 -16.52 45.60 22.60
CA ILE A 738 -16.50 44.50 21.65
C ILE A 738 -17.26 43.35 22.30
N LEU A 739 -18.29 42.87 21.61
CA LEU A 739 -19.19 41.86 22.12
C LEU A 739 -19.00 40.53 21.37
N TYR A 740 -18.95 39.41 22.10
CA TYR A 740 -18.92 38.08 21.51
C TYR A 740 -19.98 37.20 22.14
N GLU A 741 -20.38 36.14 21.43
CA GLU A 741 -21.13 35.03 22.00
C GLU A 741 -20.23 33.80 22.12
N GLU A 742 -20.16 33.22 23.32
CA GLU A 742 -19.47 31.95 23.53
C GLU A 742 -20.41 30.78 23.19
N VAL A 743 -20.36 30.30 21.95
CA VAL A 743 -21.33 29.27 21.57
C VAL A 743 -20.99 27.94 22.26
N LYS A 744 -19.72 27.58 22.27
CA LYS A 744 -19.22 26.35 22.88
C LYS A 744 -17.70 26.48 22.92
N PRO A 745 -16.99 25.57 23.59
CA PRO A 745 -15.52 25.57 23.48
C PRO A 745 -15.07 25.57 22.03
N ASN A 746 -14.09 26.41 21.73
CA ASN A 746 -13.53 26.60 20.39
C ASN A 746 -14.51 27.25 19.42
N LEU A 747 -15.60 27.84 19.90
CA LEU A 747 -16.50 28.59 19.02
C LEU A 747 -16.95 29.88 19.71
N THR A 748 -16.24 30.97 19.42
CA THR A 748 -16.55 32.30 19.93
C THR A 748 -16.86 33.22 18.75
N GLU A 749 -18.12 33.65 18.64
CA GLU A 749 -18.59 34.37 17.46
C GLU A 749 -18.84 35.84 17.78
N ARG A 750 -18.14 36.72 17.07
CA ARG A 750 -18.24 38.17 17.29
C ARG A 750 -19.63 38.66 16.88
N ILE A 751 -20.17 39.61 17.65
CA ILE A 751 -21.46 40.22 17.32
C ILE A 751 -21.18 41.49 16.52
N GLN A 752 -21.50 41.43 15.22
CA GLN A 752 -21.21 42.52 14.28
C GLN A 752 -22.22 43.66 14.29
N ASP A 753 -23.50 43.38 14.55
CA ASP A 753 -24.55 44.40 14.50
C ASP A 753 -25.15 44.61 15.88
N TYR A 754 -25.01 45.84 16.40
CA TYR A 754 -25.54 46.15 17.71
C TYR A 754 -26.98 46.66 17.65
N ASP A 755 -27.49 46.92 16.44
CA ASP A 755 -28.83 47.46 16.24
C ASP A 755 -29.91 46.41 16.04
N VAL A 756 -29.57 45.13 16.16
CA VAL A 756 -30.56 44.08 15.96
C VAL A 756 -30.97 43.48 17.30
N SER A 757 -32.22 43.01 17.35
CA SER A 757 -32.76 42.40 18.55
C SER A 757 -31.99 41.12 18.90
N LEU A 758 -32.17 40.68 20.15
CA LEU A 758 -31.51 39.46 20.60
C LEU A 758 -31.90 38.26 19.75
N ASP A 759 -33.17 38.16 19.37
CA ASP A 759 -33.62 37.05 18.54
C ASP A 759 -32.80 36.96 17.25
N LYS A 760 -32.66 38.09 16.56
CA LYS A 760 -31.93 38.10 15.30
C LYS A 760 -30.43 37.92 15.53
N ALA A 761 -29.90 38.57 16.58
CA ALA A 761 -28.46 38.56 16.83
C ALA A 761 -27.95 37.17 17.19
N LEU A 762 -28.74 36.37 17.91
CA LEU A 762 -28.28 35.08 18.40
C LEU A 762 -29.12 33.96 17.79
N ASP A 763 -28.49 33.19 16.90
CA ASP A 763 -29.12 32.02 16.31
C ASP A 763 -29.42 30.96 17.37
N GLU A 764 -30.63 30.40 17.31
CA GLU A 764 -31.08 29.41 18.28
C GLU A 764 -30.87 29.92 19.71
N LEU A 765 -31.55 31.02 20.01
CA LEU A 765 -31.42 31.67 21.30
C LEU A 765 -32.14 30.96 22.44
N MET A 766 -31.39 30.61 23.50
CA MET A 766 -31.96 29.93 24.66
C MET A 766 -31.48 30.65 25.90
N ASP A 767 -32.12 30.34 27.02
CA ASP A 767 -31.66 30.76 28.33
C ASP A 767 -30.39 30.03 28.74
N GLY A 768 -29.46 30.78 29.30
CA GLY A 768 -28.18 30.26 29.73
C GLY A 768 -27.06 30.52 28.75
N ASP A 769 -27.35 31.17 27.63
CA ASP A 769 -26.31 31.52 26.68
C ASP A 769 -25.43 32.60 27.30
N ILE A 770 -24.18 32.66 26.89
CA ILE A 770 -23.23 33.57 27.51
C ILE A 770 -22.65 34.51 26.45
N ILE A 771 -22.78 35.80 26.72
CA ILE A 771 -22.18 36.86 25.94
C ILE A 771 -21.03 37.45 26.73
N VAL A 772 -19.84 37.41 26.15
CA VAL A 772 -18.62 37.99 26.71
C VAL A 772 -18.39 39.36 26.08
N PHE A 773 -17.94 40.32 26.88
CA PHE A 773 -17.67 41.65 26.35
C PHE A 773 -16.38 42.21 26.92
N GLN A 774 -15.75 43.08 26.15
CA GLN A 774 -14.51 43.72 26.58
C GLN A 774 -14.50 45.16 26.08
N LYS A 775 -13.62 45.97 26.67
CA LYS A 775 -13.44 47.33 26.19
C LYS A 775 -12.93 47.33 24.76
N ASP A 776 -13.39 48.29 23.97
CA ASP A 776 -12.78 48.59 22.67
C ASP A 776 -11.72 49.64 22.93
N ASP A 777 -10.45 49.21 22.96
CA ASP A 777 -9.36 50.05 23.39
C ASP A 777 -8.07 49.60 22.71
N PRO A 778 -7.34 50.52 22.08
CA PRO A 778 -6.07 50.13 21.43
C PRO A 778 -5.13 49.38 22.35
N GLU A 779 -5.13 49.70 23.65
CA GLU A 779 -4.27 49.01 24.60
C GLU A 779 -4.44 47.50 24.56
N ASN A 780 -5.62 47.01 24.17
CA ASN A 780 -5.84 45.56 24.10
C ASN A 780 -4.85 44.89 23.16
N ASP A 781 -4.30 45.63 22.19
CA ASP A 781 -3.37 45.04 21.24
C ASP A 781 -1.99 44.82 21.84
N ASN A 782 -1.77 45.23 23.09
CA ASN A 782 -0.51 44.94 23.76
C ASN A 782 -0.57 43.62 24.51
N SER A 783 -1.77 43.14 24.81
CA SER A 783 -1.97 41.86 25.45
C SER A 783 -1.71 40.74 24.45
N GLU A 784 -1.23 39.61 24.96
CA GLU A 784 -0.99 38.46 24.09
C GLU A 784 -2.28 37.77 23.68
N LEU A 785 -3.39 38.05 24.37
CA LEU A 785 -4.72 37.58 24.00
C LEU A 785 -5.64 38.80 24.00
N PRO A 786 -5.58 39.64 22.96
CA PRO A 786 -6.35 40.89 22.97
C PRO A 786 -7.85 40.70 23.13
N THR A 787 -8.41 39.61 22.63
CA THR A 787 -9.85 39.37 22.66
C THR A 787 -10.12 38.01 23.30
N ALA A 788 -11.37 37.85 23.72
CA ALA A 788 -11.82 36.61 24.36
C ALA A 788 -11.74 35.41 23.42
N LYS A 789 -11.85 35.61 22.11
CA LYS A 789 -11.74 34.49 21.17
C LYS A 789 -10.41 33.75 21.29
N GLU A 790 -9.28 34.47 21.18
CA GLU A 790 -7.99 33.78 21.32
C GLU A 790 -7.79 33.24 22.72
N TYR A 791 -8.36 33.90 23.74
CA TYR A 791 -8.27 33.40 25.11
C TYR A 791 -8.95 32.04 25.21
N PHE A 792 -10.19 31.94 24.74
CA PHE A 792 -10.92 30.68 24.82
C PHE A 792 -10.29 29.62 23.92
N ARG A 793 -9.63 30.06 22.85
CA ARG A 793 -8.91 29.11 21.99
C ARG A 793 -7.72 28.51 22.73
N ASP A 794 -6.85 29.37 23.27
CA ASP A 794 -5.70 28.90 24.02
C ASP A 794 -6.13 28.04 25.20
N LEU A 795 -7.28 28.37 25.80
CA LEU A 795 -7.78 27.54 26.89
C LEU A 795 -8.20 26.17 26.37
N TYR A 796 -8.81 26.13 25.20
CA TYR A 796 -9.25 24.87 24.61
C TYR A 796 -8.08 23.92 24.34
N HIS A 797 -6.89 24.45 24.03
CA HIS A 797 -5.77 23.59 23.67
C HIS A 797 -4.76 23.38 24.80
N ARG A 798 -4.97 23.96 25.97
CA ARG A 798 -4.03 23.78 27.07
C ARG A 798 -4.21 22.40 27.69
N VAL A 799 -3.09 21.77 28.05
CA VAL A 799 -3.07 20.43 28.64
C VAL A 799 -1.84 20.32 29.54
N ASP A 800 -2.01 19.64 30.67
CA ASP A 800 -0.93 19.46 31.64
C ASP A 800 -0.29 18.09 31.46
N VAL A 801 0.99 18.07 31.06
CA VAL A 801 1.73 16.85 30.78
C VAL A 801 2.72 16.62 31.92
N ILE A 802 2.77 15.38 32.41
CA ILE A 802 3.69 14.95 33.45
C ILE A 802 4.90 14.24 32.83
N PHE A 803 6.06 14.91 32.90
CA PHE A 803 7.33 14.42 32.40
C PHE A 803 8.10 13.63 33.46
N CYS A 804 8.57 12.44 33.07
CA CYS A 804 9.27 11.53 33.96
C CYS A 804 10.56 11.03 33.34
N ASP A 805 11.61 10.97 34.16
CA ASP A 805 12.90 10.46 33.73
C ASP A 805 12.93 8.93 33.79
N LYS A 806 13.23 8.31 32.65
CA LYS A 806 13.19 6.85 32.55
C LYS A 806 14.31 6.18 33.34
N THR A 807 15.39 6.90 33.66
CA THR A 807 16.46 6.30 34.43
C THR A 807 16.06 6.15 35.89
N ILE A 808 15.44 7.17 36.46
CA ILE A 808 15.01 7.13 37.85
C ILE A 808 13.85 6.15 37.95
N PRO A 809 13.97 5.09 38.76
CA PRO A 809 12.86 4.14 38.90
C PRO A 809 11.66 4.80 39.59
N ASN A 810 10.48 4.61 38.99
CA ASN A 810 9.21 5.13 39.52
C ASN A 810 9.28 6.63 39.82
N ASP A 811 10.04 7.36 39.00
CA ASP A 811 10.13 8.82 39.12
C ASP A 811 8.76 9.45 38.91
N PRO A 812 8.20 10.14 39.91
CA PRO A 812 6.89 10.78 39.70
C PRO A 812 6.89 11.89 38.67
N GLY A 813 8.04 12.47 38.33
CA GLY A 813 8.09 13.50 37.30
C GLY A 813 7.47 14.81 37.74
N PHE A 814 7.60 15.81 36.87
CA PHE A 814 7.05 17.14 37.09
C PHE A 814 6.09 17.50 35.96
N VAL A 815 5.06 18.29 36.30
CA VAL A 815 3.98 18.63 35.39
C VAL A 815 4.17 20.03 34.79
N VAL A 816 4.14 20.11 33.47
CA VAL A 816 4.22 21.37 32.74
C VAL A 816 2.97 21.51 31.88
N THR A 817 2.39 22.70 31.88
CA THR A 817 1.22 23.04 31.07
C THR A 817 1.59 23.60 29.70
N LEU A 818 1.18 22.90 28.63
CA LEU A 818 1.56 23.28 27.27
C LEU A 818 0.31 23.32 26.40
N SER A 819 0.47 23.59 25.10
CA SER A 819 -0.64 23.63 24.18
C SER A 819 -0.55 22.41 23.27
N ASN A 820 -1.70 21.85 22.88
CA ASN A 820 -1.66 20.72 21.96
C ASN A 820 -1.03 21.12 20.63
N ARG A 821 -1.19 22.37 20.22
CA ARG A 821 -0.77 22.85 18.90
C ARG A 821 0.72 23.16 18.89
N MET A 822 1.52 22.19 19.34
CA MET A 822 2.94 22.45 19.56
C MET A 822 3.77 21.39 18.86
N ASN A 823 4.88 21.81 18.23
CA ASN A 823 5.77 20.86 17.60
C ASN A 823 6.84 20.38 18.58
N TYR A 824 7.80 19.61 18.06
CA TYR A 824 8.86 19.04 18.88
C TYR A 824 9.79 20.11 19.47
N PHE A 825 10.19 21.08 18.64
CA PHE A 825 11.13 22.11 19.09
C PHE A 825 10.63 22.85 20.32
N GLN A 826 9.37 23.28 20.31
CA GLN A 826 8.84 24.05 21.44
C GLN A 826 8.76 23.19 22.70
N VAL A 827 8.28 21.95 22.57
CA VAL A 827 8.22 21.07 23.74
C VAL A 827 9.62 20.88 24.32
N ALA A 828 10.58 20.50 23.47
CA ALA A 828 11.95 20.31 23.93
C ALA A 828 12.53 21.56 24.61
N LYS A 829 12.33 22.75 24.01
CA LYS A 829 12.81 23.98 24.64
C LYS A 829 12.18 24.15 26.01
N THR A 830 10.85 24.00 26.11
CA THR A 830 10.16 24.17 27.38
C THR A 830 10.74 23.23 28.44
N VAL A 831 10.77 21.93 28.14
CA VAL A 831 11.30 20.97 29.10
C VAL A 831 12.73 21.30 29.49
N ALA A 832 13.56 21.68 28.51
CA ALA A 832 14.94 22.08 28.82
C ALA A 832 14.98 23.28 29.75
N GLN A 833 14.03 24.21 29.60
CA GLN A 833 13.98 25.36 30.49
C GLN A 833 13.63 24.90 31.91
N ARG A 834 12.59 24.08 32.04
CA ARG A 834 12.18 23.63 33.36
C ARG A 834 13.18 22.64 33.95
N LEU A 835 14.16 22.19 33.17
CA LEU A 835 15.20 21.28 33.64
C LEU A 835 16.58 21.92 33.70
N ASN A 836 16.72 23.18 33.27
CA ASN A 836 17.99 23.89 33.30
C ASN A 836 19.07 23.16 32.49
N THR A 837 18.72 22.76 31.26
CA THR A 837 19.66 22.08 30.39
C THR A 837 19.48 22.55 28.95
N ASP A 838 20.43 22.17 28.11
CA ASP A 838 20.35 22.45 26.67
C ASP A 838 19.34 21.51 26.01
N PRO A 839 18.38 22.05 25.24
CA PRO A 839 17.39 21.17 24.59
C PRO A 839 17.99 19.99 23.83
N MET A 840 19.16 20.17 23.22
CA MET A 840 19.80 19.08 22.48
C MET A 840 20.26 17.95 23.39
N LEU A 841 20.43 18.21 24.68
CA LEU A 841 20.84 17.18 25.63
C LEU A 841 19.66 16.46 26.27
N LEU A 842 18.56 16.30 25.55
CA LEU A 842 17.38 15.60 26.02
C LEU A 842 16.86 14.67 24.93
N GLN A 843 16.57 13.42 25.29
CA GLN A 843 15.89 12.52 24.38
C GLN A 843 14.54 12.15 24.98
N PHE A 844 13.50 12.19 24.16
CA PHE A 844 12.14 11.95 24.63
C PHE A 844 11.62 10.60 24.16
N PHE A 845 10.74 10.02 24.97
CA PHE A 845 10.10 8.74 24.65
C PHE A 845 8.60 8.85 24.82
N LYS A 846 7.87 8.51 23.77
CA LYS A 846 6.43 8.38 23.87
C LYS A 846 6.10 7.24 24.83
N SER A 847 4.92 7.33 25.43
CA SER A 847 4.45 6.31 26.35
C SER A 847 3.94 5.08 25.60
N GLN A 848 4.02 3.94 26.26
CA GLN A 848 3.37 2.74 25.76
C GLN A 848 1.87 2.95 25.66
N GLY A 849 1.27 3.45 26.73
CA GLY A 849 -0.08 4.00 26.76
C GLY A 849 -1.21 3.09 27.17
N TYR A 850 -1.14 1.78 26.95
CA TYR A 850 -2.03 0.95 27.74
C TYR A 850 -1.38 0.64 29.08
N ARG A 851 -0.12 0.18 29.05
CA ARG A 851 0.73 0.10 30.22
C ARG A 851 1.42 1.44 30.43
N ASP A 852 1.84 1.69 31.66
CA ASP A 852 2.64 2.86 32.01
C ASP A 852 4.14 2.53 31.94
N GLY A 853 4.83 3.10 30.94
CA GLY A 853 6.23 2.85 30.74
C GLY A 853 6.75 3.39 29.41
N PRO A 854 8.07 3.50 29.28
CA PRO A 854 8.65 4.09 28.07
C PRO A 854 8.43 3.24 26.83
N GLY A 855 7.95 3.89 25.77
CA GLY A 855 7.74 3.24 24.49
C GLY A 855 8.78 3.55 23.42
N ASN A 856 8.28 3.61 22.19
CA ASN A 856 9.08 3.96 21.02
C ASN A 856 9.89 5.24 21.25
N PRO A 857 11.17 5.27 20.94
CA PRO A 857 11.93 6.53 21.04
C PRO A 857 11.50 7.49 19.95
N LEU A 858 11.62 8.78 20.24
CA LEU A 858 11.26 9.82 19.27
C LEU A 858 12.50 10.39 18.62
N ARG A 859 12.48 10.49 17.29
CA ARG A 859 13.55 11.19 16.58
C ARG A 859 13.45 12.70 16.74
N HIS A 860 14.60 13.37 16.61
CA HIS A 860 14.66 14.83 16.70
C HIS A 860 13.88 15.57 15.62
N ASN A 861 13.69 14.97 14.44
CA ASN A 861 13.01 15.63 13.32
C ASN A 861 11.50 15.37 13.26
N TYR A 862 10.93 14.76 14.28
CA TYR A 862 9.52 14.40 14.31
C TYR A 862 8.63 15.62 14.03
N GLU A 863 7.77 15.50 13.01
CA GLU A 863 7.02 16.62 12.45
C GLU A 863 5.59 16.69 13.00
N GLY A 864 5.29 15.82 13.96
CA GLY A 864 3.97 15.73 14.56
C GLY A 864 3.71 16.76 15.65
N THR A 865 2.55 16.71 16.26
CA THR A 865 2.18 17.61 17.35
C THR A 865 2.02 16.86 18.66
N LEU A 866 1.70 17.63 19.71
CA LEU A 866 1.53 17.09 21.04
C LEU A 866 0.35 16.11 21.12
N ARG A 867 -0.72 16.41 20.38
CA ARG A 867 -1.88 15.52 20.38
C ARG A 867 -1.52 14.14 19.86
N ASP A 868 -0.70 14.09 18.82
CA ASP A 868 -0.24 12.80 18.30
C ASP A 868 0.52 12.02 19.37
N LEU A 869 1.31 12.71 20.20
CA LEU A 869 2.10 12.02 21.21
C LEU A 869 1.21 11.51 22.35
N LEU A 870 0.07 12.16 22.58
CA LEU A 870 -0.85 11.85 23.67
C LEU A 870 -2.15 11.21 23.20
N GLN A 871 -2.25 10.85 21.92
CA GLN A 871 -3.53 10.48 21.34
C GLN A 871 -4.09 9.17 21.90
N PHE A 872 -3.23 8.27 22.38
CA PHE A 872 -3.81 7.02 22.86
C PHE A 872 -4.07 7.02 24.36
N PHE A 873 -3.87 8.14 25.04
CA PHE A 873 -4.40 8.33 26.39
C PHE A 873 -5.87 8.73 26.39
N LYS A 874 -6.60 8.24 27.39
CA LYS A 874 -7.97 8.68 27.60
C LYS A 874 -7.94 10.09 28.21
N PRO A 875 -8.98 10.89 27.99
CA PRO A 875 -8.99 12.23 28.61
C PRO A 875 -8.98 12.24 30.13
N ARG A 876 -9.38 11.14 30.79
CA ARG A 876 -9.27 11.09 32.25
C ARG A 876 -7.86 10.78 32.73
N GLN A 877 -7.11 9.93 32.02
CA GLN A 877 -5.80 9.48 32.49
C GLN A 877 -4.79 10.62 32.52
N PRO A 878 -3.88 10.61 33.51
CA PRO A 878 -2.74 11.54 33.47
C PRO A 878 -1.83 11.19 32.29
N LYS A 879 -1.46 12.21 31.55
CA LYS A 879 -0.72 12.08 30.30
C LYS A 879 0.77 12.21 30.59
N LYS A 880 1.47 11.08 30.54
CA LYS A 880 2.87 11.02 30.90
C LYS A 880 3.76 10.98 29.66
N LEU A 881 4.98 11.47 29.82
CA LEU A 881 5.98 11.53 28.76
C LEU A 881 7.35 11.22 29.32
N TYR A 882 8.06 10.27 28.75
CA TYR A 882 9.31 9.87 29.39
C TYR A 882 10.46 10.61 28.71
N TYR A 883 11.60 10.64 29.39
CA TYR A 883 12.74 11.35 28.82
C TYR A 883 14.00 10.94 29.56
N GLN A 884 15.14 11.30 28.98
CA GLN A 884 16.41 11.16 29.67
C GLN A 884 17.36 12.26 29.22
N GLN A 885 18.21 12.70 30.15
CA GLN A 885 19.20 13.72 29.88
C GLN A 885 20.44 13.11 29.25
N LEU A 886 20.98 13.80 28.26
CA LEU A 886 22.08 13.29 27.46
C LEU A 886 23.37 14.03 27.74
N LYS A 887 24.47 13.33 27.50
CA LYS A 887 25.84 13.84 27.62
C LYS A 887 26.35 14.40 26.29
N MET A 888 25.59 14.20 25.21
CA MET A 888 25.95 14.65 23.88
C MET A 888 24.71 15.16 23.13
N LYS A 889 24.97 16.04 22.15
CA LYS A 889 23.90 16.68 21.40
C LYS A 889 23.06 15.69 20.60
N ILE A 890 21.74 15.92 20.63
CA ILE A 890 20.77 14.91 20.19
C ILE A 890 21.03 14.44 18.76
N THR A 891 21.56 15.32 17.90
CA THR A 891 21.85 14.88 16.53
C THR A 891 22.98 13.85 16.48
N ASP A 892 24.10 14.16 17.14
CA ASP A 892 25.17 13.18 17.21
C ASP A 892 24.72 11.93 17.93
N PHE A 893 23.84 12.06 18.93
CA PHE A 893 23.38 10.87 19.62
C PHE A 893 22.49 10.02 18.73
N GLU A 894 21.74 10.63 17.80
CA GLU A 894 20.91 9.79 16.94
C GLU A 894 21.72 9.23 15.79
N ASN A 895 22.88 9.83 15.51
CA ASN A 895 23.78 9.37 14.45
C ASN A 895 24.92 8.55 15.01
N ARG A 896 24.76 7.97 16.20
CA ARG A 896 25.81 7.12 16.73
C ARG A 896 25.72 5.70 16.16
N ARG A 897 26.91 5.16 15.92
CA ARG A 897 27.10 3.84 15.35
C ARG A 897 27.58 2.89 16.44
N SER A 898 26.83 1.82 16.66
CA SER A 898 27.25 0.78 17.59
C SER A 898 28.51 0.14 17.02
N PHE A 899 29.64 0.34 17.68
CA PHE A 899 30.94 -0.14 17.20
C PHE A 899 31.55 -1.07 18.24
N LYS A 900 31.45 -2.37 17.97
CA LYS A 900 32.03 -3.40 18.82
C LYS A 900 33.48 -3.63 18.40
N CYS A 901 34.41 -3.53 19.35
CA CYS A 901 35.80 -3.77 19.00
C CYS A 901 36.54 -4.35 20.22
N ILE A 902 37.83 -4.61 20.02
CA ILE A 902 38.67 -5.21 21.05
C ILE A 902 39.72 -4.18 21.47
N TRP A 903 39.86 -3.99 22.78
CA TRP A 903 40.86 -3.11 23.36
C TRP A 903 42.04 -3.93 23.88
N LEU A 904 43.25 -3.55 23.46
CA LEU A 904 44.48 -4.20 23.94
C LEU A 904 45.12 -3.32 25.00
N ASN A 905 45.34 -3.90 26.18
CA ASN A 905 45.83 -3.16 27.34
C ASN A 905 47.34 -3.30 27.46
N SER A 906 47.90 -2.74 28.53
CA SER A 906 49.34 -2.80 28.74
C SER A 906 49.81 -4.23 28.93
N GLN A 907 48.93 -5.13 29.34
CA GLN A 907 49.28 -6.52 29.64
C GLN A 907 49.11 -7.44 28.42
N PHE A 908 48.80 -6.86 27.25
CA PHE A 908 48.61 -7.63 26.01
C PHE A 908 47.44 -8.60 26.14
N ARG A 909 46.33 -8.12 26.71
CA ARG A 909 45.14 -8.94 26.93
C ARG A 909 43.95 -8.25 26.28
N GLU A 910 43.10 -9.06 25.65
CA GLU A 910 41.96 -8.57 24.88
C GLU A 910 40.76 -8.27 25.77
N GLU A 911 40.12 -7.12 25.53
CA GLU A 911 38.88 -6.80 26.21
C GLU A 911 37.83 -6.45 25.16
N GLU A 912 36.58 -6.84 25.43
CA GLU A 912 35.46 -6.52 24.55
C GLU A 912 34.87 -5.16 24.94
N ILE A 913 34.80 -4.22 23.98
CA ILE A 913 34.27 -2.90 24.24
C ILE A 913 33.29 -2.51 23.14
N THR A 914 32.33 -1.65 23.50
CA THR A 914 31.35 -1.13 22.55
C THR A 914 31.29 0.39 22.66
N LEU A 915 31.62 1.07 21.56
CA LEU A 915 31.67 2.53 21.52
C LEU A 915 30.59 3.07 20.60
N TYR A 916 30.20 4.32 20.82
CA TYR A 916 29.12 4.95 20.04
C TYR A 916 29.60 6.26 19.43
N PRO A 917 30.50 6.24 18.45
CA PRO A 917 30.88 7.48 17.77
C PRO A 917 29.81 7.94 16.79
N ASP A 918 29.93 9.22 16.39
CA ASP A 918 29.03 9.75 15.37
C ASP A 918 29.28 9.03 14.04
N LYS A 919 28.20 8.70 13.32
CA LYS A 919 28.38 7.92 12.10
C LYS A 919 29.25 8.63 11.07
N HIS A 920 29.21 9.96 11.01
CA HIS A 920 30.00 10.73 10.05
C HIS A 920 31.32 11.22 10.64
N GLY A 921 32.13 10.29 11.12
CA GLY A 921 33.36 10.74 11.77
C GLY A 921 34.55 9.97 11.23
N CYS A 922 35.75 10.30 11.68
CA CYS A 922 36.93 9.58 11.22
C CYS A 922 37.45 8.64 12.30
N VAL A 923 38.47 7.88 11.93
CA VAL A 923 39.15 6.98 12.88
C VAL A 923 39.67 7.73 14.10
N ARG A 924 40.21 8.94 13.90
CA ARG A 924 40.67 9.77 15.02
C ARG A 924 39.63 9.88 16.12
N ASP A 925 38.36 10.12 15.74
CA ASP A 925 37.34 10.29 16.76
C ASP A 925 37.08 8.98 17.50
N LEU A 926 37.10 7.85 16.78
CA LEU A 926 36.96 6.55 17.44
C LEU A 926 38.08 6.33 18.46
N LEU A 927 39.33 6.52 18.03
CA LEU A 927 40.45 6.37 18.94
C LEU A 927 40.34 7.33 20.13
N GLU A 928 39.78 8.53 19.91
CA GLU A 928 39.65 9.47 21.01
C GLU A 928 38.63 8.97 22.03
N GLU A 929 37.50 8.44 21.56
CA GLU A 929 36.54 7.84 22.47
C GLU A 929 37.18 6.70 23.24
N CYS A 930 37.88 5.81 22.53
CA CYS A 930 38.54 4.68 23.19
C CYS A 930 39.57 5.15 24.21
N LYS A 931 40.25 6.26 23.94
CA LYS A 931 41.21 6.78 24.91
C LYS A 931 40.49 7.32 26.13
N LYS A 932 39.34 7.97 25.93
CA LYS A 932 38.56 8.42 27.09
C LYS A 932 38.01 7.24 27.87
N ALA A 933 37.88 6.08 27.20
CA ALA A 933 37.25 4.89 27.77
C ALA A 933 38.22 3.98 28.50
N VAL A 934 39.51 4.03 28.15
CA VAL A 934 40.49 3.06 28.61
C VAL A 934 41.61 3.75 29.38
N GLU A 935 42.53 2.96 29.92
CA GLU A 935 43.77 3.43 30.50
C GLU A 935 44.95 3.07 29.60
N LEU A 936 45.97 3.93 29.63
CA LEU A 936 47.14 3.78 28.79
C LEU A 936 48.29 3.16 29.60
N GLY A 937 49.44 2.97 28.93
CA GLY A 937 50.57 2.37 29.60
C GLY A 937 51.15 3.24 30.71
N GLU A 938 51.92 2.57 31.58
CA GLU A 938 52.55 3.22 32.72
C GLU A 938 53.33 4.47 32.32
N LYS A 939 54.28 4.31 31.40
CA LYS A 939 54.88 5.41 30.64
C LYS A 939 55.10 5.01 29.19
N ALA A 940 54.10 4.43 28.55
CA ALA A 940 54.22 4.15 27.12
C ALA A 940 54.00 5.42 26.30
N SER A 941 53.87 5.22 24.98
CA SER A 941 53.65 6.32 24.05
C SER A 941 52.44 7.16 24.43
N GLY A 942 51.32 6.52 24.73
CA GLY A 942 50.07 7.21 24.92
C GLY A 942 49.32 7.44 23.63
N LYS A 943 49.78 6.85 22.54
CA LYS A 943 49.15 6.95 21.22
C LYS A 943 48.62 5.57 20.84
N LEU A 944 47.39 5.55 20.33
CA LEU A 944 46.67 4.33 20.00
C LEU A 944 46.62 4.15 18.49
N ARG A 945 46.29 2.93 18.06
CA ARG A 945 46.15 2.68 16.63
C ARG A 945 45.08 1.61 16.44
N LEU A 946 44.54 1.56 15.22
CA LEU A 946 43.41 0.70 14.87
C LEU A 946 43.80 -0.33 13.81
N LEU A 947 43.81 -1.60 14.22
CA LEU A 947 44.12 -2.72 13.36
C LEU A 947 42.80 -3.33 12.89
N GLU A 948 42.82 -3.89 11.68
CA GLU A 948 41.70 -4.68 11.17
C GLU A 948 42.17 -6.10 10.89
N ILE A 949 41.53 -7.05 11.57
CA ILE A 949 41.94 -8.45 11.64
C ILE A 949 40.80 -9.32 11.14
N VAL A 950 41.10 -10.23 10.20
CA VAL A 950 40.13 -11.21 9.73
C VAL A 950 40.82 -12.56 9.67
N SER A 951 40.12 -13.59 10.17
CA SER A 951 40.64 -14.96 10.22
C SER A 951 41.95 -15.03 11.00
N TYR A 952 42.01 -14.30 12.12
CA TYR A 952 43.19 -14.26 12.98
C TYR A 952 44.43 -13.76 12.23
N LYS A 953 44.23 -12.99 11.16
CA LYS A 953 45.32 -12.39 10.41
C LYS A 953 45.07 -10.90 10.34
N ILE A 954 46.12 -10.10 10.53
CA ILE A 954 46.01 -8.66 10.40
C ILE A 954 45.89 -8.31 8.91
N ILE A 955 44.72 -7.82 8.51
CA ILE A 955 44.52 -7.41 7.12
C ILE A 955 44.72 -5.92 6.89
N GLY A 956 44.89 -5.12 7.93
CA GLY A 956 45.27 -3.74 7.67
C GLY A 956 45.41 -2.89 8.91
N VAL A 957 46.02 -1.72 8.71
CA VAL A 957 46.09 -0.66 9.71
C VAL A 957 45.29 0.51 9.15
N HIS A 958 44.39 1.08 9.94
CA HIS A 958 43.58 2.20 9.44
C HIS A 958 44.14 3.54 9.88
N GLN A 959 44.41 4.41 8.90
CA GLN A 959 44.90 5.76 9.13
C GLN A 959 43.81 6.59 9.80
N GLU A 960 44.21 7.46 10.72
CA GLU A 960 43.24 8.09 11.61
C GLU A 960 42.29 9.04 10.89
N ASP A 961 42.54 9.34 9.62
CA ASP A 961 41.66 10.18 8.81
C ASP A 961 40.60 9.39 8.05
N GLU A 962 40.65 8.06 8.06
CA GLU A 962 39.67 7.26 7.33
C GLU A 962 38.25 7.46 7.83
N LEU A 963 37.30 7.39 6.91
CA LEU A 963 35.89 7.61 7.19
C LEU A 963 35.32 6.36 7.87
N LEU A 964 34.43 6.57 8.83
CA LEU A 964 33.85 5.42 9.50
C LEU A 964 32.88 4.64 8.62
N GLU A 965 32.30 5.27 7.59
CA GLU A 965 31.34 4.55 6.76
C GLU A 965 32.00 3.55 5.80
N CYS A 966 33.31 3.63 5.62
CA CYS A 966 33.99 2.70 4.72
C CYS A 966 34.56 1.49 5.45
N LEU A 967 34.22 1.30 6.73
CA LEU A 967 34.76 0.20 7.48
C LEU A 967 34.00 -1.09 7.18
N SER A 968 34.77 -2.15 6.94
CA SER A 968 34.35 -3.51 6.61
C SER A 968 33.15 -3.96 7.44
N PRO A 969 31.92 -3.83 6.93
CA PRO A 969 30.72 -4.25 7.69
C PRO A 969 30.60 -5.75 7.95
N ALA A 970 31.58 -6.57 7.59
CA ALA A 970 31.40 -8.01 7.71
C ALA A 970 31.65 -8.50 9.14
N THR A 971 30.92 -9.55 9.53
CA THR A 971 30.97 -10.04 10.91
C THR A 971 32.32 -10.67 11.23
N SER A 972 33.07 -11.07 10.21
CA SER A 972 34.38 -11.68 10.38
C SER A 972 35.45 -10.64 10.70
N ARG A 973 35.15 -9.38 10.45
CA ARG A 973 36.07 -8.26 10.62
C ARG A 973 36.08 -7.79 12.06
N THR A 974 37.25 -7.87 12.69
CA THR A 974 37.42 -7.47 14.07
C THR A 974 38.39 -6.30 14.10
N PHE A 975 37.94 -5.20 14.71
CA PHE A 975 38.72 -3.99 14.88
C PHE A 975 39.37 -4.00 16.25
N ARG A 976 40.69 -3.89 16.27
CA ARG A 976 41.48 -3.90 17.49
C ARG A 976 42.11 -2.54 17.69
N ILE A 977 42.23 -2.09 18.93
CA ILE A 977 42.94 -0.84 19.19
C ILE A 977 44.09 -1.19 20.11
N GLU A 978 45.30 -0.75 19.75
CA GLU A 978 46.46 -1.10 20.54
C GLU A 978 47.55 -0.03 20.52
N GLU A 979 48.28 0.01 21.65
CA GLU A 979 49.47 0.81 21.88
C GLU A 979 50.65 0.20 21.13
N ILE A 980 51.41 1.01 20.41
CA ILE A 980 52.57 0.45 19.70
C ILE A 980 53.62 0.03 20.72
N PRO A 981 54.08 -1.22 20.70
CA PRO A 981 55.16 -1.64 21.62
C PRO A 981 56.51 -0.95 21.38
N LEU A 982 57.23 -0.78 22.49
CA LEU A 982 58.49 -0.05 22.53
C LEU A 982 59.57 -0.64 21.61
N ASP A 983 59.66 -1.97 21.54
CA ASP A 983 60.71 -2.68 20.81
C ASP A 983 60.44 -2.88 19.31
N GLN A 984 59.58 -2.08 18.70
CA GLN A 984 59.35 -2.20 17.26
C GLN A 984 59.41 -0.89 16.50
N VAL A 985 59.40 0.26 17.20
CA VAL A 985 59.47 1.56 16.57
C VAL A 985 60.72 1.70 15.69
N ASP A 986 61.90 1.79 16.32
CA ASP A 986 63.18 1.83 15.62
C ASP A 986 64.05 0.61 15.88
N ILE A 987 64.28 -0.18 14.84
CA ILE A 987 65.12 -1.38 14.88
C ILE A 987 66.31 -1.15 13.96
N ASP A 988 67.19 -2.16 13.88
CA ASP A 988 68.34 -2.13 12.98
C ASP A 988 67.97 -2.70 11.61
N LYS A 989 67.97 -1.84 10.59
CA LYS A 989 67.35 -2.18 9.31
C LYS A 989 68.10 -3.27 8.56
N GLU A 990 69.44 -3.27 8.58
CA GLU A 990 70.17 -4.32 7.89
C GLU A 990 70.52 -5.50 8.81
N ASN A 991 70.09 -5.45 10.07
CA ASN A 991 70.34 -6.55 10.99
C ASN A 991 69.05 -7.17 11.51
N GLU A 992 68.25 -6.40 12.24
CA GLU A 992 66.98 -6.84 12.81
C GLU A 992 65.84 -6.76 11.79
N MET A 993 65.00 -7.79 11.79
CA MET A 993 63.82 -7.91 10.93
C MET A 993 62.61 -8.34 11.73
N LEU A 994 61.47 -7.71 11.45
CA LEU A 994 60.22 -8.07 12.09
C LEU A 994 59.56 -9.18 11.28
N VAL A 995 59.26 -10.31 11.93
CA VAL A 995 58.67 -11.46 11.26
C VAL A 995 57.28 -11.68 11.85
N THR A 996 56.35 -12.12 11.02
CA THR A 996 55.00 -12.43 11.49
C THR A 996 54.96 -13.87 12.00
N VAL A 997 54.36 -14.06 13.18
CA VAL A 997 54.35 -15.34 13.87
C VAL A 997 52.92 -15.69 14.19
N ALA A 998 52.58 -16.97 14.05
CA ALA A 998 51.23 -17.46 14.30
C ALA A 998 51.33 -18.89 14.80
N HIS A 999 50.25 -19.36 15.40
CA HIS A 999 50.16 -20.73 15.87
C HIS A 999 49.43 -21.60 14.85
N PHE A 1000 49.55 -22.91 15.02
CA PHE A 1000 48.81 -23.90 14.25
C PHE A 1000 49.02 -25.27 14.88
N HIS A 1001 47.95 -26.07 14.89
CA HIS A 1001 47.97 -27.42 15.42
C HIS A 1001 48.04 -28.43 14.27
N LYS A 1002 48.95 -29.39 14.39
CA LYS A 1002 49.22 -30.33 13.29
C LYS A 1002 49.63 -29.60 12.02
N GLU A 1003 48.81 -29.69 10.97
CA GLU A 1003 49.19 -29.07 9.72
C GLU A 1003 49.06 -27.54 9.82
N VAL A 1004 49.49 -26.86 8.74
CA VAL A 1004 49.62 -25.41 8.79
C VAL A 1004 48.35 -24.68 8.38
N PHE A 1005 47.36 -25.39 7.82
CA PHE A 1005 46.09 -24.77 7.47
C PHE A 1005 45.29 -24.35 8.70
N GLY A 1006 45.05 -25.28 9.62
CA GLY A 1006 44.38 -24.97 10.87
C GLY A 1006 45.09 -24.06 11.84
N THR A 1007 45.20 -22.78 11.48
CA THR A 1007 45.90 -21.79 12.29
C THR A 1007 44.97 -21.33 13.43
N PHE A 1008 45.55 -20.73 14.46
CA PHE A 1008 44.78 -20.28 15.62
C PHE A 1008 45.65 -19.31 16.43
N GLY A 1009 45.13 -18.90 17.58
CA GLY A 1009 45.85 -18.06 18.51
C GLY A 1009 45.95 -16.62 18.07
N ILE A 1010 46.70 -15.84 18.85
CA ILE A 1010 46.93 -14.42 18.56
C ILE A 1010 48.26 -14.27 17.84
N PRO A 1011 48.26 -13.94 16.55
CA PRO A 1011 49.52 -13.71 15.83
C PRO A 1011 50.20 -12.46 16.34
N PHE A 1012 51.50 -12.37 16.09
CA PHE A 1012 52.27 -11.24 16.60
C PHE A 1012 53.49 -11.01 15.74
N LEU A 1013 54.11 -9.85 15.92
CA LEU A 1013 55.34 -9.50 15.20
C LEU A 1013 56.51 -9.70 16.16
N LEU A 1014 57.54 -10.40 15.69
CA LEU A 1014 58.68 -10.74 16.54
C LEU A 1014 59.95 -10.25 15.87
N ARG A 1015 60.82 -9.60 16.65
CA ARG A 1015 62.10 -9.16 16.12
C ARG A 1015 63.07 -10.34 16.00
N ILE A 1016 63.92 -10.31 14.97
CA ILE A 1016 64.93 -11.34 14.73
C ILE A 1016 66.23 -10.65 14.37
N HIS A 1017 67.31 -11.01 15.05
CA HIS A 1017 68.62 -10.43 14.77
C HIS A 1017 69.31 -11.25 13.68
N GLN A 1018 70.64 -11.13 13.59
CA GLN A 1018 71.43 -11.75 12.54
C GLN A 1018 72.43 -12.73 13.14
N GLY A 1019 72.35 -13.99 12.73
CA GLY A 1019 73.14 -15.05 13.34
C GLY A 1019 72.90 -15.19 14.83
N GLU A 1020 71.64 -15.30 15.23
CA GLU A 1020 71.26 -15.07 16.61
C GLU A 1020 70.79 -16.33 17.33
N HIS A 1021 71.15 -16.38 18.61
CA HIS A 1021 71.11 -17.57 19.46
C HIS A 1021 69.69 -18.01 19.74
N PHE A 1022 69.17 -18.88 18.88
CA PHE A 1022 67.74 -19.15 18.73
C PHE A 1022 67.04 -19.34 20.07
N ARG A 1023 67.78 -19.69 21.12
CA ARG A 1023 67.09 -19.87 22.39
C ARG A 1023 66.87 -18.51 23.05
N GLU A 1024 67.53 -17.47 22.52
CA GLU A 1024 67.17 -16.10 22.85
C GLU A 1024 65.83 -15.73 22.25
N VAL A 1025 65.62 -16.10 20.99
CA VAL A 1025 64.34 -15.84 20.34
C VAL A 1025 63.23 -16.63 21.01
N MET A 1026 63.53 -17.83 21.51
CA MET A 1026 62.42 -18.57 22.12
C MET A 1026 62.17 -18.07 23.53
N LYS A 1027 63.17 -17.42 24.17
CA LYS A 1027 62.89 -16.84 25.47
C LYS A 1027 62.22 -15.49 25.32
N ARG A 1028 62.32 -14.91 24.12
CA ARG A 1028 61.55 -13.70 23.82
C ARG A 1028 60.10 -14.08 23.59
N ILE A 1029 59.89 -15.12 22.78
CA ILE A 1029 58.56 -15.70 22.61
C ILE A 1029 57.95 -16.01 23.98
N GLN A 1030 58.70 -16.70 24.84
CA GLN A 1030 58.21 -17.00 26.18
C GLN A 1030 57.88 -15.73 26.96
N SER A 1031 58.69 -14.68 26.81
CA SER A 1031 58.39 -13.42 27.48
C SER A 1031 57.07 -12.84 27.01
N LEU A 1032 56.72 -13.07 25.75
CA LEU A 1032 55.40 -12.62 25.27
C LEU A 1032 54.30 -13.52 25.82
N LEU A 1033 54.39 -14.82 25.52
CA LEU A 1033 53.34 -15.78 25.89
C LEU A 1033 53.18 -15.83 27.41
N ASP A 1034 54.20 -16.35 28.09
CA ASP A 1034 54.28 -16.48 29.54
C ASP A 1034 53.14 -17.34 30.10
N ILE A 1035 53.29 -18.63 29.85
CA ILE A 1035 52.38 -19.67 30.33
C ILE A 1035 53.25 -20.50 31.27
N GLN A 1036 52.70 -21.57 31.82
CA GLN A 1036 53.53 -22.50 32.59
C GLN A 1036 54.68 -22.97 31.70
N GLU A 1037 55.71 -23.56 32.29
CA GLU A 1037 57.00 -23.53 31.60
C GLU A 1037 57.13 -24.72 30.67
N LYS A 1038 56.44 -25.83 30.97
CA LYS A 1038 56.96 -27.11 30.53
C LYS A 1038 56.03 -27.73 29.50
N GLU A 1039 54.95 -27.01 29.12
CA GLU A 1039 54.35 -26.98 27.79
C GLU A 1039 55.10 -26.22 26.69
N PHE A 1040 55.96 -25.25 27.02
CA PHE A 1040 56.86 -24.73 25.99
C PHE A 1040 57.58 -25.84 25.24
N GLU A 1041 57.99 -26.88 25.96
CA GLU A 1041 58.72 -28.00 25.37
C GLU A 1041 58.02 -28.61 24.16
N LYS A 1042 56.68 -28.65 24.15
CA LYS A 1042 56.05 -29.31 23.02
C LYS A 1042 55.91 -28.44 21.78
N PHE A 1043 56.41 -27.21 21.80
CA PHE A 1043 56.35 -26.35 20.63
C PHE A 1043 57.25 -26.91 19.52
N LYS A 1044 56.68 -27.14 18.35
CA LYS A 1044 57.46 -27.49 17.17
C LYS A 1044 57.61 -26.25 16.31
N PHE A 1045 58.84 -25.79 16.13
CA PHE A 1045 59.14 -24.58 15.40
C PHE A 1045 59.45 -24.88 13.93
N ALA A 1046 58.79 -24.17 13.04
CA ALA A 1046 58.91 -24.41 11.60
C ALA A 1046 58.97 -23.07 10.87
N ILE A 1047 59.54 -23.07 9.67
CA ILE A 1047 59.54 -21.90 8.81
C ILE A 1047 58.61 -22.24 7.64
N VAL A 1048 57.56 -21.43 7.48
CA VAL A 1048 56.50 -21.62 6.48
C VAL A 1048 56.63 -20.61 5.34
N MET A 1049 56.56 -21.11 4.10
CA MET A 1049 56.64 -20.30 2.90
C MET A 1049 55.78 -20.96 1.83
N MET A 1050 54.74 -20.24 1.37
CA MET A 1050 53.80 -20.68 0.33
C MET A 1050 53.20 -22.06 0.61
N GLY A 1051 53.01 -22.38 1.88
CA GLY A 1051 52.43 -23.65 2.28
C GLY A 1051 53.44 -24.70 2.68
N ARG A 1052 54.66 -24.62 2.16
CA ARG A 1052 55.69 -25.55 2.56
C ARG A 1052 56.22 -25.14 3.93
N HIS A 1053 56.70 -26.11 4.69
CA HIS A 1053 57.26 -25.79 5.99
C HIS A 1053 58.44 -26.71 6.28
N GLN A 1054 59.53 -26.12 6.73
CA GLN A 1054 60.70 -26.87 7.16
C GLN A 1054 60.91 -26.60 8.64
N TYR A 1055 60.89 -27.65 9.45
CA TYR A 1055 61.12 -27.47 10.87
C TYR A 1055 62.57 -27.12 11.17
N ILE A 1056 62.76 -26.31 12.21
CA ILE A 1056 64.07 -25.77 12.58
C ILE A 1056 64.52 -26.45 13.86
N ASN A 1057 65.75 -26.96 13.85
CA ASN A 1057 66.29 -27.58 15.05
C ASN A 1057 66.64 -26.52 16.08
N GLU A 1058 66.05 -26.65 17.27
CA GLU A 1058 66.10 -25.59 18.28
C GLU A 1058 67.51 -25.41 18.84
N ASP A 1059 68.25 -26.51 18.99
CA ASP A 1059 69.57 -26.46 19.59
C ASP A 1059 70.68 -26.29 18.56
N GLU A 1060 70.33 -26.30 17.27
CA GLU A 1060 71.29 -26.06 16.20
C GLU A 1060 71.53 -24.57 15.99
N TYR A 1061 70.57 -23.72 16.38
CA TYR A 1061 70.70 -22.27 16.27
C TYR A 1061 70.94 -21.82 14.83
N GLU A 1062 70.05 -22.25 13.94
CA GLU A 1062 70.12 -21.91 12.53
C GLU A 1062 69.24 -20.67 12.36
N VAL A 1063 69.89 -19.53 12.18
CA VAL A 1063 69.22 -18.24 11.97
C VAL A 1063 70.03 -17.41 10.99
N ASN A 1064 69.38 -16.91 9.95
CA ASN A 1064 69.89 -15.79 9.17
C ASN A 1064 68.79 -15.28 8.26
N LEU A 1065 68.80 -13.96 8.06
CA LEU A 1065 67.72 -13.25 7.37
C LEU A 1065 67.26 -13.95 6.09
N LYS A 1066 68.20 -14.55 5.35
CA LYS A 1066 67.88 -15.16 4.06
C LYS A 1066 66.73 -16.15 4.14
N ASP A 1067 66.50 -16.79 5.29
CA ASP A 1067 65.42 -17.75 5.39
C ASP A 1067 64.10 -17.12 5.83
N PHE A 1068 63.94 -15.81 5.68
CA PHE A 1068 62.74 -15.13 6.12
C PHE A 1068 62.22 -14.08 5.15
N GLU A 1069 63.07 -13.59 4.23
CA GLU A 1069 62.71 -12.67 3.16
C GLU A 1069 62.21 -13.43 1.93
N PRO A 1070 61.28 -12.89 1.17
CA PRO A 1070 60.88 -13.52 -0.10
C PRO A 1070 61.94 -13.36 -1.19
N GLN A 1071 61.60 -13.73 -2.43
CA GLN A 1071 62.56 -13.64 -3.52
C GLN A 1071 62.96 -12.18 -3.74
N PRO A 1072 64.04 -11.92 -4.49
CA PRO A 1072 64.49 -10.53 -4.68
C PRO A 1072 63.38 -9.63 -5.18
N GLY A 1073 63.25 -8.47 -4.52
CA GLY A 1073 62.26 -7.47 -4.88
C GLY A 1073 60.83 -7.91 -4.73
N ASN A 1074 60.55 -8.78 -3.76
CA ASN A 1074 59.22 -9.37 -3.62
C ASN A 1074 58.52 -8.84 -2.37
N MET A 1075 57.34 -8.27 -2.56
CA MET A 1075 56.45 -7.79 -1.51
C MET A 1075 55.07 -8.41 -1.73
N SER A 1076 54.54 -8.21 -2.94
CA SER A 1076 53.16 -8.49 -3.32
C SER A 1076 52.66 -9.83 -2.80
N HIS A 1077 53.53 -10.85 -2.80
CA HIS A 1077 53.14 -12.18 -2.38
C HIS A 1077 53.73 -12.60 -1.03
N PRO A 1078 53.05 -13.50 -0.32
CA PRO A 1078 53.29 -13.72 1.10
C PRO A 1078 54.75 -13.85 1.51
N ARG A 1079 55.09 -13.17 2.59
CA ARG A 1079 56.47 -13.25 3.02
C ARG A 1079 56.64 -14.44 3.97
N PRO A 1080 57.82 -15.06 4.00
CA PRO A 1080 58.03 -16.22 4.89
C PRO A 1080 57.68 -15.88 6.33
N TRP A 1081 57.07 -16.84 7.03
CA TRP A 1081 56.68 -16.59 8.41
C TRP A 1081 57.00 -17.78 9.31
N LEU A 1082 57.13 -17.47 10.60
CA LEU A 1082 57.48 -18.45 11.63
C LEU A 1082 56.22 -19.14 12.14
N GLY A 1083 56.27 -20.47 12.22
CA GLY A 1083 55.13 -21.28 12.60
C GLY A 1083 55.42 -22.06 13.85
N LEU A 1084 54.43 -22.12 14.74
CA LEU A 1084 54.53 -22.82 16.02
C LEU A 1084 53.47 -23.89 16.08
N ASP A 1085 53.86 -25.09 16.52
CA ASP A 1085 52.95 -26.23 16.60
C ASP A 1085 52.81 -26.68 18.04
N HIS A 1086 51.56 -26.81 18.49
CA HIS A 1086 51.21 -27.20 19.84
C HIS A 1086 49.70 -27.40 19.87
N PHE A 1087 49.18 -27.77 21.04
CA PHE A 1087 47.77 -28.05 21.21
C PHE A 1087 47.16 -27.07 22.20
N ASN A 1088 46.01 -26.51 21.86
CA ASN A 1088 45.33 -25.53 22.69
C ASN A 1088 44.12 -26.15 23.39
N TYR B 150 48.02 -30.18 -11.93
CA TYR B 150 46.79 -30.34 -12.71
C TYR B 150 45.59 -30.60 -11.80
N ALA B 151 45.84 -30.55 -10.50
CA ALA B 151 44.75 -30.75 -9.54
C ALA B 151 43.63 -29.72 -9.66
N PRO B 152 43.90 -28.41 -9.80
CA PRO B 152 42.77 -27.47 -9.96
C PRO B 152 41.92 -27.76 -11.18
N ILE B 153 42.52 -28.17 -12.30
CA ILE B 153 41.73 -28.45 -13.50
C ILE B 153 40.87 -29.68 -13.31
N PHE B 154 41.41 -30.72 -12.68
CA PHE B 154 40.60 -31.90 -12.37
C PHE B 154 39.45 -31.56 -11.44
N GLY B 155 39.73 -30.76 -10.42
CA GLY B 155 38.66 -30.31 -9.53
C GLY B 155 37.60 -29.52 -10.26
N LEU B 156 38.01 -28.64 -11.18
CA LEU B 156 37.06 -27.87 -11.96
C LEU B 156 36.20 -28.78 -12.83
N MET B 157 36.81 -29.80 -13.44
CA MET B 157 36.03 -30.77 -14.21
C MET B 157 35.02 -31.48 -13.33
N GLN B 158 35.43 -31.86 -12.11
CA GLN B 158 34.49 -32.49 -11.19
C GLN B 158 33.34 -31.56 -10.82
N GLU B 159 33.66 -30.28 -10.60
CA GLU B 159 32.60 -29.30 -10.32
C GLU B 159 31.65 -29.16 -11.50
N LYS B 160 32.18 -29.16 -12.72
CA LYS B 160 31.33 -29.07 -13.89
C LYS B 160 30.40 -30.27 -14.00
N ILE B 161 30.92 -31.48 -13.78
CA ILE B 161 30.08 -32.66 -13.81
C ILE B 161 29.01 -32.58 -12.73
N TYR B 162 29.40 -32.17 -11.52
CA TYR B 162 28.44 -32.12 -10.42
C TYR B 162 27.34 -31.10 -10.68
N ILE B 163 27.70 -29.91 -11.17
CA ILE B 163 26.68 -28.90 -11.43
C ILE B 163 25.78 -29.33 -12.58
N SER B 164 26.33 -30.04 -13.57
CA SER B 164 25.48 -30.58 -14.63
C SER B 164 24.47 -31.57 -14.06
N LYS B 165 24.92 -32.44 -13.15
CA LYS B 165 23.98 -33.37 -12.51
C LYS B 165 22.92 -32.64 -11.71
N ILE B 166 23.32 -31.64 -10.93
CA ILE B 166 22.35 -30.88 -10.13
C ILE B 166 21.31 -30.25 -11.04
N VAL B 167 21.75 -29.59 -12.10
CA VAL B 167 20.81 -28.89 -12.97
C VAL B 167 19.88 -29.86 -13.67
N VAL B 168 20.42 -30.99 -14.17
CA VAL B 168 19.57 -31.93 -14.89
C VAL B 168 18.54 -32.56 -13.96
N GLU B 169 18.94 -32.93 -12.74
CA GLU B 169 17.98 -33.52 -11.82
C GLU B 169 16.94 -32.49 -11.37
N PHE B 170 17.37 -31.24 -11.13
CA PHE B 170 16.42 -30.20 -10.74
C PHE B 170 15.42 -29.93 -11.86
N LEU B 171 15.89 -29.96 -13.11
CA LEU B 171 14.99 -29.79 -14.24
C LEU B 171 14.06 -31.00 -14.40
N GLN B 172 14.53 -32.19 -14.02
CA GLN B 172 13.63 -33.34 -13.95
C GLN B 172 12.52 -33.10 -12.92
N SER B 173 12.89 -32.50 -11.78
CA SER B 173 11.92 -32.30 -10.72
C SER B 173 10.76 -31.42 -11.16
N ASN B 174 11.05 -30.32 -11.86
CA ASN B 174 10.00 -29.43 -12.33
C ASN B 174 10.48 -28.70 -13.58
N SER B 175 9.52 -28.20 -14.35
CA SER B 175 9.80 -27.46 -15.58
C SER B 175 9.20 -26.06 -15.56
N ASP B 176 8.91 -25.53 -14.37
CA ASP B 176 8.34 -24.19 -14.25
C ASP B 176 9.12 -23.28 -13.32
N SER B 177 10.25 -23.73 -12.79
CA SER B 177 11.05 -22.91 -11.88
C SER B 177 11.64 -21.71 -12.60
N THR B 178 11.84 -20.63 -11.86
CA THR B 178 12.41 -19.41 -12.38
C THR B 178 13.91 -19.37 -12.06
N TYR B 179 14.56 -18.31 -12.56
CA TYR B 179 16.01 -18.19 -12.40
C TYR B 179 16.41 -18.13 -10.93
N GLU B 180 15.60 -17.46 -10.11
CA GLU B 180 15.89 -17.36 -8.68
C GLU B 180 15.80 -18.72 -7.99
N ASP B 181 14.82 -19.54 -8.36
CA ASP B 181 14.73 -20.89 -7.80
C ASP B 181 15.92 -21.73 -8.22
N LEU B 182 16.39 -21.58 -9.46
CA LEU B 182 17.60 -22.27 -9.89
C LEU B 182 18.80 -21.82 -9.06
N ILE B 183 18.91 -20.52 -8.81
CA ILE B 183 19.98 -20.00 -7.95
C ILE B 183 19.93 -20.65 -6.58
N ASN B 184 18.72 -20.71 -6.01
CA ASN B 184 18.55 -21.28 -4.68
C ASN B 184 18.95 -22.75 -4.66
N LYS B 185 18.55 -23.50 -5.69
CA LYS B 185 18.92 -24.92 -5.76
C LYS B 185 20.42 -25.09 -5.88
N ILE B 186 21.08 -24.22 -6.64
CA ILE B 186 22.53 -24.31 -6.79
C ILE B 186 23.23 -24.04 -5.46
N GLU B 187 22.83 -22.96 -4.77
CA GLU B 187 23.56 -22.59 -3.56
C GLU B 187 23.27 -23.56 -2.42
N THR B 188 22.02 -24.01 -2.29
CA THR B 188 21.67 -24.92 -1.21
C THR B 188 22.27 -26.31 -1.38
N THR B 189 22.71 -26.67 -2.59
CA THR B 189 23.26 -27.99 -2.82
C THR B 189 24.53 -28.20 -2.00
N VAL B 190 24.61 -29.33 -1.31
CA VAL B 190 25.74 -29.62 -0.44
C VAL B 190 26.90 -30.13 -1.30
N PRO B 191 28.09 -29.53 -1.21
CA PRO B 191 29.22 -30.02 -1.97
C PRO B 191 29.61 -31.42 -1.52
N PRO B 192 30.22 -32.19 -2.41
CA PRO B 192 30.59 -33.57 -2.04
C PRO B 192 31.77 -33.60 -1.08
N SER B 193 31.88 -34.74 -0.38
CA SER B 193 32.98 -34.91 0.56
C SER B 193 34.30 -35.15 -0.15
N GLY B 194 34.29 -35.90 -1.25
CA GLY B 194 35.52 -36.21 -1.94
C GLY B 194 36.20 -35.00 -2.54
N LEU B 195 35.42 -34.13 -3.20
CA LEU B 195 35.98 -32.94 -3.84
C LEU B 195 36.06 -31.81 -2.83
N ASN B 196 37.20 -31.12 -2.82
CA ASN B 196 37.48 -30.07 -1.84
C ASN B 196 37.04 -28.73 -2.42
N LEU B 197 35.84 -28.31 -2.07
CA LEU B 197 35.31 -27.01 -2.45
C LEU B 197 34.33 -26.53 -1.39
N ASN B 198 34.19 -25.21 -1.29
CA ASN B 198 33.40 -24.63 -0.20
C ASN B 198 31.90 -24.76 -0.45
N ARG B 199 31.41 -24.13 -1.52
CA ARG B 199 29.99 -24.15 -1.84
C ARG B 199 29.79 -23.54 -3.22
N PHE B 200 28.74 -24.00 -3.90
CA PHE B 200 28.40 -23.47 -5.22
C PHE B 200 27.75 -22.10 -5.07
N THR B 201 28.22 -21.15 -5.87
CA THR B 201 27.66 -19.81 -5.92
C THR B 201 27.26 -19.49 -7.35
N GLU B 202 26.72 -18.28 -7.55
CA GLU B 202 26.28 -17.88 -8.89
C GLU B 202 27.46 -17.84 -9.86
N ASP B 203 28.65 -17.52 -9.37
CA ASP B 203 29.83 -17.49 -10.22
C ASP B 203 30.11 -18.88 -10.79
N SER B 204 29.90 -19.92 -9.97
CA SER B 204 30.12 -21.28 -10.45
C SER B 204 29.22 -21.61 -11.63
N LEU B 205 27.93 -21.29 -11.53
CA LEU B 205 27.02 -21.53 -12.64
C LEU B 205 27.37 -20.68 -13.85
N LEU B 206 27.68 -19.40 -13.64
CA LEU B 206 28.03 -18.53 -14.75
C LEU B 206 29.29 -19.01 -15.47
N ARG B 207 30.21 -19.66 -14.77
CA ARG B 207 31.43 -20.12 -15.39
C ARG B 207 31.34 -21.56 -15.92
N HIS B 208 30.36 -22.34 -15.47
CA HIS B 208 30.12 -23.67 -16.01
C HIS B 208 28.88 -23.72 -16.89
N ALA B 209 28.38 -22.55 -17.30
CA ALA B 209 27.20 -22.46 -18.16
C ALA B 209 27.35 -23.29 -19.42
N GLN B 210 28.49 -23.20 -20.09
CA GLN B 210 28.62 -23.89 -21.38
C GLN B 210 28.48 -25.40 -21.21
N PHE B 211 29.16 -25.96 -20.21
CA PHE B 211 29.08 -27.41 -19.99
C PHE B 211 27.70 -27.82 -19.52
N VAL B 212 27.09 -27.04 -18.62
CA VAL B 212 25.79 -27.44 -18.09
C VAL B 212 24.72 -27.35 -19.18
N VAL B 213 24.82 -26.35 -20.05
CA VAL B 213 23.84 -26.20 -21.13
C VAL B 213 24.03 -27.28 -22.18
N GLU B 214 25.28 -27.61 -22.52
CA GLU B 214 25.49 -28.69 -23.48
C GLU B 214 25.00 -30.02 -22.92
N GLN B 215 25.20 -30.27 -21.62
CA GLN B 215 24.67 -31.49 -21.02
C GLN B 215 23.15 -31.50 -21.01
N VAL B 216 22.53 -30.36 -20.68
CA VAL B 216 21.08 -30.28 -20.63
C VAL B 216 20.48 -30.54 -22.01
N GLU B 217 21.08 -29.95 -23.06
CA GLU B 217 20.55 -30.17 -24.40
C GLU B 217 20.87 -31.57 -24.91
N SER B 218 21.98 -32.17 -24.46
CA SER B 218 22.30 -33.53 -24.85
C SER B 218 21.33 -34.52 -24.22
N TYR B 219 20.86 -34.25 -23.01
CA TYR B 219 19.87 -35.13 -22.40
C TYR B 219 18.59 -35.18 -23.23
N ASP B 220 18.12 -34.03 -23.70
CA ASP B 220 16.87 -33.95 -24.44
C ASP B 220 17.03 -34.23 -25.94
N GLU B 221 18.26 -34.23 -26.45
CA GLU B 221 18.47 -34.52 -27.86
C GLU B 221 18.49 -36.00 -28.18
N ALA B 222 18.62 -36.87 -27.18
CA ALA B 222 18.61 -38.31 -27.42
C ALA B 222 17.18 -38.83 -27.57
N GLY B 223 16.35 -38.63 -26.55
CA GLY B 223 14.96 -39.02 -26.61
C GLY B 223 14.04 -37.85 -26.86
N ASP B 224 13.47 -37.77 -28.06
CA ASP B 224 12.61 -36.66 -28.46
C ASP B 224 11.15 -37.11 -28.42
N SER B 225 10.31 -36.28 -27.80
CA SER B 225 8.88 -36.55 -27.68
C SER B 225 8.14 -35.24 -27.91
N ASP B 226 6.80 -35.32 -27.82
CA ASP B 226 5.97 -34.14 -27.97
C ASP B 226 6.07 -33.19 -26.79
N GLU B 227 6.62 -33.64 -25.67
CA GLU B 227 6.79 -32.78 -24.50
C GLU B 227 7.77 -31.65 -24.81
N GLN B 228 7.57 -30.53 -24.11
CA GLN B 228 8.44 -29.39 -24.32
C GLN B 228 9.88 -29.74 -23.94
N PRO B 229 10.87 -29.37 -24.75
CA PRO B 229 12.26 -29.70 -24.43
C PRO B 229 12.71 -29.01 -23.14
N ILE B 230 13.63 -29.67 -22.45
CA ILE B 230 13.99 -29.28 -21.09
C ILE B 230 14.82 -28.00 -21.02
N PHE B 231 15.35 -27.53 -22.14
CA PHE B 231 16.17 -26.32 -22.15
C PHE B 231 15.39 -25.06 -22.49
N LEU B 232 14.08 -25.16 -22.70
CA LEU B 232 13.22 -24.00 -22.82
C LEU B 232 12.51 -23.62 -21.54
N THR B 233 12.88 -24.24 -20.42
CA THR B 233 12.38 -23.80 -19.12
C THR B 233 12.80 -22.36 -18.90
N PRO B 234 11.92 -21.51 -18.35
CA PRO B 234 12.25 -20.08 -18.25
C PRO B 234 13.57 -19.76 -17.58
N CYS B 235 13.91 -20.47 -16.49
CA CYS B 235 15.17 -20.20 -15.80
C CYS B 235 16.36 -20.47 -16.71
N MET B 236 16.36 -21.62 -17.39
CA MET B 236 17.47 -21.96 -18.27
C MET B 236 17.56 -20.97 -19.42
N ARG B 237 16.41 -20.53 -19.93
CA ARG B 237 16.38 -19.53 -20.99
C ARG B 237 16.99 -18.21 -20.52
N ASP B 238 16.66 -17.78 -19.30
CA ASP B 238 17.29 -16.57 -18.78
C ASP B 238 18.79 -16.75 -18.64
N LEU B 239 19.22 -17.92 -18.18
CA LEU B 239 20.66 -18.16 -18.06
C LEU B 239 21.35 -18.06 -19.42
N ILE B 240 20.71 -18.57 -20.47
CA ILE B 240 21.23 -18.36 -21.82
C ILE B 240 21.27 -16.87 -22.15
N LYS B 241 20.22 -16.14 -21.79
CA LYS B 241 20.14 -14.73 -22.13
C LYS B 241 21.22 -13.91 -21.42
N LEU B 242 21.69 -14.36 -20.26
CA LEU B 242 22.77 -13.66 -19.58
C LEU B 242 24.13 -14.00 -20.19
N ALA B 243 24.52 -15.27 -20.13
CA ALA B 243 25.82 -15.71 -20.61
C ALA B 243 25.74 -16.09 -22.08
N GLY B 244 26.67 -15.57 -22.87
CA GLY B 244 26.64 -15.79 -24.31
C GLY B 244 27.03 -17.19 -24.71
N VAL B 245 26.18 -18.17 -24.37
CA VAL B 245 26.42 -19.56 -24.70
C VAL B 245 25.71 -19.88 -26.00
N THR B 246 26.44 -20.49 -26.93
CA THR B 246 25.86 -20.95 -28.19
C THR B 246 25.45 -22.41 -28.06
N LEU B 247 24.28 -22.73 -28.62
CA LEU B 247 23.66 -24.03 -28.41
C LEU B 247 23.91 -24.96 -29.59
N GLY B 248 23.86 -26.27 -29.30
CA GLY B 248 23.96 -27.28 -30.32
C GLY B 248 25.38 -27.62 -30.76
N GLN B 249 26.21 -28.08 -29.84
CA GLN B 249 27.54 -28.56 -30.18
C GLN B 249 27.85 -29.85 -29.42
N ARG B 250 28.63 -30.71 -30.07
CA ARG B 250 29.15 -31.96 -29.53
C ARG B 250 27.95 -32.81 -29.09
N ARG B 251 27.66 -32.84 -27.78
CA ARG B 251 26.61 -33.68 -27.19
C ARG B 251 26.89 -35.16 -27.40
N ALA B 252 26.03 -36.01 -26.85
CA ALA B 252 26.16 -37.47 -26.94
C ALA B 252 27.52 -37.93 -26.41
N GLN B 253 27.71 -37.73 -25.11
CA GLN B 253 28.95 -38.10 -24.43
C GLN B 253 28.72 -39.08 -23.28
N ALA B 254 27.53 -39.69 -23.21
CA ALA B 254 27.24 -40.61 -22.12
C ALA B 254 27.82 -42.00 -22.33
N ARG B 255 28.24 -42.32 -23.55
CA ARG B 255 28.79 -43.64 -23.89
C ARG B 255 27.79 -44.74 -23.55
N ARG B 256 26.65 -44.70 -24.24
CA ARG B 256 25.56 -45.68 -24.07
C ARG B 256 25.04 -45.67 -22.64
N GLN B 257 24.64 -44.48 -22.19
CA GLN B 257 24.08 -44.32 -20.85
C GLN B 257 22.87 -43.41 -20.87
N ARG B 268 3.96 -38.37 -13.78
CA ARG B 268 3.82 -39.82 -13.85
C ARG B 268 2.56 -40.21 -14.61
N GLY B 269 1.56 -39.32 -14.59
CA GLY B 269 0.32 -39.56 -15.28
C GLY B 269 -0.34 -38.28 -15.76
N PRO B 270 -1.12 -38.36 -16.84
CA PRO B 270 -1.83 -37.17 -17.33
C PRO B 270 -2.86 -36.63 -16.36
N THR B 271 -3.31 -37.45 -15.40
CA THR B 271 -4.32 -37.07 -14.40
C THR B 271 -5.63 -36.63 -15.05
N LYS B 272 -6.59 -36.21 -14.23
CA LYS B 272 -7.90 -35.80 -14.75
C LYS B 272 -8.60 -34.98 -13.68
N ALA B 273 -8.95 -33.74 -14.02
CA ALA B 273 -9.70 -32.90 -13.10
C ALA B 273 -11.11 -33.45 -12.91
N THR B 274 -11.62 -33.34 -11.68
CA THR B 274 -12.94 -33.85 -11.35
C THR B 274 -14.03 -32.85 -11.75
N THR B 275 -14.07 -32.56 -13.04
CA THR B 275 -15.09 -31.68 -13.59
C THR B 275 -16.47 -32.31 -13.49
N THR B 276 -17.47 -31.46 -13.25
CA THR B 276 -18.85 -31.93 -13.23
C THR B 276 -19.35 -32.17 -14.65
N LYS B 277 -20.57 -32.68 -14.77
CA LYS B 277 -21.10 -33.07 -16.07
C LYS B 277 -21.24 -31.87 -17.00
N LEU B 278 -21.81 -30.77 -16.50
CA LEU B 278 -22.06 -29.62 -17.36
C LEU B 278 -20.77 -28.96 -17.82
N VAL B 279 -19.81 -28.79 -16.90
CA VAL B 279 -18.52 -28.21 -17.28
C VAL B 279 -17.80 -29.12 -18.26
N TYR B 280 -17.80 -30.42 -17.98
CA TYR B 280 -17.26 -31.40 -18.92
C TYR B 280 -17.97 -31.28 -20.27
N GLN B 281 -19.29 -31.10 -20.24
CA GLN B 281 -20.05 -30.98 -21.48
C GLN B 281 -19.61 -29.75 -22.27
N ILE B 282 -19.40 -28.62 -21.60
CA ILE B 282 -19.00 -27.40 -22.30
C ILE B 282 -17.63 -27.57 -22.93
N PHE B 283 -16.68 -28.14 -22.16
CA PHE B 283 -15.33 -28.32 -22.70
C PHE B 283 -15.34 -29.27 -23.89
N ASP B 284 -16.03 -30.42 -23.76
CA ASP B 284 -16.11 -31.36 -24.87
C ASP B 284 -16.86 -30.76 -26.05
N THR B 285 -17.82 -29.87 -25.78
CA THR B 285 -18.54 -29.21 -26.86
C THR B 285 -17.61 -28.34 -27.69
N PHE B 286 -16.77 -27.54 -27.03
CA PHE B 286 -15.92 -26.67 -27.84
C PHE B 286 -14.76 -27.46 -28.45
N PHE B 287 -14.44 -28.64 -27.90
CA PHE B 287 -13.35 -29.47 -28.44
C PHE B 287 -13.42 -29.72 -29.95
N ALA B 288 -14.59 -29.51 -30.57
CA ALA B 288 -14.66 -29.77 -32.01
C ALA B 288 -13.82 -28.76 -32.79
N GLU B 289 -13.73 -27.53 -32.30
CA GLU B 289 -13.15 -26.42 -33.04
C GLU B 289 -11.66 -26.21 -32.80
N GLN B 290 -11.03 -26.96 -31.90
CA GLN B 290 -9.61 -26.77 -31.63
C GLN B 290 -8.70 -27.54 -32.57
N ILE B 291 -9.27 -28.37 -33.44
CA ILE B 291 -8.46 -29.20 -34.34
C ILE B 291 -8.21 -28.55 -35.69
N GLU B 292 -8.95 -27.49 -36.03
CA GLU B 292 -8.77 -26.83 -37.32
C GLU B 292 -7.40 -26.15 -37.38
N LYS B 293 -6.68 -26.38 -38.47
CA LYS B 293 -5.35 -25.81 -38.63
C LYS B 293 -4.96 -25.74 -40.11
N LYS B 304 8.29 -16.35 -42.13
CA LYS B 304 8.54 -15.62 -40.89
C LYS B 304 9.19 -16.53 -39.86
N ARG B 305 10.28 -16.05 -39.26
CA ARG B 305 11.04 -16.79 -38.25
C ARG B 305 11.51 -18.14 -38.79
N ARG B 306 12.16 -18.10 -39.95
CA ARG B 306 12.78 -19.29 -40.50
C ARG B 306 14.09 -19.59 -39.78
N ARG B 307 14.58 -20.81 -39.97
CA ARG B 307 15.73 -21.29 -39.21
C ARG B 307 16.95 -20.39 -39.47
N CYS B 308 17.77 -20.24 -38.42
CA CYS B 308 18.91 -19.33 -38.50
C CYS B 308 19.89 -19.76 -39.58
N GLY B 309 20.19 -21.06 -39.65
CA GLY B 309 21.11 -21.57 -40.65
C GLY B 309 22.58 -21.34 -40.36
N VAL B 310 22.91 -20.77 -39.20
CA VAL B 310 24.30 -20.49 -38.85
C VAL B 310 24.83 -21.41 -37.75
N CYS B 311 23.95 -22.05 -36.97
CA CYS B 311 24.42 -22.94 -35.92
C CYS B 311 24.83 -24.29 -36.52
N GLU B 312 25.56 -25.06 -35.72
CA GLU B 312 26.00 -26.38 -36.16
C GLU B 312 24.82 -27.31 -36.39
N VAL B 313 23.79 -27.21 -35.53
CA VAL B 313 22.60 -28.06 -35.68
C VAL B 313 21.93 -27.78 -37.01
N CYS B 314 21.80 -26.51 -37.38
CA CYS B 314 21.17 -26.16 -38.66
C CYS B 314 21.98 -26.69 -39.84
N GLN B 315 23.31 -26.74 -39.71
CA GLN B 315 24.14 -27.20 -40.81
C GLN B 315 24.19 -28.72 -40.93
N GLN B 316 23.76 -29.45 -39.90
CA GLN B 316 23.81 -30.90 -39.95
C GLN B 316 22.81 -31.44 -40.97
N PRO B 317 23.14 -32.51 -41.68
CA PRO B 317 22.19 -33.09 -42.62
C PRO B 317 21.09 -33.86 -41.90
N GLU B 318 19.99 -34.08 -42.62
CA GLU B 318 18.86 -34.83 -42.09
C GLU B 318 19.21 -36.30 -41.89
N ALA B 340 10.09 -30.56 -39.69
CA ALA B 340 11.43 -30.85 -40.20
C ALA B 340 12.04 -32.02 -39.44
N CYS B 341 13.34 -32.23 -39.66
CA CYS B 341 14.05 -33.31 -39.00
C CYS B 341 14.15 -33.04 -37.50
N GLN B 342 14.00 -34.10 -36.70
CA GLN B 342 14.07 -33.95 -35.25
C GLN B 342 15.46 -33.51 -34.78
N GLU B 343 16.50 -33.90 -35.51
CA GLU B 343 17.86 -33.51 -35.19
C GLU B 343 18.27 -32.20 -35.84
N ARG B 344 17.38 -31.55 -36.57
CA ARG B 344 17.64 -30.26 -37.20
C ARG B 344 16.81 -29.14 -36.60
N ARG B 345 16.32 -29.31 -35.38
CA ARG B 345 15.55 -28.28 -34.70
C ARG B 345 16.49 -27.19 -34.22
N CYS B 346 16.21 -25.94 -34.60
CA CYS B 346 17.09 -24.84 -34.26
C CYS B 346 16.77 -24.32 -32.86
N PRO B 347 17.69 -24.45 -31.89
CA PRO B 347 17.41 -23.90 -30.55
C PRO B 347 17.23 -22.39 -30.54
N ASN B 348 17.96 -21.66 -31.40
CA ASN B 348 17.82 -20.21 -31.45
C ASN B 348 16.42 -19.81 -31.87
N MET B 349 15.90 -20.46 -32.91
CA MET B 349 14.54 -20.16 -33.33
C MET B 349 13.51 -20.62 -32.31
N ALA B 350 13.80 -21.69 -31.58
CA ALA B 350 12.91 -22.09 -30.48
C ALA B 350 12.87 -21.01 -29.41
N MET B 351 14.02 -20.44 -29.07
CA MET B 351 14.05 -19.35 -28.10
C MET B 351 13.28 -18.14 -28.60
N LYS B 352 13.47 -17.77 -29.87
CA LYS B 352 12.76 -16.63 -30.43
C LYS B 352 11.25 -16.88 -30.45
N GLU B 353 10.83 -18.10 -30.79
CA GLU B 353 9.41 -18.43 -30.75
C GLU B 353 8.87 -18.38 -29.33
N ALA B 354 9.68 -18.79 -28.35
CA ALA B 354 9.27 -18.65 -26.96
C ALA B 354 9.07 -17.19 -26.57
N ASP B 355 9.99 -16.32 -27.01
CA ASP B 355 9.82 -14.89 -26.75
C ASP B 355 8.58 -14.33 -27.41
N ASP B 356 8.30 -14.76 -28.65
CA ASP B 356 7.08 -14.33 -29.33
C ASP B 356 5.84 -14.82 -28.58
N ASP B 357 5.88 -16.04 -28.07
CA ASP B 357 4.77 -16.56 -27.27
C ASP B 357 4.64 -15.81 -25.95
N GLU B 358 5.74 -15.24 -25.46
CA GLU B 358 5.71 -14.46 -24.22
C GLU B 358 5.30 -13.01 -24.45
N GLU B 359 5.75 -12.41 -25.56
CA GLU B 359 5.44 -11.01 -25.83
C GLU B 359 3.97 -10.84 -26.21
N VAL B 360 3.44 -9.66 -25.93
CA VAL B 360 2.06 -9.35 -26.27
C VAL B 360 2.00 -8.88 -27.72
N ASP B 361 1.20 -9.56 -28.53
CA ASP B 361 1.05 -9.24 -29.95
C ASP B 361 -0.43 -9.02 -30.24
N ASP B 362 -0.84 -7.77 -30.35
CA ASP B 362 0.01 -6.59 -30.17
C ASP B 362 -0.72 -5.53 -29.34
N ASN B 363 0.05 -4.69 -28.65
CA ASN B 363 -0.51 -3.70 -27.75
C ASN B 363 -0.68 -2.35 -28.47
N ILE B 364 -1.45 -2.38 -29.55
CA ILE B 364 -1.81 -1.17 -30.28
C ILE B 364 -2.89 -0.46 -29.47
N PRO B 365 -2.94 0.89 -29.47
CA PRO B 365 -4.06 1.56 -28.78
C PRO B 365 -5.41 1.29 -29.41
N GLU B 366 -5.51 1.26 -30.74
CA GLU B 366 -6.80 1.15 -31.40
C GLU B 366 -6.58 0.71 -32.84
N MET B 367 -7.52 -0.09 -33.39
CA MET B 367 -8.79 -0.72 -32.97
C MET B 367 -9.73 0.15 -32.14
N PRO B 368 -10.42 1.08 -32.80
CA PRO B 368 -11.34 1.98 -32.08
C PRO B 368 -12.45 1.19 -31.41
N SER B 369 -13.18 1.89 -30.54
CA SER B 369 -14.24 1.25 -29.78
C SER B 369 -15.31 0.71 -30.72
N PRO B 370 -15.90 -0.45 -30.41
CA PRO B 370 -16.90 -1.04 -31.31
C PRO B 370 -18.08 -0.11 -31.52
N LYS B 371 -18.56 -0.08 -32.76
CA LYS B 371 -19.67 0.78 -33.14
C LYS B 371 -21.01 0.07 -32.88
N LYS B 372 -22.09 0.76 -33.22
CA LYS B 372 -23.42 0.19 -33.01
C LYS B 372 -23.67 -0.94 -33.99
N MET B 373 -24.38 -1.96 -33.53
CA MET B 373 -24.69 -3.12 -34.34
C MET B 373 -25.99 -2.90 -35.12
N HIS B 374 -26.10 -3.55 -36.28
CA HIS B 374 -27.23 -3.43 -37.19
C HIS B 374 -27.34 -2.04 -37.81
N GLN B 375 -26.29 -1.22 -37.72
CA GLN B 375 -26.35 0.13 -38.24
C GLN B 375 -26.40 0.19 -39.76
N GLY B 376 -26.15 -0.93 -40.45
CA GLY B 376 -26.29 -0.97 -41.89
C GLY B 376 -27.74 -1.09 -42.32
N LYS B 377 -27.98 -0.81 -43.59
CA LYS B 377 -29.32 -0.88 -44.15
C LYS B 377 -29.75 -2.35 -44.27
N LYS B 378 -31.06 -2.57 -44.31
CA LYS B 378 -31.61 -3.91 -44.44
C LYS B 378 -32.48 -4.02 -45.68
N LYS B 379 -32.50 -5.22 -46.25
CA LYS B 379 -33.20 -5.47 -47.51
C LYS B 379 -34.70 -5.38 -47.33
N LYS B 380 -35.38 -4.85 -48.35
CA LYS B 380 -36.83 -4.82 -48.38
C LYS B 380 -37.37 -6.15 -48.87
N GLN B 381 -38.38 -6.67 -48.18
CA GLN B 381 -38.99 -7.94 -48.53
C GLN B 381 -40.30 -7.73 -49.28
N ASN B 382 -40.47 -8.46 -50.37
CA ASN B 382 -41.67 -8.34 -51.21
C ASN B 382 -42.71 -9.32 -50.67
N LYS B 383 -43.59 -8.82 -49.82
CA LYS B 383 -44.67 -9.61 -49.25
C LYS B 383 -45.99 -9.34 -49.99
N ASN B 384 -46.89 -10.32 -49.92
CA ASN B 384 -48.12 -10.25 -50.70
C ASN B 384 -49.10 -9.24 -50.12
N ARG B 385 -49.57 -9.49 -48.89
CA ARG B 385 -50.56 -8.62 -48.27
C ARG B 385 -50.21 -8.36 -46.82
N ILE B 386 -50.46 -7.14 -46.37
CA ILE B 386 -50.21 -6.72 -45.00
C ILE B 386 -51.50 -6.06 -44.50
N SER B 387 -52.10 -6.63 -43.45
CA SER B 387 -53.40 -6.13 -43.00
C SER B 387 -53.46 -6.09 -41.49
N TRP B 388 -54.00 -4.99 -40.96
CA TRP B 388 -54.26 -4.89 -39.53
C TRP B 388 -55.50 -5.70 -39.16
N VAL B 389 -55.52 -6.19 -37.91
CA VAL B 389 -56.64 -6.95 -37.38
C VAL B 389 -57.23 -6.16 -36.21
N GLY B 390 -58.54 -5.95 -36.25
CA GLY B 390 -59.19 -5.18 -35.21
C GLY B 390 -58.97 -3.68 -35.40
N GLU B 391 -59.31 -2.94 -34.35
CA GLU B 391 -59.21 -1.49 -34.35
C GLU B 391 -57.90 -1.05 -33.71
N ALA B 392 -57.65 0.25 -33.77
CA ALA B 392 -56.46 0.83 -33.15
C ALA B 392 -56.56 0.69 -31.63
N VAL B 393 -55.58 0.01 -31.02
CA VAL B 393 -55.64 -0.25 -29.59
C VAL B 393 -55.52 1.04 -28.80
N LYS B 394 -54.53 1.87 -29.13
CA LYS B 394 -54.31 3.15 -28.47
C LYS B 394 -54.34 4.27 -29.51
N THR B 395 -55.12 5.30 -29.23
CA THR B 395 -55.22 6.47 -30.09
C THR B 395 -54.49 7.61 -29.39
N ASP B 396 -53.21 7.79 -29.72
CA ASP B 396 -52.41 8.83 -29.10
C ASP B 396 -52.81 10.23 -29.55
N GLY B 397 -53.64 10.36 -30.58
CA GLY B 397 -54.04 11.65 -31.09
C GLY B 397 -53.14 12.21 -32.15
N LYS B 398 -51.92 11.71 -32.28
CA LYS B 398 -51.00 12.12 -33.32
C LYS B 398 -51.14 11.19 -34.52
N LYS B 399 -50.18 11.25 -35.45
CA LYS B 399 -50.20 10.36 -36.59
C LYS B 399 -50.11 8.89 -36.19
N SER B 400 -49.60 8.59 -34.99
CA SER B 400 -49.40 7.22 -34.55
C SER B 400 -50.71 6.67 -33.97
N TYR B 401 -51.17 5.54 -34.52
CA TYR B 401 -52.31 4.81 -34.00
C TYR B 401 -51.87 3.37 -33.77
N TYR B 402 -51.90 2.94 -32.52
CA TYR B 402 -51.29 1.67 -32.14
C TYR B 402 -52.25 0.51 -32.40
N LYS B 403 -51.75 -0.52 -33.08
CA LYS B 403 -52.52 -1.71 -33.40
C LYS B 403 -52.00 -2.90 -32.61
N LYS B 404 -52.65 -4.04 -32.78
CA LYS B 404 -52.30 -5.26 -32.06
C LYS B 404 -51.76 -6.35 -32.99
N VAL B 405 -52.54 -6.75 -33.99
CA VAL B 405 -52.24 -7.92 -34.80
C VAL B 405 -52.06 -7.48 -36.25
N CYS B 406 -50.98 -7.93 -36.87
CA CYS B 406 -50.70 -7.68 -38.27
C CYS B 406 -50.67 -9.01 -39.02
N ILE B 407 -51.00 -8.94 -40.30
CA ILE B 407 -51.03 -10.12 -41.17
C ILE B 407 -50.08 -9.87 -42.33
N ASP B 408 -49.05 -10.71 -42.42
CA ASP B 408 -48.09 -10.78 -43.51
C ASP B 408 -48.02 -12.20 -44.05
N ALA B 409 -49.20 -12.80 -44.28
CA ALA B 409 -49.42 -14.22 -44.48
C ALA B 409 -49.20 -15.02 -43.19
N GLU B 410 -49.09 -14.34 -42.05
CA GLU B 410 -48.94 -14.98 -40.76
C GLU B 410 -49.35 -13.99 -39.67
N THR B 411 -49.99 -14.49 -38.62
CA THR B 411 -50.40 -13.64 -37.51
C THR B 411 -49.18 -13.16 -36.74
N LEU B 412 -49.06 -11.85 -36.57
CA LEU B 412 -47.98 -11.24 -35.81
C LEU B 412 -48.57 -10.33 -34.73
N GLU B 413 -48.07 -10.48 -33.51
CA GLU B 413 -48.48 -9.65 -32.38
C GLU B 413 -47.26 -9.02 -31.75
N VAL B 414 -47.51 -7.94 -31.01
CA VAL B 414 -46.42 -7.27 -30.28
C VAL B 414 -45.80 -8.25 -29.30
N GLY B 415 -44.47 -8.35 -29.33
CA GLY B 415 -43.74 -9.29 -28.51
C GLY B 415 -43.24 -10.51 -29.26
N ASP B 416 -43.75 -10.76 -30.47
CA ASP B 416 -43.24 -11.85 -31.28
C ASP B 416 -41.84 -11.50 -31.80
N CYS B 417 -41.14 -12.53 -32.24
CA CYS B 417 -39.75 -12.40 -32.70
C CYS B 417 -39.68 -12.63 -34.20
N VAL B 418 -38.91 -11.79 -34.88
CA VAL B 418 -38.89 -11.72 -36.33
C VAL B 418 -37.45 -11.77 -36.81
N SER B 419 -37.19 -12.58 -37.83
CA SER B 419 -35.91 -12.59 -38.52
C SER B 419 -35.92 -11.59 -39.66
N VAL B 420 -34.76 -11.01 -39.94
CA VAL B 420 -34.61 -9.99 -40.96
C VAL B 420 -33.35 -10.30 -41.76
N ILE B 421 -33.42 -10.11 -43.08
CA ILE B 421 -32.27 -10.27 -43.96
C ILE B 421 -31.79 -8.88 -44.35
N PRO B 422 -30.65 -8.42 -43.85
CA PRO B 422 -30.13 -7.11 -44.25
C PRO B 422 -29.36 -7.23 -45.56
N ASP B 423 -28.78 -6.11 -45.99
CA ASP B 423 -27.91 -6.13 -47.16
C ASP B 423 -26.74 -7.09 -46.91
N ASP B 424 -26.42 -7.89 -47.92
CA ASP B 424 -25.39 -8.91 -47.73
C ASP B 424 -24.03 -8.24 -47.56
N SER B 425 -23.56 -8.15 -46.33
CA SER B 425 -22.27 -7.57 -45.99
C SER B 425 -21.47 -8.53 -45.12
N SER B 426 -21.50 -9.82 -45.49
CA SER B 426 -20.83 -10.88 -44.75
C SER B 426 -21.30 -10.95 -43.30
N LYS B 427 -22.58 -10.63 -43.06
CA LYS B 427 -23.15 -10.71 -41.73
C LYS B 427 -24.40 -11.58 -41.77
N PRO B 428 -24.65 -12.37 -40.72
CA PRO B 428 -25.80 -13.28 -40.74
C PRO B 428 -27.13 -12.57 -40.57
N LEU B 429 -28.21 -13.34 -40.57
CA LEU B 429 -29.54 -12.75 -40.45
C LEU B 429 -29.71 -12.09 -39.08
N TYR B 430 -30.38 -10.95 -39.06
CA TYR B 430 -30.69 -10.27 -37.82
C TYR B 430 -31.96 -10.83 -37.20
N LEU B 431 -32.07 -10.65 -35.90
CA LEU B 431 -33.26 -11.07 -35.15
C LEU B 431 -33.69 -9.93 -34.23
N ALA B 432 -34.99 -9.68 -34.17
CA ALA B 432 -35.48 -8.60 -33.34
C ALA B 432 -36.90 -8.87 -32.90
N ARG B 433 -37.28 -8.34 -31.75
CA ARG B 433 -38.65 -8.44 -31.26
C ARG B 433 -39.40 -7.18 -31.62
N VAL B 434 -40.61 -7.35 -32.17
CA VAL B 434 -41.46 -6.23 -32.56
C VAL B 434 -42.10 -5.68 -31.28
N THR B 435 -41.50 -4.62 -30.73
CA THR B 435 -41.97 -4.10 -29.45
C THR B 435 -43.18 -3.20 -29.59
N ALA B 436 -43.51 -2.76 -30.80
CA ALA B 436 -44.66 -1.88 -31.01
C ALA B 436 -45.05 -1.92 -32.47
N LEU B 437 -46.36 -1.99 -32.73
CA LEU B 437 -46.91 -1.94 -34.07
C LEU B 437 -47.94 -0.82 -34.13
N TRP B 438 -47.79 0.07 -35.11
CA TRP B 438 -48.68 1.21 -35.19
C TRP B 438 -48.65 1.79 -36.60
N GLU B 439 -49.75 2.42 -36.99
CA GLU B 439 -49.91 3.05 -38.28
C GLU B 439 -49.66 4.55 -38.14
N ASP B 440 -48.85 5.10 -39.04
CA ASP B 440 -48.53 6.53 -39.05
C ASP B 440 -49.30 7.20 -40.18
N SER B 441 -49.91 8.35 -39.87
CA SER B 441 -50.63 9.09 -40.89
C SER B 441 -49.71 9.70 -41.95
N SER B 442 -48.43 9.87 -41.63
CA SER B 442 -47.47 10.46 -42.56
C SER B 442 -46.71 9.42 -43.37
N ASN B 443 -46.15 8.42 -42.71
CA ASN B 443 -45.38 7.37 -43.37
C ASN B 443 -46.28 6.15 -43.61
N GLY B 444 -45.69 5.09 -44.14
CA GLY B 444 -46.41 3.86 -44.37
C GLY B 444 -46.60 3.06 -43.09
N GLN B 445 -46.57 1.73 -43.21
CA GLN B 445 -46.76 0.86 -42.05
C GLN B 445 -45.46 0.77 -41.27
N MET B 446 -45.51 1.14 -39.99
CA MET B 446 -44.33 1.37 -39.18
C MET B 446 -44.32 0.38 -38.01
N PHE B 447 -43.13 0.16 -37.44
CA PHE B 447 -43.03 -0.65 -36.23
C PHE B 447 -41.65 -0.45 -35.62
N HIS B 448 -41.57 -0.62 -34.31
CA HIS B 448 -40.32 -0.50 -33.58
C HIS B 448 -39.77 -1.88 -33.27
N ALA B 449 -38.54 -2.13 -33.66
CA ALA B 449 -37.88 -3.42 -33.47
C ALA B 449 -36.76 -3.25 -32.46
N HIS B 450 -36.79 -4.06 -31.40
CA HIS B 450 -35.72 -4.12 -30.41
C HIS B 450 -34.84 -5.32 -30.75
N TRP B 451 -33.58 -5.06 -31.03
CA TRP B 451 -32.71 -6.11 -31.54
C TRP B 451 -32.27 -7.06 -30.44
N PHE B 452 -31.96 -8.28 -30.86
CA PHE B 452 -31.19 -9.21 -30.04
C PHE B 452 -29.74 -9.20 -30.52
N CYS B 453 -28.89 -9.94 -29.83
CA CYS B 453 -27.51 -10.08 -30.28
C CYS B 453 -27.12 -11.55 -30.15
N ALA B 454 -26.59 -12.11 -31.23
CA ALA B 454 -26.18 -13.49 -31.22
C ALA B 454 -24.93 -13.67 -30.36
N GLY B 455 -24.75 -14.90 -29.87
CA GLY B 455 -23.60 -15.18 -29.03
C GLY B 455 -22.28 -14.98 -29.75
N THR B 456 -22.26 -15.23 -31.06
CA THR B 456 -21.03 -15.03 -31.83
C THR B 456 -20.64 -13.57 -31.90
N ASP B 457 -21.61 -12.65 -31.89
CA ASP B 457 -21.29 -11.24 -31.99
C ASP B 457 -20.73 -10.67 -30.70
N THR B 458 -20.90 -11.36 -29.58
CA THR B 458 -20.38 -10.90 -28.30
C THR B 458 -18.93 -11.32 -28.16
N VAL B 459 -18.39 -11.18 -26.94
CA VAL B 459 -17.05 -11.68 -26.65
C VAL B 459 -16.99 -13.19 -26.84
N LEU B 460 -18.12 -13.88 -26.67
CA LEU B 460 -18.14 -15.33 -26.73
C LEU B 460 -17.68 -15.84 -28.09
N GLY B 461 -18.14 -15.21 -29.16
CA GLY B 461 -17.71 -15.61 -30.50
C GLY B 461 -18.12 -17.04 -30.82
N ALA B 462 -17.15 -17.81 -31.30
CA ALA B 462 -17.42 -19.19 -31.69
C ALA B 462 -17.78 -20.07 -30.49
N THR B 463 -17.32 -19.70 -29.30
CA THR B 463 -17.57 -20.53 -28.13
C THR B 463 -19.05 -20.57 -27.76
N SER B 464 -19.80 -19.52 -28.07
CA SER B 464 -21.21 -19.47 -27.68
C SER B 464 -22.03 -20.51 -28.43
N ASP B 465 -23.13 -20.91 -27.81
CA ASP B 465 -24.08 -21.79 -28.46
C ASP B 465 -24.79 -21.03 -29.58
N PRO B 466 -24.84 -21.58 -30.80
CA PRO B 466 -25.49 -20.84 -31.90
C PRO B 466 -26.96 -20.55 -31.65
N LEU B 467 -27.63 -21.35 -30.84
CA LEU B 467 -29.04 -21.15 -30.55
C LEU B 467 -29.28 -20.12 -29.45
N GLU B 468 -28.22 -19.56 -28.87
CA GLU B 468 -28.32 -18.66 -27.74
C GLU B 468 -28.25 -17.21 -28.20
N LEU B 469 -28.96 -16.34 -27.48
CA LEU B 469 -29.04 -14.92 -27.80
C LEU B 469 -29.01 -14.11 -26.51
N PHE B 470 -28.77 -12.81 -26.66
CA PHE B 470 -28.72 -11.91 -25.51
C PHE B 470 -29.45 -10.61 -25.85
N LEU B 471 -30.07 -10.02 -24.83
CA LEU B 471 -30.65 -8.69 -25.00
C LEU B 471 -29.53 -7.66 -25.11
N VAL B 472 -29.88 -6.51 -25.68
CA VAL B 472 -28.94 -5.42 -25.89
C VAL B 472 -29.73 -4.13 -25.97
N ASP B 473 -29.07 -3.01 -25.72
CA ASP B 473 -29.72 -1.70 -25.72
C ASP B 473 -29.68 -1.05 -27.10
N GLU B 474 -30.10 -1.78 -28.12
CA GLU B 474 -30.19 -1.26 -29.49
C GLU B 474 -31.56 -1.59 -30.05
N CYS B 475 -32.34 -0.56 -30.35
CA CYS B 475 -33.64 -0.69 -30.98
C CYS B 475 -33.82 0.45 -31.96
N GLU B 476 -34.68 0.25 -32.96
CA GLU B 476 -34.87 1.28 -33.96
C GLU B 476 -36.25 1.15 -34.60
N ASP B 477 -36.71 2.26 -35.19
CA ASP B 477 -37.93 2.25 -35.98
C ASP B 477 -37.64 1.75 -37.38
N MET B 478 -38.60 1.03 -37.96
CA MET B 478 -38.43 0.43 -39.27
C MET B 478 -39.80 0.13 -39.84
N GLN B 479 -39.87 0.05 -41.16
CA GLN B 479 -41.09 -0.40 -41.80
C GLN B 479 -41.17 -1.92 -41.76
N LEU B 480 -42.39 -2.44 -41.65
CA LEU B 480 -42.58 -3.88 -41.65
C LEU B 480 -42.32 -4.51 -43.01
N SER B 481 -42.11 -3.71 -44.05
CA SER B 481 -41.80 -4.26 -45.37
C SER B 481 -40.51 -5.08 -45.36
N TYR B 482 -39.62 -4.86 -44.39
CA TYR B 482 -38.37 -5.61 -44.29
C TYR B 482 -38.52 -6.89 -43.48
N ILE B 483 -39.71 -7.21 -42.98
CA ILE B 483 -39.92 -8.42 -42.20
C ILE B 483 -39.73 -9.63 -43.09
N HIS B 484 -38.93 -10.60 -42.63
CA HIS B 484 -38.71 -11.84 -43.37
C HIS B 484 -39.63 -12.96 -42.90
N SER B 485 -39.54 -13.35 -41.63
CA SER B 485 -40.32 -14.47 -41.13
C SER B 485 -40.39 -14.42 -39.61
N LYS B 486 -41.28 -15.24 -39.06
CA LYS B 486 -41.48 -15.33 -37.62
C LYS B 486 -40.62 -16.45 -37.04
N VAL B 487 -39.94 -16.16 -35.95
CA VAL B 487 -39.13 -17.13 -35.22
C VAL B 487 -39.56 -17.12 -33.76
N LYS B 488 -39.52 -18.27 -33.12
CA LYS B 488 -39.95 -18.41 -31.73
C LYS B 488 -38.74 -18.52 -30.82
N VAL B 489 -38.72 -17.72 -29.76
CA VAL B 489 -37.69 -17.78 -28.74
C VAL B 489 -38.37 -17.94 -27.38
N ILE B 490 -37.61 -18.41 -26.41
CA ILE B 490 -38.11 -18.67 -25.07
C ILE B 490 -37.14 -18.07 -24.06
N TYR B 491 -37.68 -17.39 -23.05
CA TYR B 491 -36.86 -16.83 -21.99
C TYR B 491 -36.55 -17.93 -20.99
N LYS B 492 -35.35 -18.50 -21.07
CA LYS B 492 -34.94 -19.59 -20.19
C LYS B 492 -34.59 -18.99 -18.82
N ALA B 493 -35.63 -18.78 -18.01
CA ALA B 493 -35.43 -18.27 -16.68
C ALA B 493 -34.76 -19.34 -15.81
N PRO B 494 -33.93 -18.92 -14.85
CA PRO B 494 -33.29 -19.90 -13.96
C PRO B 494 -34.32 -20.58 -13.07
N SER B 495 -34.01 -21.82 -12.69
CA SER B 495 -34.90 -22.59 -11.84
C SER B 495 -35.03 -21.94 -10.46
N GLU B 496 -36.19 -22.14 -9.84
CA GLU B 496 -36.42 -21.58 -8.51
C GLU B 496 -35.52 -22.21 -7.45
N ASN B 497 -35.00 -23.41 -7.71
CA ASN B 497 -34.03 -24.06 -6.83
C ASN B 497 -32.62 -23.97 -7.41
N TRP B 498 -32.29 -22.82 -8.01
CA TRP B 498 -31.03 -22.68 -8.72
C TRP B 498 -29.83 -22.98 -7.82
N ALA B 499 -29.93 -22.68 -6.53
CA ALA B 499 -28.82 -22.96 -5.62
C ALA B 499 -28.53 -24.45 -5.49
N MET B 500 -29.51 -25.31 -5.77
CA MET B 500 -29.36 -26.74 -5.60
C MET B 500 -29.15 -27.48 -6.92
N GLU B 501 -29.00 -26.76 -8.03
CA GLU B 501 -28.89 -27.39 -9.34
C GLU B 501 -27.48 -27.84 -9.70
N GLY B 502 -26.48 -27.53 -8.87
CA GLY B 502 -25.11 -27.90 -9.19
C GLY B 502 -24.90 -29.40 -9.04
N GLY B 503 -24.29 -30.00 -10.06
CA GLY B 503 -23.93 -31.41 -10.04
C GLY B 503 -24.91 -32.33 -10.75
N MET B 504 -26.13 -31.89 -10.99
CA MET B 504 -27.10 -32.72 -11.69
C MET B 504 -26.74 -32.86 -13.15
N ASP B 505 -27.18 -33.96 -13.75
CA ASP B 505 -26.89 -34.24 -15.15
C ASP B 505 -27.65 -33.26 -16.05
N PRO B 506 -26.98 -32.59 -16.98
CA PRO B 506 -27.71 -31.68 -17.87
C PRO B 506 -28.71 -32.38 -18.76
N GLU B 507 -28.45 -33.65 -19.12
CA GLU B 507 -29.40 -34.39 -19.94
C GLU B 507 -30.72 -34.60 -19.20
N SER B 508 -30.65 -34.78 -17.88
CA SER B 508 -31.87 -34.86 -17.08
C SER B 508 -32.64 -33.54 -17.14
N LEU B 509 -31.93 -32.41 -17.12
CA LEU B 509 -32.53 -31.10 -17.22
C LEU B 509 -32.59 -30.59 -18.66
N LEU B 510 -32.16 -31.39 -19.63
CA LEU B 510 -32.20 -30.96 -21.03
C LEU B 510 -33.63 -30.89 -21.57
N GLU B 511 -34.59 -31.57 -20.94
CA GLU B 511 -35.96 -31.53 -21.39
C GLU B 511 -36.54 -30.13 -21.20
N GLY B 512 -37.23 -29.62 -22.22
CA GLY B 512 -37.47 -30.34 -23.46
C GLY B 512 -37.44 -29.45 -24.69
N ASP B 513 -37.51 -30.06 -25.87
CA ASP B 513 -37.47 -29.35 -27.15
C ASP B 513 -36.21 -28.50 -27.27
N ASP B 514 -35.10 -29.02 -26.74
CA ASP B 514 -33.83 -28.33 -26.78
C ASP B 514 -32.72 -29.32 -27.09
N GLY B 515 -31.75 -28.90 -27.91
CA GLY B 515 -31.71 -27.58 -28.50
C GLY B 515 -32.36 -27.52 -29.88
N LYS B 516 -33.53 -26.91 -29.95
CA LYS B 516 -34.29 -26.81 -31.19
C LYS B 516 -34.59 -25.38 -31.59
N THR B 517 -34.87 -24.50 -30.64
CA THR B 517 -35.27 -23.13 -30.93
C THR B 517 -34.34 -22.16 -30.20
N TYR B 518 -34.45 -20.89 -30.59
CA TYR B 518 -33.65 -19.83 -29.99
C TYR B 518 -34.12 -19.52 -28.58
N PHE B 519 -33.22 -18.97 -27.77
CA PHE B 519 -33.55 -18.64 -26.39
C PHE B 519 -32.51 -17.67 -25.84
N TYR B 520 -32.94 -16.84 -24.90
CA TYR B 520 -32.11 -15.80 -24.31
C TYR B 520 -32.28 -15.82 -22.79
N GLN B 521 -31.20 -15.48 -22.08
CA GLN B 521 -31.26 -15.44 -20.61
C GLN B 521 -30.56 -14.24 -19.98
N LEU B 522 -29.67 -13.54 -20.67
CA LEU B 522 -28.84 -12.51 -20.05
C LEU B 522 -28.80 -11.26 -20.91
N TRP B 523 -29.01 -10.10 -20.28
CA TRP B 523 -28.73 -8.84 -20.95
C TRP B 523 -27.23 -8.68 -21.14
N TYR B 524 -26.84 -8.14 -22.29
CA TYR B 524 -25.43 -8.03 -22.66
C TYR B 524 -25.10 -6.58 -23.00
N ASP B 525 -24.00 -6.09 -22.44
CA ASP B 525 -23.45 -4.78 -22.76
C ASP B 525 -22.05 -4.99 -23.33
N GLN B 526 -21.89 -4.72 -24.62
CA GLN B 526 -20.63 -5.00 -25.29
C GLN B 526 -19.52 -4.03 -24.88
N ASP B 527 -19.90 -2.81 -24.49
CA ASP B 527 -18.89 -1.80 -24.17
C ASP B 527 -18.01 -2.24 -23.01
N TYR B 528 -18.62 -2.63 -21.90
CA TYR B 528 -17.88 -3.08 -20.72
C TYR B 528 -17.78 -4.59 -20.63
N ALA B 529 -18.27 -5.32 -21.63
CA ALA B 529 -18.32 -6.78 -21.61
C ALA B 529 -19.04 -7.27 -20.36
N ARG B 530 -20.26 -6.76 -20.17
CA ARG B 530 -21.06 -7.03 -18.98
C ARG B 530 -22.22 -7.95 -19.32
N PHE B 531 -22.46 -8.93 -18.46
CA PHE B 531 -23.60 -9.83 -18.57
C PHE B 531 -24.43 -9.68 -17.30
N GLU B 532 -25.65 -9.19 -17.45
CA GLU B 532 -26.54 -8.96 -16.33
C GLU B 532 -27.81 -9.77 -16.49
N SER B 533 -28.57 -9.90 -15.41
CA SER B 533 -29.92 -10.41 -15.52
C SER B 533 -30.78 -9.39 -16.28
N PRO B 534 -31.81 -9.84 -16.99
CA PRO B 534 -32.62 -8.91 -17.77
C PRO B 534 -33.20 -7.82 -16.89
N PRO B 535 -33.21 -6.57 -17.37
CA PRO B 535 -33.75 -5.48 -16.55
C PRO B 535 -35.21 -5.71 -16.24
N LYS B 536 -35.56 -5.48 -14.97
CA LYS B 536 -36.92 -5.72 -14.49
C LYS B 536 -37.79 -4.47 -14.57
N THR B 537 -37.50 -3.57 -15.51
CA THR B 537 -38.32 -2.39 -15.69
C THR B 537 -39.74 -2.77 -16.07
N GLN B 538 -40.72 -2.17 -15.40
CA GLN B 538 -42.12 -2.50 -15.60
C GLN B 538 -42.80 -1.41 -16.41
N PRO B 539 -43.36 -1.73 -17.57
CA PRO B 539 -44.09 -0.72 -18.35
C PRO B 539 -45.29 -0.18 -17.59
N THR B 540 -45.60 1.09 -17.83
CA THR B 540 -46.79 1.70 -17.26
C THR B 540 -48.02 1.29 -18.07
N GLU B 541 -49.20 1.52 -17.49
CA GLU B 541 -50.44 1.02 -18.09
C GLU B 541 -50.70 1.64 -19.46
N ASP B 542 -50.45 2.95 -19.60
CA ASP B 542 -50.60 3.59 -20.90
C ASP B 542 -49.55 3.10 -21.90
N ASN B 543 -48.52 2.39 -21.44
CA ASN B 543 -47.46 1.92 -22.29
C ASN B 543 -47.37 0.39 -22.37
N LYS B 544 -48.46 -0.33 -22.11
CA LYS B 544 -48.43 -1.78 -22.31
C LYS B 544 -47.98 -2.15 -23.72
N PHE B 545 -48.57 -1.54 -24.74
CA PHE B 545 -48.48 -2.07 -26.09
C PHE B 545 -47.58 -1.23 -26.99
N LYS B 546 -46.71 -0.42 -26.39
CA LYS B 546 -45.67 0.27 -27.15
C LYS B 546 -44.35 0.31 -26.41
N PHE B 547 -44.24 -0.38 -25.26
CA PHE B 547 -43.04 -0.28 -24.44
C PHE B 547 -41.88 -1.03 -25.05
N CYS B 548 -40.69 -0.43 -24.94
CA CYS B 548 -39.45 -1.04 -25.35
C CYS B 548 -38.42 -0.80 -24.25
N VAL B 549 -37.85 -1.90 -23.72
CA VAL B 549 -36.87 -1.76 -22.65
C VAL B 549 -35.65 -1.00 -23.14
N SER B 550 -35.27 -1.18 -24.40
CA SER B 550 -34.14 -0.44 -24.95
C SER B 550 -34.43 1.06 -24.99
N CYS B 551 -35.63 1.43 -25.42
CA CYS B 551 -36.00 2.85 -25.45
C CYS B 551 -35.98 3.44 -24.05
N ALA B 552 -36.53 2.73 -23.07
CA ALA B 552 -36.55 3.23 -21.70
C ALA B 552 -35.14 3.39 -21.15
N ARG B 553 -34.27 2.40 -21.40
CA ARG B 553 -32.90 2.49 -20.91
C ARG B 553 -32.16 3.64 -21.56
N LEU B 554 -32.33 3.83 -22.87
CA LEU B 554 -31.68 4.97 -23.53
C LEU B 554 -32.19 6.29 -23.00
N ALA B 555 -33.50 6.40 -22.76
CA ALA B 555 -34.07 7.64 -22.24
C ALA B 555 -33.53 7.94 -20.85
N GLU B 556 -33.51 6.95 -19.97
CA GLU B 556 -33.00 7.18 -18.61
C GLU B 556 -31.52 7.50 -18.64
N MET B 557 -30.76 6.85 -19.52
CA MET B 557 -29.34 7.13 -19.62
C MET B 557 -29.08 8.55 -20.09
N ARG B 558 -29.81 8.98 -21.14
CA ARG B 558 -29.58 10.34 -21.66
C ARG B 558 -30.04 11.40 -20.68
N GLN B 559 -31.11 11.13 -19.92
CA GLN B 559 -31.50 12.06 -18.86
C GLN B 559 -30.47 12.10 -17.75
N LYS B 560 -29.84 10.95 -17.47
CA LYS B 560 -28.87 10.87 -16.38
C LYS B 560 -27.61 11.67 -16.69
N GLU B 561 -27.08 11.53 -17.92
CA GLU B 561 -25.81 12.18 -18.25
C GLU B 561 -25.93 13.70 -18.32
N ILE B 562 -27.13 14.22 -18.59
CA ILE B 562 -27.30 15.66 -18.76
C ILE B 562 -27.09 16.34 -17.42
N PRO B 563 -26.13 17.26 -17.32
CA PRO B 563 -25.95 18.01 -16.07
C PRO B 563 -27.04 19.05 -15.89
N ARG B 564 -27.95 18.80 -14.95
CA ARG B 564 -29.15 19.62 -14.77
C ARG B 564 -29.15 20.22 -13.38
N VAL B 565 -29.41 21.52 -13.31
CA VAL B 565 -29.54 22.21 -12.02
C VAL B 565 -30.95 22.01 -11.51
N LEU B 566 -31.12 22.03 -10.18
CA LEU B 566 -32.35 21.54 -9.56
C LEU B 566 -33.20 22.65 -8.96
N GLU B 567 -32.66 23.46 -8.04
CA GLU B 567 -33.49 24.37 -7.26
C GLU B 567 -32.97 25.80 -7.37
N GLN B 568 -33.87 26.73 -7.69
CA GLN B 568 -33.55 28.16 -7.67
C GLN B 568 -33.50 28.66 -6.23
N LEU B 569 -32.54 29.56 -5.97
CA LEU B 569 -32.39 30.14 -4.63
C LEU B 569 -32.58 31.65 -4.62
N GLU B 570 -31.84 32.37 -5.47
CA GLU B 570 -31.86 33.83 -5.43
C GLU B 570 -31.56 34.36 -6.84
N ASP B 571 -31.95 35.61 -7.06
CA ASP B 571 -31.85 36.24 -8.37
C ASP B 571 -31.05 37.53 -8.28
N LEU B 572 -30.19 37.75 -9.25
CA LEU B 572 -29.45 38.99 -9.42
C LEU B 572 -29.62 39.49 -10.85
N ASP B 573 -29.19 40.74 -11.07
CA ASP B 573 -29.37 41.35 -12.39
C ASP B 573 -28.57 40.64 -13.47
N SER B 574 -27.44 40.03 -13.11
CA SER B 574 -26.57 39.37 -14.08
C SER B 574 -26.54 37.85 -13.94
N ARG B 575 -26.57 37.32 -12.72
CA ARG B 575 -26.49 35.89 -12.50
C ARG B 575 -27.66 35.46 -11.62
N VAL B 576 -28.05 34.20 -11.78
CA VAL B 576 -29.13 33.61 -10.98
C VAL B 576 -28.55 32.48 -10.15
N LEU B 577 -28.96 32.42 -8.88
CA LEU B 577 -28.38 31.53 -7.90
C LEU B 577 -29.24 30.28 -7.72
N TYR B 578 -28.57 29.17 -7.41
CA TYR B 578 -29.24 27.90 -7.22
C TYR B 578 -28.69 27.23 -5.96
N TYR B 579 -29.52 26.37 -5.36
CA TYR B 579 -29.16 25.72 -4.10
C TYR B 579 -28.57 24.33 -4.28
N SER B 580 -28.87 23.65 -5.38
CA SER B 580 -28.34 22.30 -5.60
C SER B 580 -28.37 22.00 -7.09
N ALA B 581 -27.65 20.95 -7.46
CA ALA B 581 -27.60 20.49 -8.84
C ALA B 581 -27.32 18.99 -8.84
N THR B 582 -27.28 18.40 -10.03
CA THR B 582 -27.00 16.97 -10.13
C THR B 582 -26.30 16.67 -11.44
N LYS B 583 -25.62 15.52 -11.46
CA LYS B 583 -24.93 15.03 -12.65
C LYS B 583 -24.61 13.57 -12.46
N ASN B 584 -24.84 12.76 -13.50
CA ASN B 584 -24.42 11.37 -13.54
C ASN B 584 -24.98 10.58 -12.36
N GLY B 585 -26.21 10.90 -11.97
CA GLY B 585 -26.84 10.21 -10.86
C GLY B 585 -26.29 10.57 -9.50
N ILE B 586 -25.70 11.76 -9.36
CA ILE B 586 -25.14 12.22 -8.09
C ILE B 586 -25.66 13.63 -7.84
N LEU B 587 -26.06 13.90 -6.60
CA LEU B 587 -26.64 15.17 -6.21
C LEU B 587 -25.63 15.97 -5.41
N TYR B 588 -25.37 17.21 -5.85
CA TYR B 588 -24.45 18.12 -5.18
C TYR B 588 -25.24 19.28 -4.60
N ARG B 589 -24.84 19.72 -3.41
CA ARG B 589 -25.46 20.85 -2.73
C ARG B 589 -24.39 21.81 -2.26
N VAL B 590 -24.80 23.03 -1.91
CA VAL B 590 -23.85 24.03 -1.44
C VAL B 590 -23.29 23.60 -0.10
N GLY B 591 -22.00 23.22 -0.09
CA GLY B 591 -21.37 22.75 1.13
C GLY B 591 -20.89 21.32 1.05
N ASP B 592 -20.75 20.80 -0.17
CA ASP B 592 -20.22 19.47 -0.38
C ASP B 592 -18.84 19.55 -1.00
N GLY B 593 -17.91 18.74 -0.50
CA GLY B 593 -16.60 18.67 -1.11
C GLY B 593 -16.71 18.19 -2.54
N VAL B 594 -15.90 18.77 -3.42
CA VAL B 594 -16.02 18.56 -4.85
C VAL B 594 -14.63 18.34 -5.45
N TYR B 595 -14.51 17.33 -6.30
CA TYR B 595 -13.29 17.09 -7.06
C TYR B 595 -13.22 18.05 -8.24
N LEU B 596 -11.99 18.23 -8.76
CA LEU B 596 -11.77 19.09 -9.90
C LEU B 596 -10.52 18.59 -10.61
N PRO B 597 -10.52 18.59 -11.94
CA PRO B 597 -9.36 18.08 -12.67
C PRO B 597 -8.14 18.95 -12.42
N PRO B 598 -6.93 18.38 -12.47
CA PRO B 598 -5.74 19.11 -12.03
C PRO B 598 -5.51 20.46 -12.71
N GLU B 599 -6.14 20.68 -13.86
CA GLU B 599 -6.00 21.93 -14.59
C GLU B 599 -7.11 22.93 -14.29
N ALA B 600 -7.99 22.63 -13.33
CA ALA B 600 -9.16 23.46 -13.10
C ALA B 600 -8.78 24.86 -12.62
N PHE B 601 -7.85 24.95 -11.67
CA PHE B 601 -7.48 26.23 -11.10
C PHE B 601 -6.03 26.18 -10.63
N THR B 602 -5.47 27.37 -10.36
CA THR B 602 -4.09 27.52 -9.97
C THR B 602 -4.00 28.24 -8.62
N PHE B 603 -2.92 27.99 -7.91
CA PHE B 603 -2.69 28.57 -6.60
C PHE B 603 -2.02 29.93 -6.70
N ASN B 604 -2.09 30.70 -5.62
CA ASN B 604 -1.41 31.98 -5.55
C ASN B 604 0.06 31.85 -5.16
N ILE B 605 0.47 30.68 -4.65
CA ILE B 605 1.87 30.43 -4.38
C ILE B 605 2.63 30.37 -5.71
N LYS B 606 3.90 30.75 -5.68
CA LYS B 606 4.73 30.67 -6.89
C LYS B 606 4.88 29.24 -7.39
N LEU B 607 4.57 28.26 -6.55
CA LEU B 607 4.59 26.82 -6.90
C LEU B 607 6.02 26.45 -7.28
N SER B 608 6.24 25.74 -8.37
CA SER B 608 7.57 25.26 -8.70
C SER B 608 8.50 26.41 -9.08
N SER B 609 9.64 26.48 -8.43
CA SER B 609 10.68 27.45 -8.75
C SER B 609 11.89 26.71 -9.29
N PRO B 610 12.19 26.81 -10.59
CA PRO B 610 13.30 26.09 -11.23
C PRO B 610 14.66 26.39 -10.62
N PRO B 614 21.82 20.53 -12.70
CA PRO B 614 23.27 20.67 -12.87
C PRO B 614 23.88 19.50 -13.64
N ARG B 615 25.15 19.62 -14.01
CA ARG B 615 25.86 18.59 -14.75
C ARG B 615 27.21 18.35 -14.08
N LYS B 616 27.54 17.07 -13.88
CA LYS B 616 28.83 16.70 -13.32
C LYS B 616 29.89 16.60 -14.40
N GLU B 617 31.15 16.71 -13.97
CA GLU B 617 32.24 16.55 -14.90
C GLU B 617 32.36 15.09 -15.35
N PRO B 618 32.83 14.83 -16.57
CA PRO B 618 32.97 13.45 -17.04
C PRO B 618 33.87 12.64 -16.13
N VAL B 619 33.29 11.61 -15.51
CA VAL B 619 34.03 10.82 -14.53
C VAL B 619 35.20 10.09 -15.21
N ASP B 620 36.16 9.68 -14.38
CA ASP B 620 37.34 9.00 -14.89
C ASP B 620 36.95 7.66 -15.53
N GLU B 621 37.42 7.45 -16.76
CA GLU B 621 37.16 6.19 -17.45
C GLU B 621 38.02 5.05 -16.93
N ASP B 622 39.07 5.35 -16.16
CA ASP B 622 39.82 4.28 -15.49
C ASP B 622 39.08 3.82 -14.25
N LEU B 623 38.75 4.75 -13.36
CA LEU B 623 37.99 4.41 -12.16
C LEU B 623 36.60 3.90 -12.53
N TYR B 624 35.96 4.53 -13.53
CA TYR B 624 34.58 4.23 -13.92
C TYR B 624 34.58 3.90 -15.40
N PRO B 625 34.95 2.67 -15.78
CA PRO B 625 35.01 2.30 -17.19
C PRO B 625 33.68 1.90 -17.82
N GLU B 626 32.55 2.18 -17.16
CA GLU B 626 31.27 1.75 -17.72
C GLU B 626 30.21 2.83 -17.58
N HIS B 627 30.58 4.07 -17.27
CA HIS B 627 29.60 5.14 -17.13
C HIS B 627 28.97 5.51 -18.46
N TYR B 628 29.71 5.33 -19.56
CA TYR B 628 29.24 5.79 -20.86
C TYR B 628 27.92 5.13 -21.26
N ARG B 629 27.68 3.89 -20.81
CA ARG B 629 26.43 3.22 -21.17
C ARG B 629 25.21 3.83 -20.53
N LYS B 630 25.38 4.73 -19.55
CA LYS B 630 24.21 5.36 -18.93
C LYS B 630 23.40 6.11 -19.98
N TYR B 631 24.06 6.96 -20.77
CA TYR B 631 23.44 7.63 -21.90
C TYR B 631 24.52 8.29 -22.72
N SER B 632 24.34 8.30 -24.04
CA SER B 632 25.29 8.90 -24.98
C SER B 632 26.68 8.32 -24.82
N LEU B 640 6.80 10.05 -19.33
CA LEU B 640 5.62 10.52 -18.61
C LEU B 640 5.77 10.34 -17.11
N ASP B 641 5.08 11.17 -16.35
CA ASP B 641 5.13 11.13 -14.89
C ASP B 641 3.72 11.16 -14.33
N ALA B 642 3.56 10.58 -13.14
CA ALA B 642 2.25 10.51 -12.53
C ALA B 642 1.70 11.92 -12.28
N PRO B 643 0.49 12.21 -12.70
CA PRO B 643 -0.04 13.58 -12.57
C PRO B 643 -0.41 13.89 -11.13
N GLU B 644 -0.47 15.20 -10.85
CA GLU B 644 -0.89 15.65 -9.54
C GLU B 644 -2.33 15.20 -9.28
N PRO B 645 -2.66 14.82 -8.05
CA PRO B 645 -4.00 14.28 -7.79
C PRO B 645 -5.12 15.29 -8.01
N TYR B 646 -6.35 14.84 -7.86
CA TYR B 646 -7.50 15.72 -8.06
C TYR B 646 -7.42 16.93 -7.14
N ARG B 647 -7.64 18.10 -7.72
CA ARG B 647 -7.88 19.27 -6.88
C ARG B 647 -9.18 19.05 -6.11
N ILE B 648 -9.22 19.54 -4.88
CA ILE B 648 -10.38 19.35 -4.02
C ILE B 648 -10.80 20.71 -3.48
N GLY B 649 -12.09 21.02 -3.58
CA GLY B 649 -12.58 22.30 -3.14
C GLY B 649 -13.93 22.18 -2.45
N ARG B 650 -14.39 23.31 -1.93
CA ARG B 650 -15.70 23.39 -1.29
C ARG B 650 -16.53 24.44 -2.00
N ILE B 651 -17.76 24.09 -2.40
CA ILE B 651 -18.61 25.02 -3.10
C ILE B 651 -19.00 26.17 -2.19
N LYS B 652 -18.92 27.39 -2.71
CA LYS B 652 -19.50 28.55 -2.04
C LYS B 652 -20.87 28.90 -2.59
N GLU B 653 -21.06 28.79 -3.90
CA GLU B 653 -22.36 29.01 -4.51
C GLU B 653 -22.39 28.33 -5.87
N ILE B 654 -23.61 28.03 -6.33
CA ILE B 654 -23.87 27.54 -7.68
C ILE B 654 -24.73 28.58 -8.37
N PHE B 655 -24.31 29.00 -9.57
CA PHE B 655 -25.04 30.05 -10.26
C PHE B 655 -24.94 29.84 -11.77
N CYS B 656 -25.85 30.49 -12.48
CA CYS B 656 -25.92 30.45 -13.92
C CYS B 656 -26.02 31.86 -14.48
N PRO B 657 -25.47 32.10 -15.67
CA PRO B 657 -25.53 33.45 -16.25
C PRO B 657 -26.81 33.70 -17.01
N LYS B 658 -27.37 34.89 -16.80
CA LYS B 658 -28.57 35.29 -17.51
C LYS B 658 -28.28 35.52 -18.98
N LYS B 659 -29.22 35.16 -19.84
CA LYS B 659 -29.05 35.30 -21.27
C LYS B 659 -29.38 36.74 -21.69
N SER B 660 -29.31 36.98 -23.01
CA SER B 660 -29.64 38.32 -23.53
C SER B 660 -31.10 38.66 -23.25
N ASN B 661 -32.00 37.70 -23.42
CA ASN B 661 -33.40 37.91 -23.10
C ASN B 661 -33.66 38.04 -21.61
N GLY B 662 -32.68 37.73 -20.77
CA GLY B 662 -32.83 37.76 -19.33
C GLY B 662 -33.12 36.40 -18.71
N ARG B 663 -33.54 35.43 -19.51
CA ARG B 663 -33.80 34.10 -18.99
C ARG B 663 -32.49 33.43 -18.59
N PRO B 664 -32.49 32.64 -17.50
CA PRO B 664 -31.26 31.95 -17.10
C PRO B 664 -30.82 30.95 -18.16
N ASN B 665 -29.50 30.80 -18.31
CA ASN B 665 -28.92 29.87 -19.26
C ASN B 665 -28.60 28.57 -18.53
N GLU B 666 -29.39 27.54 -18.79
CA GLU B 666 -29.20 26.24 -18.16
C GLU B 666 -28.27 25.32 -18.96
N THR B 667 -27.75 25.79 -20.09
CA THR B 667 -26.79 24.99 -20.83
C THR B 667 -25.51 24.79 -20.04
N ASP B 668 -25.06 25.82 -19.33
CA ASP B 668 -23.88 25.73 -18.49
C ASP B 668 -24.20 26.19 -17.08
N ILE B 669 -23.39 25.71 -16.12
CA ILE B 669 -23.50 26.10 -14.73
C ILE B 669 -22.10 26.42 -14.22
N LYS B 670 -21.93 27.62 -13.66
CA LYS B 670 -20.65 28.08 -13.15
C LYS B 670 -20.62 27.91 -11.64
N ILE B 671 -19.52 27.38 -11.13
CA ILE B 671 -19.39 27.00 -9.72
C ILE B 671 -18.21 27.76 -9.13
N ARG B 672 -18.44 28.41 -7.99
CA ARG B 672 -17.41 29.10 -7.23
C ARG B 672 -16.93 28.18 -6.11
N VAL B 673 -15.61 28.02 -6.02
CA VAL B 673 -14.99 27.02 -5.14
C VAL B 673 -13.94 27.68 -4.27
N ASN B 674 -13.96 27.37 -2.98
CA ASN B 674 -12.84 27.64 -2.09
C ASN B 674 -11.86 26.49 -2.19
N LYS B 675 -10.59 26.81 -2.41
CA LYS B 675 -9.56 25.83 -2.68
C LYS B 675 -8.99 25.27 -1.39
N PHE B 676 -8.58 24.00 -1.45
CA PHE B 676 -8.00 23.29 -0.32
C PHE B 676 -6.56 22.94 -0.67
N TYR B 677 -5.61 23.73 -0.18
CA TYR B 677 -4.20 23.45 -0.40
C TYR B 677 -3.81 22.12 0.24
N ARG B 678 -3.38 21.18 -0.57
CA ARG B 678 -2.80 19.96 -0.05
C ARG B 678 -1.43 20.26 0.55
N PRO B 679 -0.92 19.37 1.42
CA PRO B 679 0.40 19.64 2.01
C PRO B 679 1.50 19.76 0.96
N GLU B 680 1.40 19.01 -0.14
CA GLU B 680 2.37 19.14 -1.22
C GLU B 680 2.37 20.54 -1.80
N ASN B 681 1.19 21.08 -2.05
CA ASN B 681 1.05 22.30 -2.85
C ASN B 681 1.39 23.56 -2.07
N THR B 682 1.51 23.48 -0.75
CA THR B 682 1.92 24.64 0.03
C THR B 682 3.40 24.93 -0.20
N HIS B 683 3.86 26.07 0.33
CA HIS B 683 5.21 26.55 0.04
C HIS B 683 6.28 25.59 0.53
N LYS B 684 5.96 24.70 1.46
CA LYS B 684 6.94 23.72 1.93
C LYS B 684 7.21 22.63 0.89
N SER B 685 6.45 22.60 -0.20
CA SER B 685 6.67 21.66 -1.30
C SER B 685 6.52 20.21 -0.88
N THR B 686 6.93 19.30 -1.77
CA THR B 686 6.72 17.88 -1.58
C THR B 686 7.20 17.33 -0.24
N PRO B 687 8.34 17.73 0.32
CA PRO B 687 8.75 17.18 1.62
C PRO B 687 7.74 17.42 2.73
N ALA B 688 6.86 18.42 2.60
CA ALA B 688 5.80 18.60 3.58
C ALA B 688 4.80 17.45 3.57
N SER B 689 4.80 16.60 2.55
CA SER B 689 3.86 15.50 2.43
C SER B 689 4.46 14.16 2.75
N TYR B 690 5.71 14.12 3.26
CA TYR B 690 6.29 12.83 3.64
C TYR B 690 5.63 12.29 4.89
N HIS B 691 5.28 13.17 5.84
CA HIS B 691 4.76 12.78 7.14
C HIS B 691 3.27 12.95 7.29
N ALA B 692 2.67 13.94 6.64
CA ALA B 692 1.29 14.31 6.90
C ALA B 692 0.33 13.19 6.51
N ASP B 693 -0.88 13.26 7.07
CA ASP B 693 -1.91 12.27 6.76
C ASP B 693 -2.29 12.36 5.29
N ILE B 694 -2.70 11.22 4.73
CA ILE B 694 -3.03 11.17 3.31
C ILE B 694 -4.26 12.03 3.03
N ASN B 695 -5.22 12.06 3.96
CA ASN B 695 -6.39 12.91 3.79
C ASN B 695 -6.05 14.38 3.89
N LEU B 696 -5.04 14.73 4.69
CA LEU B 696 -4.96 16.06 5.28
C LEU B 696 -5.01 17.17 4.22
N LEU B 697 -5.78 18.21 4.53
CA LEU B 697 -5.98 19.37 3.67
C LEU B 697 -5.76 20.62 4.49
N TYR B 698 -5.64 21.75 3.79
CA TYR B 698 -5.53 23.06 4.43
C TYR B 698 -6.58 23.99 3.84
N TRP B 699 -7.35 24.64 4.71
CA TRP B 699 -8.31 25.64 4.26
C TRP B 699 -7.58 26.88 3.75
N SER B 700 -8.22 27.57 2.82
CA SER B 700 -7.68 28.82 2.29
C SER B 700 -8.84 29.78 2.09
N ASP B 701 -8.56 30.93 1.46
CA ASP B 701 -9.59 31.92 1.21
C ASP B 701 -9.70 32.31 -0.25
N GLU B 702 -8.80 31.84 -1.12
CA GLU B 702 -8.89 32.17 -2.53
C GLU B 702 -10.07 31.46 -3.19
N GLU B 703 -10.72 32.15 -4.11
CA GLU B 703 -11.90 31.64 -4.79
C GLU B 703 -11.61 31.41 -6.26
N ALA B 704 -12.07 30.28 -6.79
CA ALA B 704 -11.94 29.95 -8.20
C ALA B 704 -13.32 29.72 -8.80
N VAL B 705 -13.39 29.75 -10.12
CA VAL B 705 -14.64 29.51 -10.85
C VAL B 705 -14.39 28.45 -11.91
N VAL B 706 -15.25 27.43 -11.93
CA VAL B 706 -15.12 26.34 -12.88
C VAL B 706 -16.48 26.06 -13.52
N ASP B 707 -16.44 25.38 -14.67
CA ASP B 707 -17.66 24.93 -15.32
C ASP B 707 -18.15 23.66 -14.64
N PHE B 708 -19.48 23.52 -14.53
CA PHE B 708 -20.03 22.37 -13.81
C PHE B 708 -19.62 21.06 -14.45
N LYS B 709 -19.44 21.04 -15.77
CA LYS B 709 -19.00 19.81 -16.43
C LYS B 709 -17.64 19.37 -15.94
N ALA B 710 -16.82 20.28 -15.43
CA ALA B 710 -15.49 19.93 -14.95
C ALA B 710 -15.55 19.14 -13.65
N VAL B 711 -16.61 19.33 -12.85
CA VAL B 711 -16.75 18.60 -11.60
C VAL B 711 -16.80 17.11 -11.88
N GLN B 712 -15.97 16.34 -11.17
CA GLN B 712 -15.84 14.91 -11.44
C GLN B 712 -16.36 14.03 -10.32
N GLY B 713 -16.82 14.59 -9.20
CA GLY B 713 -17.33 13.76 -8.13
C GLY B 713 -17.42 14.51 -6.82
N ARG B 714 -18.13 13.89 -5.88
CA ARG B 714 -18.35 14.46 -4.57
C ARG B 714 -17.49 13.75 -3.54
N CYS B 715 -16.82 14.53 -2.69
CA CYS B 715 -16.09 14.05 -1.54
C CYS B 715 -16.50 14.90 -0.35
N THR B 716 -16.59 14.26 0.82
CA THR B 716 -16.99 14.96 2.04
C THR B 716 -15.74 15.54 2.70
N VAL B 717 -15.65 16.86 2.75
CA VAL B 717 -14.57 17.56 3.41
C VAL B 717 -15.12 18.16 4.70
N GLU B 718 -14.45 17.90 5.81
CA GLU B 718 -15.00 18.16 7.13
C GLU B 718 -13.91 18.65 8.07
N TYR B 719 -14.33 19.28 9.16
CA TYR B 719 -13.42 19.75 10.18
C TYR B 719 -12.91 18.58 11.01
N GLY B 720 -11.87 18.83 11.80
CA GLY B 720 -11.25 17.80 12.60
C GLY B 720 -11.51 17.90 14.08
N GLU B 721 -12.07 19.04 14.52
CA GLU B 721 -12.46 19.23 15.91
C GLU B 721 -13.96 19.06 16.13
N ASP B 722 -14.79 19.62 15.25
CA ASP B 722 -16.23 19.39 15.32
C ASP B 722 -16.62 17.96 15.01
N LEU B 723 -15.64 17.10 14.71
CA LEU B 723 -15.92 15.69 14.50
C LEU B 723 -16.40 15.06 15.81
N PRO B 724 -17.52 14.33 15.80
CA PRO B 724 -17.98 13.68 17.04
C PRO B 724 -17.05 12.61 17.56
N GLU B 725 -16.19 12.03 16.72
CA GLU B 725 -15.25 10.99 17.13
C GLU B 725 -13.84 11.42 16.72
N CYS B 726 -12.87 10.56 17.05
CA CYS B 726 -11.51 10.80 16.62
C CYS B 726 -11.41 10.73 15.10
N VAL B 727 -10.50 11.52 14.54
CA VAL B 727 -10.39 11.65 13.10
C VAL B 727 -10.04 10.33 12.41
N GLN B 728 -9.41 9.41 13.13
CA GLN B 728 -9.07 8.12 12.54
C GLN B 728 -10.33 7.36 12.10
N VAL B 729 -11.36 7.35 12.97
CA VAL B 729 -12.60 6.65 12.64
C VAL B 729 -13.29 7.32 11.45
N TYR B 730 -13.26 8.65 11.40
CA TYR B 730 -13.85 9.36 10.27
C TYR B 730 -13.11 9.02 8.98
N SER B 731 -11.78 8.94 9.03
CA SER B 731 -11.01 8.63 7.83
C SER B 731 -11.27 7.20 7.36
N MET B 732 -11.35 6.24 8.29
CA MET B 732 -11.57 4.86 7.91
C MET B 732 -13.04 4.51 7.74
N GLY B 733 -13.95 5.46 8.01
CA GLY B 733 -15.37 5.15 7.94
C GLY B 733 -15.85 4.83 6.54
N GLY B 734 -15.43 5.63 5.57
CA GLY B 734 -15.90 5.47 4.21
C GLY B 734 -15.03 6.18 3.19
N PRO B 735 -15.36 6.02 1.92
CA PRO B 735 -14.54 6.61 0.85
C PRO B 735 -14.72 8.11 0.76
N ASN B 736 -13.77 8.73 0.06
CA ASN B 736 -13.69 10.18 -0.19
C ASN B 736 -14.14 10.99 1.03
N ARG B 737 -13.39 10.82 2.12
CA ARG B 737 -13.56 11.64 3.32
C ARG B 737 -12.23 12.35 3.60
N PHE B 738 -12.25 13.68 3.51
CA PHE B 738 -11.08 14.51 3.74
C PHE B 738 -11.35 15.42 4.93
N TYR B 739 -10.35 15.62 5.77
CA TYR B 739 -10.51 16.45 6.96
C TYR B 739 -9.44 17.54 6.98
N PHE B 740 -9.87 18.77 7.23
CA PHE B 740 -8.98 19.92 7.31
C PHE B 740 -8.95 20.46 8.73
N LEU B 741 -7.75 20.73 9.23
CA LEU B 741 -7.57 21.19 10.61
C LEU B 741 -7.40 22.70 10.70
N GLU B 742 -6.38 23.24 10.04
CA GLU B 742 -6.06 24.66 10.16
C GLU B 742 -5.84 25.26 8.78
N ALA B 743 -6.22 26.52 8.63
CA ALA B 743 -6.13 27.18 7.35
C ALA B 743 -4.70 27.60 7.06
N TYR B 744 -4.36 27.66 5.77
CA TYR B 744 -3.07 28.12 5.31
C TYR B 744 -3.25 29.42 4.54
N ASN B 745 -2.40 30.39 4.82
CA ASN B 745 -2.38 31.65 4.09
C ASN B 745 -1.12 31.72 3.25
N ALA B 746 -1.26 32.09 1.98
CA ALA B 746 -0.15 32.09 1.05
C ALA B 746 0.58 33.42 1.00
N LYS B 747 -0.12 34.53 1.22
CA LYS B 747 0.52 35.85 1.17
C LYS B 747 1.60 35.97 2.23
N SER B 748 1.32 35.54 3.45
CA SER B 748 2.31 35.50 4.52
C SER B 748 2.95 34.14 4.69
N LYS B 749 2.54 33.15 3.90
CA LYS B 749 3.10 31.80 3.95
C LYS B 749 3.03 31.22 5.36
N SER B 750 1.86 31.35 5.99
CA SER B 750 1.70 31.04 7.40
C SER B 750 0.52 30.10 7.61
N PHE B 751 0.38 29.64 8.84
CA PHE B 751 -0.68 28.71 9.24
C PHE B 751 -1.52 29.39 10.32
N GLU B 752 -2.81 29.55 10.07
CA GLU B 752 -3.73 30.16 11.02
C GLU B 752 -4.87 29.21 11.31
N ASP B 753 -5.72 29.60 12.25
CA ASP B 753 -6.94 28.85 12.48
C ASP B 753 -7.98 29.21 11.42
N PRO B 754 -8.73 28.24 10.92
CA PRO B 754 -9.73 28.53 9.88
C PRO B 754 -10.78 29.49 10.39
N PRO B 755 -11.23 30.41 9.55
CA PRO B 755 -12.31 31.32 9.96
C PRO B 755 -13.58 30.54 10.29
N ASN B 756 -14.35 31.08 11.24
CA ASN B 756 -15.48 30.35 11.81
C ASN B 756 -16.49 29.95 10.75
N HIS B 757 -16.62 30.73 9.68
CA HIS B 757 -17.60 30.41 8.64
C HIS B 757 -17.21 29.18 7.82
N ALA B 758 -16.00 28.66 8.00
CA ALA B 758 -15.56 27.47 7.30
C ALA B 758 -15.95 26.18 8.01
N ARG B 759 -16.49 26.26 9.22
CA ARG B 759 -16.90 25.08 9.95
C ARG B 759 -18.33 24.70 9.61
N SER B 760 -18.65 23.41 9.75
CA SER B 760 -19.97 22.90 9.43
C SER B 760 -21.03 23.46 10.36
N ILE B 789 -28.64 -2.21 9.29
CA ILE B 789 -27.77 -1.81 8.19
C ILE B 789 -26.74 -2.89 7.91
N LYS B 790 -26.19 -3.47 8.97
CA LYS B 790 -25.11 -4.44 8.85
C LYS B 790 -25.70 -5.77 8.43
N LEU B 791 -25.39 -6.19 7.20
CA LEU B 791 -25.79 -7.51 6.72
C LEU B 791 -24.89 -8.58 7.33
N PRO B 792 -25.41 -9.80 7.48
CA PRO B 792 -24.57 -10.89 8.00
C PRO B 792 -23.38 -11.15 7.08
N LYS B 793 -22.23 -11.45 7.71
CA LYS B 793 -21.03 -11.76 6.93
C LYS B 793 -21.21 -13.07 6.19
N LEU B 794 -20.80 -13.07 4.92
CA LEU B 794 -20.95 -14.25 4.09
C LEU B 794 -19.92 -15.31 4.44
N ARG B 795 -20.37 -16.56 4.55
CA ARG B 795 -19.45 -17.67 4.63
C ARG B 795 -18.66 -17.76 3.34
N THR B 796 -17.34 -17.89 3.46
CA THR B 796 -16.45 -17.74 2.32
C THR B 796 -15.58 -18.99 2.15
N LEU B 797 -15.44 -19.43 0.91
CA LEU B 797 -14.46 -20.43 0.52
C LEU B 797 -13.43 -19.76 -0.39
N ASP B 798 -12.16 -19.85 0.00
CA ASP B 798 -11.06 -19.26 -0.72
C ASP B 798 -10.22 -20.38 -1.34
N VAL B 799 -10.32 -20.53 -2.64
CA VAL B 799 -9.57 -21.55 -3.37
C VAL B 799 -8.20 -20.98 -3.72
N PHE B 800 -7.15 -21.74 -3.37
CA PHE B 800 -5.77 -21.32 -3.56
C PHE B 800 -5.51 -19.99 -2.85
N SER B 801 -5.72 -20.01 -1.54
CA SER B 801 -5.54 -18.81 -0.73
C SER B 801 -4.08 -18.38 -0.68
N GLY B 802 -3.17 -19.34 -0.53
CA GLY B 802 -1.78 -18.99 -0.28
C GLY B 802 -1.63 -18.55 1.17
N CYS B 803 -1.03 -17.39 1.37
CA CYS B 803 -0.89 -16.85 2.71
C CYS B 803 -2.17 -16.19 3.22
N GLY B 804 -3.18 -16.05 2.37
CA GLY B 804 -4.46 -15.50 2.79
C GLY B 804 -4.58 -14.01 2.70
N GLY B 805 -3.80 -13.35 1.84
CA GLY B 805 -3.95 -11.91 1.66
C GLY B 805 -5.33 -11.51 1.20
N LEU B 806 -5.92 -12.31 0.31
CA LEU B 806 -7.28 -12.04 -0.14
C LEU B 806 -8.27 -12.11 1.02
N SER B 807 -8.11 -13.11 1.89
CA SER B 807 -8.99 -13.24 3.04
C SER B 807 -8.83 -12.06 3.99
N GLU B 808 -7.59 -11.62 4.22
CA GLU B 808 -7.37 -10.46 5.08
C GLU B 808 -7.99 -9.20 4.50
N GLY B 809 -7.85 -9.01 3.18
CA GLY B 809 -8.51 -7.88 2.55
C GLY B 809 -10.01 -7.93 2.68
N PHE B 810 -10.59 -9.13 2.52
CA PHE B 810 -12.03 -9.29 2.67
C PHE B 810 -12.46 -8.97 4.10
N HIS B 811 -11.70 -9.43 5.09
CA HIS B 811 -12.02 -9.11 6.48
C HIS B 811 -11.93 -7.61 6.73
N GLN B 812 -10.92 -6.95 6.16
CA GLN B 812 -10.86 -5.50 6.24
C GLN B 812 -12.10 -4.87 5.64
N ALA B 813 -12.61 -5.44 4.54
CA ALA B 813 -13.88 -5.00 4.01
C ALA B 813 -15.04 -5.34 4.93
N GLY B 814 -14.87 -6.34 5.79
CA GLY B 814 -15.93 -6.73 6.72
C GLY B 814 -17.18 -7.27 6.05
N ILE B 815 -17.02 -8.12 5.05
CA ILE B 815 -18.15 -8.66 4.30
C ILE B 815 -18.09 -10.17 4.32
N SER B 816 -16.95 -10.73 4.70
CA SER B 816 -16.70 -12.15 4.51
C SER B 816 -16.03 -12.75 5.74
N ASP B 817 -16.48 -13.94 6.11
CA ASP B 817 -15.79 -14.78 7.08
C ASP B 817 -15.40 -16.06 6.36
N THR B 818 -14.09 -16.26 6.17
CA THR B 818 -13.62 -17.47 5.54
C THR B 818 -13.80 -18.65 6.48
N LEU B 819 -14.57 -19.64 6.06
CA LEU B 819 -14.77 -20.82 6.88
C LEU B 819 -14.00 -22.03 6.38
N TRP B 820 -13.67 -22.06 5.09
CA TRP B 820 -12.86 -23.13 4.53
C TRP B 820 -11.95 -22.53 3.46
N ALA B 821 -10.83 -23.21 3.22
CA ALA B 821 -9.90 -22.78 2.18
C ALA B 821 -9.05 -23.98 1.79
N ILE B 822 -8.53 -23.93 0.57
CA ILE B 822 -7.71 -25.01 0.03
C ILE B 822 -6.33 -24.47 -0.30
N GLU B 823 -5.31 -25.28 -0.04
CA GLU B 823 -3.94 -24.92 -0.37
C GLU B 823 -3.07 -26.16 -0.30
N MET B 824 -2.34 -26.45 -1.37
CA MET B 824 -1.44 -27.59 -1.37
C MET B 824 -0.17 -27.31 -0.59
N TRP B 825 0.33 -26.08 -0.65
CA TRP B 825 1.63 -25.76 -0.09
C TRP B 825 1.53 -25.64 1.43
N ASP B 826 2.38 -26.38 2.14
CA ASP B 826 2.30 -26.45 3.59
C ASP B 826 2.57 -25.10 4.28
N PRO B 827 3.63 -24.35 3.96
CA PRO B 827 3.84 -23.08 4.67
C PRO B 827 2.69 -22.10 4.52
N ALA B 828 2.05 -22.05 3.35
CA ALA B 828 0.90 -21.20 3.17
C ALA B 828 -0.25 -21.64 4.06
N ALA B 829 -0.46 -22.95 4.18
CA ALA B 829 -1.51 -23.45 5.07
C ALA B 829 -1.24 -23.07 6.51
N GLN B 830 0.01 -23.20 6.96
CA GLN B 830 0.35 -22.83 8.33
C GLN B 830 0.17 -21.34 8.56
N ALA B 831 0.55 -20.52 7.57
CA ALA B 831 0.36 -19.09 7.69
C ALA B 831 -1.12 -18.73 7.80
N PHE B 832 -1.96 -19.37 6.99
CA PHE B 832 -3.39 -19.13 7.08
C PHE B 832 -3.94 -19.57 8.43
N ARG B 833 -3.47 -20.71 8.93
CA ARG B 833 -3.91 -21.17 10.24
C ARG B 833 -3.55 -20.17 11.33
N LEU B 834 -2.32 -19.65 11.29
CA LEU B 834 -1.91 -18.67 12.30
C LEU B 834 -2.71 -17.38 12.18
N ASN B 835 -2.93 -16.89 10.96
CA ASN B 835 -3.63 -15.64 10.77
C ASN B 835 -5.14 -15.77 10.99
N ASN B 836 -5.70 -16.94 10.75
CA ASN B 836 -7.14 -17.18 10.88
C ASN B 836 -7.37 -18.36 11.81
N PRO B 837 -7.50 -18.10 13.11
CA PRO B 837 -7.73 -19.22 14.05
C PRO B 837 -9.04 -19.94 13.82
N GLY B 838 -10.12 -19.21 13.50
CA GLY B 838 -11.42 -19.81 13.33
C GLY B 838 -11.73 -20.18 11.89
N SER B 839 -10.89 -21.01 11.28
CA SER B 839 -11.10 -21.44 9.91
C SER B 839 -10.48 -22.82 9.73
N THR B 840 -10.99 -23.55 8.74
CA THR B 840 -10.52 -24.88 8.41
C THR B 840 -9.72 -24.83 7.12
N VAL B 841 -8.51 -25.38 7.14
CA VAL B 841 -7.63 -25.40 5.99
C VAL B 841 -7.28 -26.85 5.68
N PHE B 842 -7.45 -27.24 4.41
CA PHE B 842 -7.22 -28.61 3.97
C PHE B 842 -5.95 -28.63 3.11
N THR B 843 -4.98 -29.43 3.52
CA THR B 843 -3.69 -29.52 2.83
C THR B 843 -3.67 -30.64 1.79
N GLU B 844 -4.68 -30.66 0.92
CA GLU B 844 -4.77 -31.65 -0.15
C GLU B 844 -5.19 -30.96 -1.44
N ASP B 845 -5.01 -31.66 -2.55
CA ASP B 845 -5.42 -31.13 -3.84
C ASP B 845 -6.93 -30.94 -3.87
N CYS B 846 -7.38 -29.85 -4.51
CA CYS B 846 -8.80 -29.53 -4.51
C CYS B 846 -9.63 -30.62 -5.20
N ASN B 847 -9.03 -31.35 -6.14
CA ASN B 847 -9.76 -32.39 -6.87
C ASN B 847 -10.20 -33.50 -5.91
N ILE B 848 -9.36 -33.86 -4.95
CA ILE B 848 -9.69 -34.94 -4.03
C ILE B 848 -10.90 -34.57 -3.19
N LEU B 849 -10.89 -33.38 -2.59
CA LEU B 849 -12.04 -32.97 -1.78
C LEU B 849 -13.28 -32.78 -2.64
N LEU B 850 -13.12 -32.29 -3.87
CA LEU B 850 -14.28 -32.16 -4.75
C LEU B 850 -14.90 -33.52 -5.01
N LYS B 851 -14.08 -34.50 -5.39
CA LYS B 851 -14.62 -35.84 -5.63
C LYS B 851 -15.25 -36.40 -4.36
N LEU B 852 -14.66 -36.10 -3.21
CA LEU B 852 -15.22 -36.57 -1.95
C LEU B 852 -16.60 -35.99 -1.70
N VAL B 853 -16.81 -34.72 -2.02
CA VAL B 853 -18.12 -34.12 -1.76
C VAL B 853 -19.13 -34.54 -2.83
N MET B 854 -18.69 -34.83 -4.06
CA MET B 854 -19.55 -35.57 -4.99
C MET B 854 -20.01 -36.89 -4.39
N ALA B 855 -19.07 -37.68 -3.87
CA ALA B 855 -19.44 -38.99 -3.36
C ALA B 855 -20.29 -38.93 -2.09
N GLY B 856 -20.40 -37.76 -1.47
CA GLY B 856 -21.31 -37.58 -0.34
C GLY B 856 -20.71 -37.69 1.04
N GLU B 857 -19.39 -37.74 1.16
CA GLU B 857 -18.78 -37.83 2.48
C GLU B 857 -18.89 -36.51 3.23
N THR B 858 -18.73 -36.60 4.54
CA THR B 858 -18.82 -35.43 5.42
C THR B 858 -17.52 -35.13 6.16
N THR B 859 -16.68 -36.12 6.41
CA THR B 859 -15.38 -35.94 7.03
C THR B 859 -14.29 -36.49 6.12
N ASN B 860 -13.19 -35.77 6.01
CA ASN B 860 -12.09 -36.18 5.15
C ASN B 860 -11.29 -37.29 5.84
N SER B 861 -10.15 -37.66 5.25
CA SER B 861 -9.31 -38.68 5.87
C SER B 861 -8.79 -38.25 7.23
N ARG B 862 -8.68 -36.94 7.47
CA ARG B 862 -8.23 -36.42 8.74
C ARG B 862 -9.39 -36.00 9.65
N GLY B 863 -10.63 -36.24 9.24
CA GLY B 863 -11.79 -35.96 10.06
C GLY B 863 -12.33 -34.54 9.99
N GLN B 864 -11.71 -33.67 9.19
CA GLN B 864 -12.22 -32.31 9.04
C GLN B 864 -13.54 -32.32 8.30
N ARG B 865 -14.48 -31.50 8.77
CA ARG B 865 -15.83 -31.45 8.21
C ARG B 865 -15.81 -30.62 6.93
N LEU B 866 -15.89 -31.29 5.78
CA LEU B 866 -15.96 -30.56 4.52
C LEU B 866 -17.33 -29.88 4.41
N PRO B 867 -17.37 -28.64 3.91
CA PRO B 867 -18.67 -27.99 3.69
C PRO B 867 -19.47 -28.70 2.63
N GLN B 868 -20.79 -28.64 2.79
CA GLN B 868 -21.74 -29.28 1.89
C GLN B 868 -22.44 -28.20 1.06
N LYS B 869 -23.42 -28.64 0.26
CA LYS B 869 -24.18 -27.72 -0.56
C LYS B 869 -24.89 -26.68 0.29
N GLY B 870 -24.78 -25.42 -0.12
CA GLY B 870 -25.44 -24.33 0.56
C GLY B 870 -24.66 -23.68 1.68
N ASP B 871 -23.58 -24.30 2.15
CA ASP B 871 -22.81 -23.69 3.24
C ASP B 871 -21.99 -22.50 2.73
N VAL B 872 -21.33 -22.65 1.59
CA VAL B 872 -20.49 -21.57 1.07
C VAL B 872 -21.39 -20.50 0.45
N GLU B 873 -21.02 -19.23 0.66
CA GLU B 873 -21.76 -18.11 0.14
C GLU B 873 -20.96 -17.29 -0.86
N MET B 874 -19.71 -16.98 -0.55
CA MET B 874 -18.81 -16.31 -1.49
C MET B 874 -17.63 -17.20 -1.79
N LEU B 875 -17.35 -17.39 -3.08
CA LEU B 875 -16.27 -18.25 -3.54
C LEU B 875 -15.25 -17.38 -4.27
N CYS B 876 -14.05 -17.28 -3.73
CA CYS B 876 -13.03 -16.41 -4.29
C CYS B 876 -11.71 -17.14 -4.42
N GLY B 877 -10.90 -16.75 -5.40
CA GLY B 877 -9.58 -17.33 -5.51
C GLY B 877 -8.89 -16.95 -6.81
N GLY B 878 -7.66 -17.47 -6.93
CA GLY B 878 -6.88 -17.34 -8.13
C GLY B 878 -5.97 -18.54 -8.35
N PRO B 879 -6.13 -19.21 -9.48
CA PRO B 879 -5.36 -20.42 -9.74
C PRO B 879 -4.09 -20.12 -10.51
N PRO B 880 -3.07 -20.96 -10.38
CA PRO B 880 -1.88 -20.81 -11.22
C PRO B 880 -2.19 -21.17 -12.67
N CYS B 881 -1.40 -20.60 -13.57
CA CYS B 881 -1.54 -20.80 -15.01
C CYS B 881 -0.25 -21.35 -15.61
N GLN B 882 0.38 -22.30 -14.91
CA GLN B 882 1.68 -22.81 -15.35
C GLN B 882 1.57 -23.79 -16.51
N GLY B 883 0.49 -24.57 -16.57
CA GLY B 883 0.37 -25.60 -17.59
C GLY B 883 -0.03 -25.09 -18.95
N PHE B 884 -0.48 -23.83 -19.03
CA PHE B 884 -0.93 -23.25 -20.29
C PHE B 884 -0.39 -21.84 -20.43
N SER B 885 0.84 -21.61 -19.97
CA SER B 885 1.39 -20.28 -19.78
C SER B 885 1.58 -19.52 -21.10
N GLY B 886 1.49 -20.18 -22.25
CA GLY B 886 1.73 -19.53 -23.52
C GLY B 886 0.60 -18.60 -23.93
N MET B 887 0.82 -17.95 -25.08
CA MET B 887 -0.15 -17.02 -25.65
C MET B 887 -0.61 -17.45 -27.04
N ASN B 888 0.19 -18.23 -27.76
CA ASN B 888 -0.17 -18.69 -29.10
C ASN B 888 -1.49 -19.47 -29.08
N ARG B 889 -2.04 -19.70 -30.27
CA ARG B 889 -3.32 -20.37 -30.40
C ARG B 889 -3.26 -21.78 -29.82
N PHE B 890 -4.44 -22.30 -29.47
CA PHE B 890 -4.51 -23.57 -28.77
C PHE B 890 -3.97 -24.72 -29.62
N ASN B 891 -3.42 -25.72 -28.94
CA ASN B 891 -2.92 -26.94 -29.56
C ASN B 891 -3.58 -28.11 -28.84
N SER B 892 -3.57 -29.27 -29.51
CA SER B 892 -4.19 -30.46 -28.94
C SER B 892 -3.51 -30.84 -27.63
N ARG B 893 -2.18 -30.80 -27.58
CA ARG B 893 -1.46 -31.10 -26.34
C ARG B 893 -1.73 -30.03 -25.28
N THR B 894 -1.70 -28.76 -25.68
CA THR B 894 -1.93 -27.68 -24.73
C THR B 894 -3.31 -27.80 -24.10
N TYR B 895 -4.33 -28.11 -24.92
CA TYR B 895 -5.66 -28.29 -24.36
C TYR B 895 -5.76 -29.57 -23.54
N SER B 896 -5.12 -30.66 -23.99
CA SER B 896 -5.15 -31.88 -23.18
C SER B 896 -4.60 -31.61 -21.79
N LYS B 897 -3.64 -30.69 -21.68
CA LYS B 897 -3.18 -30.24 -20.38
C LYS B 897 -4.20 -29.32 -19.71
N PHE B 898 -4.79 -28.40 -20.48
CA PHE B 898 -5.60 -27.33 -19.89
C PHE B 898 -6.93 -27.84 -19.33
N LYS B 899 -7.51 -28.86 -19.96
CA LYS B 899 -8.80 -29.37 -19.50
C LYS B 899 -8.73 -29.96 -18.10
N ASN B 900 -7.55 -30.38 -17.67
CA ASN B 900 -7.39 -30.94 -16.34
C ASN B 900 -6.44 -30.09 -15.51
N SER B 901 -6.45 -28.78 -15.77
CA SER B 901 -5.72 -27.81 -14.98
C SER B 901 -6.54 -27.48 -13.73
N LEU B 902 -6.20 -26.41 -13.05
CA LEU B 902 -6.90 -26.02 -11.83
C LEU B 902 -8.07 -25.09 -12.08
N VAL B 903 -8.07 -24.35 -13.19
CA VAL B 903 -9.17 -23.43 -13.46
C VAL B 903 -10.48 -24.17 -13.72
N VAL B 904 -10.39 -25.32 -14.40
CA VAL B 904 -11.58 -26.13 -14.63
C VAL B 904 -12.13 -26.67 -13.31
N SER B 905 -11.24 -27.07 -12.41
CA SER B 905 -11.68 -27.53 -11.09
C SER B 905 -12.34 -26.39 -10.32
N PHE B 906 -11.79 -25.18 -10.44
CA PHE B 906 -12.40 -24.00 -9.82
C PHE B 906 -13.81 -23.77 -10.36
N LEU B 907 -13.97 -23.88 -11.68
CA LEU B 907 -15.28 -23.73 -12.29
C LEU B 907 -16.24 -24.80 -11.82
N SER B 908 -15.74 -26.03 -11.66
CA SER B 908 -16.58 -27.12 -11.15
C SER B 908 -17.01 -26.86 -9.71
N TYR B 909 -16.11 -26.33 -8.89
CA TYR B 909 -16.47 -25.93 -7.54
C TYR B 909 -17.60 -24.91 -7.57
N CYS B 910 -17.46 -23.88 -8.41
CA CYS B 910 -18.49 -22.86 -8.51
C CYS B 910 -19.81 -23.44 -9.00
N ASP B 911 -19.74 -24.38 -9.94
CA ASP B 911 -20.95 -25.04 -10.44
C ASP B 911 -21.67 -25.79 -9.32
N TYR B 912 -20.95 -26.66 -8.62
CA TYR B 912 -21.60 -27.49 -7.61
C TYR B 912 -22.15 -26.65 -6.46
N TYR B 913 -21.31 -25.79 -5.88
CA TYR B 913 -21.72 -25.16 -4.63
C TYR B 913 -22.70 -24.00 -4.84
N ARG B 914 -22.71 -23.39 -6.03
CA ARG B 914 -23.57 -22.26 -6.33
C ARG B 914 -23.46 -21.10 -5.34
N PRO B 915 -22.27 -20.52 -5.16
CA PRO B 915 -22.14 -19.33 -4.35
C PRO B 915 -23.08 -18.20 -4.77
N ARG B 916 -23.21 -17.24 -3.86
CA ARG B 916 -23.83 -15.96 -4.21
C ARG B 916 -22.91 -15.12 -5.08
N PHE B 917 -21.63 -15.02 -4.70
CA PHE B 917 -20.67 -14.22 -5.42
C PHE B 917 -19.43 -15.06 -5.74
N PHE B 918 -18.77 -14.70 -6.85
CA PHE B 918 -17.71 -15.52 -7.41
C PHE B 918 -16.60 -14.61 -7.93
N LEU B 919 -15.41 -14.75 -7.36
CA LEU B 919 -14.27 -13.92 -7.72
C LEU B 919 -13.11 -14.77 -8.22
N LEU B 920 -12.64 -14.46 -9.43
CA LEU B 920 -11.50 -15.12 -10.02
C LEU B 920 -10.42 -14.08 -10.28
N GLU B 921 -9.18 -14.39 -9.92
CA GLU B 921 -8.07 -13.46 -10.13
C GLU B 921 -6.90 -14.19 -10.77
N ASN B 922 -6.14 -13.46 -11.59
CA ASN B 922 -4.91 -14.00 -12.14
C ASN B 922 -4.07 -12.85 -12.70
N VAL B 923 -2.94 -13.21 -13.30
CA VAL B 923 -2.01 -12.24 -13.88
C VAL B 923 -2.68 -11.56 -15.07
N ARG B 924 -2.09 -10.45 -15.54
CA ARG B 924 -2.71 -9.71 -16.63
C ARG B 924 -2.80 -10.55 -17.89
N ASN B 925 -1.73 -11.29 -18.22
CA ASN B 925 -1.71 -12.07 -19.45
C ASN B 925 -2.87 -13.05 -19.52
N PHE B 926 -3.43 -13.42 -18.37
CA PHE B 926 -4.55 -14.36 -18.33
C PHE B 926 -5.70 -13.90 -19.21
N VAL B 927 -5.83 -12.59 -19.42
CA VAL B 927 -6.86 -12.09 -20.33
C VAL B 927 -6.60 -12.56 -21.75
N SER B 928 -5.35 -12.49 -22.20
CA SER B 928 -5.00 -12.82 -23.59
C SER B 928 -4.33 -14.19 -23.70
N PHE B 929 -4.54 -15.08 -22.72
CA PHE B 929 -3.98 -16.42 -22.78
C PHE B 929 -4.58 -17.22 -23.94
N LYS B 930 -3.69 -17.78 -24.76
CA LYS B 930 -4.08 -18.59 -25.92
C LYS B 930 -5.02 -17.83 -26.84
N ARG B 931 -4.69 -16.56 -27.09
CA ARG B 931 -5.53 -15.65 -27.89
C ARG B 931 -6.90 -15.48 -27.25
N SER B 932 -6.89 -15.10 -25.96
CA SER B 932 -8.09 -14.84 -25.17
C SER B 932 -8.98 -16.07 -25.04
N MET B 933 -8.45 -17.25 -25.39
CA MET B 933 -9.30 -18.44 -25.45
C MET B 933 -9.72 -18.90 -24.06
N VAL B 934 -8.81 -18.82 -23.09
CA VAL B 934 -9.14 -19.25 -21.73
C VAL B 934 -10.23 -18.35 -21.15
N LEU B 935 -10.10 -17.04 -21.34
CA LEU B 935 -11.13 -16.11 -20.86
C LEU B 935 -12.46 -16.39 -21.54
N LYS B 936 -12.44 -16.57 -22.87
CA LYS B 936 -13.68 -16.81 -23.59
C LYS B 936 -14.36 -18.10 -23.13
N LEU B 937 -13.57 -19.16 -22.93
CA LEU B 937 -14.13 -20.44 -22.54
C LEU B 937 -14.66 -20.40 -21.11
N THR B 938 -13.94 -19.74 -20.19
CA THR B 938 -14.43 -19.60 -18.83
C THR B 938 -15.73 -18.81 -18.80
N LEU B 939 -15.80 -17.73 -19.59
CA LEU B 939 -17.02 -16.94 -19.66
C LEU B 939 -18.17 -17.75 -20.24
N ARG B 940 -17.89 -18.58 -21.25
CA ARG B 940 -18.93 -19.44 -21.82
C ARG B 940 -19.44 -20.44 -20.80
N CYS B 941 -18.53 -21.07 -20.06
CA CYS B 941 -18.95 -22.03 -19.04
C CYS B 941 -19.80 -21.35 -17.97
N LEU B 942 -19.38 -20.16 -17.53
CA LEU B 942 -20.14 -19.46 -16.51
C LEU B 942 -21.52 -19.06 -17.02
N VAL B 943 -21.59 -18.58 -18.27
CA VAL B 943 -22.87 -18.16 -18.84
C VAL B 943 -23.80 -19.35 -18.96
N ARG B 944 -23.28 -20.49 -19.40
CA ARG B 944 -24.06 -21.72 -19.37
C ARG B 944 -24.52 -22.04 -17.95
N MET B 945 -23.69 -21.72 -16.96
CA MET B 945 -24.07 -21.95 -15.57
C MET B 945 -25.27 -21.11 -15.16
N GLY B 946 -25.53 -19.99 -15.83
CA GLY B 946 -26.61 -19.11 -15.48
C GLY B 946 -26.24 -17.92 -14.62
N TYR B 947 -24.96 -17.61 -14.46
CA TYR B 947 -24.50 -16.54 -13.60
C TYR B 947 -24.64 -15.20 -14.34
N GLN B 948 -24.10 -14.14 -13.75
CA GLN B 948 -23.91 -12.85 -14.40
C GLN B 948 -22.45 -12.47 -14.25
N CYS B 949 -21.80 -12.09 -15.35
CA CYS B 949 -20.35 -11.97 -15.36
C CYS B 949 -19.89 -10.61 -15.85
N THR B 950 -18.66 -10.29 -15.48
CA THR B 950 -17.90 -9.21 -16.09
C THR B 950 -16.42 -9.49 -15.84
N PHE B 951 -15.56 -8.80 -16.59
CA PHE B 951 -14.13 -9.01 -16.42
C PHE B 951 -13.39 -7.73 -16.76
N GLY B 952 -12.18 -7.63 -16.21
CA GLY B 952 -11.34 -6.48 -16.50
C GLY B 952 -9.95 -6.70 -15.93
N VAL B 953 -9.18 -5.61 -15.91
CA VAL B 953 -7.87 -5.61 -15.26
C VAL B 953 -7.75 -4.36 -14.40
N LEU B 954 -7.03 -4.51 -13.29
CA LEU B 954 -6.87 -3.45 -12.31
C LEU B 954 -5.39 -3.25 -12.00
N GLN B 955 -4.99 -2.00 -11.82
CA GLN B 955 -3.61 -1.65 -11.50
C GLN B 955 -3.53 -1.51 -9.98
N ALA B 956 -2.82 -2.44 -9.34
CA ALA B 956 -2.80 -2.50 -7.88
C ALA B 956 -2.30 -1.20 -7.27
N GLY B 957 -1.30 -0.57 -7.89
CA GLY B 957 -0.74 0.64 -7.34
C GLY B 957 -1.74 1.77 -7.19
N GLN B 958 -2.83 1.75 -7.93
CA GLN B 958 -3.85 2.77 -7.81
C GLN B 958 -4.65 2.67 -6.52
N TYR B 959 -4.51 1.58 -5.77
CA TYR B 959 -5.29 1.38 -4.55
C TYR B 959 -4.41 1.31 -3.31
N GLY B 960 -3.42 2.20 -3.22
CA GLY B 960 -2.64 2.34 -2.00
C GLY B 960 -1.56 1.30 -1.83
N VAL B 961 -0.79 1.06 -2.90
CA VAL B 961 0.33 0.14 -2.87
C VAL B 961 1.45 0.75 -3.71
N ALA B 962 2.69 0.63 -3.23
CA ALA B 962 3.85 1.13 -3.97
C ALA B 962 4.42 0.05 -4.87
N GLN B 963 3.57 -0.45 -5.77
CA GLN B 963 3.97 -1.52 -6.69
C GLN B 963 3.17 -1.41 -7.97
N THR B 964 3.80 -1.79 -9.08
CA THR B 964 3.15 -1.85 -10.39
C THR B 964 2.96 -3.32 -10.75
N ARG B 965 1.72 -3.80 -10.65
CA ARG B 965 1.41 -5.18 -11.02
C ARG B 965 -0.06 -5.23 -11.41
N ARG B 966 -0.31 -5.27 -12.72
CA ARG B 966 -1.69 -5.35 -13.22
C ARG B 966 -2.23 -6.75 -12.99
N ARG B 967 -3.48 -6.83 -12.54
CA ARG B 967 -4.12 -8.11 -12.23
C ARG B 967 -5.46 -8.19 -12.96
N ALA B 968 -5.71 -9.33 -13.61
CA ALA B 968 -6.95 -9.56 -14.32
C ALA B 968 -7.97 -10.18 -13.36
N ILE B 969 -9.17 -9.62 -13.35
CA ILE B 969 -10.23 -9.96 -12.40
C ILE B 969 -11.46 -10.35 -13.18
N ILE B 970 -12.09 -11.46 -12.77
CA ILE B 970 -13.38 -11.90 -13.29
C ILE B 970 -14.37 -11.88 -12.13
N LEU B 971 -15.45 -11.12 -12.28
CA LEU B 971 -16.50 -11.00 -11.29
C LEU B 971 -17.74 -11.74 -11.76
N ALA B 972 -18.42 -12.42 -10.83
CA ALA B 972 -19.62 -13.17 -11.14
C ALA B 972 -20.60 -13.08 -9.99
N ALA B 973 -21.88 -12.93 -10.32
CA ALA B 973 -22.95 -12.82 -9.34
C ALA B 973 -24.02 -13.86 -9.65
N ALA B 974 -24.60 -14.42 -8.60
CA ALA B 974 -25.65 -15.41 -8.72
C ALA B 974 -26.92 -14.76 -9.28
N PRO B 975 -27.83 -15.55 -9.85
CA PRO B 975 -29.07 -14.97 -10.37
C PRO B 975 -29.87 -14.28 -9.27
N GLY B 976 -30.47 -13.15 -9.63
CA GLY B 976 -31.23 -12.36 -8.68
C GLY B 976 -30.40 -11.36 -7.89
N GLU B 977 -29.08 -11.48 -7.93
CA GLU B 977 -28.21 -10.56 -7.21
C GLU B 977 -27.95 -9.31 -8.05
N LYS B 978 -27.01 -8.49 -7.61
CA LYS B 978 -26.60 -7.30 -8.33
C LYS B 978 -25.13 -7.45 -8.71
N LEU B 979 -24.82 -7.24 -9.98
CA LEU B 979 -23.45 -7.43 -10.44
C LEU B 979 -22.57 -6.32 -9.91
N PRO B 980 -21.49 -6.63 -9.19
CA PRO B 980 -20.64 -5.58 -8.63
C PRO B 980 -19.91 -4.80 -9.71
N LEU B 981 -19.68 -3.52 -9.41
CA LEU B 981 -18.88 -2.67 -10.27
C LEU B 981 -17.40 -2.85 -9.93
N PHE B 982 -16.55 -2.36 -10.83
CA PHE B 982 -15.14 -2.36 -10.48
C PHE B 982 -14.80 -1.11 -9.69
N PRO B 983 -14.03 -1.23 -8.61
CA PRO B 983 -13.77 -0.08 -7.75
C PRO B 983 -12.99 1.00 -8.48
N GLU B 984 -13.42 2.25 -8.30
CA GLU B 984 -12.76 3.36 -8.94
C GLU B 984 -11.35 3.52 -8.37
N PRO B 985 -10.42 4.04 -9.17
CA PRO B 985 -9.06 4.24 -8.65
C PRO B 985 -9.02 5.32 -7.58
N LEU B 986 -8.11 5.14 -6.62
CA LEU B 986 -7.96 6.02 -5.49
C LEU B 986 -6.69 6.85 -5.54
N HIS B 987 -5.56 6.22 -5.85
CA HIS B 987 -4.27 6.90 -5.88
C HIS B 987 -3.84 7.11 -7.32
N VAL B 988 -3.49 8.35 -7.66
CA VAL B 988 -2.94 8.63 -8.98
C VAL B 988 -1.66 7.83 -9.19
N PHE B 989 -1.39 7.49 -10.45
CA PHE B 989 -0.28 6.60 -10.74
C PHE B 989 0.34 6.97 -12.07
N ALA B 990 1.41 6.28 -12.42
CA ALA B 990 2.10 6.53 -13.68
C ALA B 990 1.29 5.97 -14.83
N PRO B 991 0.94 6.78 -15.83
CA PRO B 991 0.15 6.26 -16.96
C PRO B 991 0.84 5.16 -17.74
N ARG B 992 2.16 5.04 -17.65
CA ARG B 992 2.87 3.97 -18.36
C ARG B 992 2.48 2.60 -17.86
N ALA B 993 1.87 2.50 -16.68
CA ALA B 993 1.37 1.24 -16.13
C ALA B 993 -0.10 1.38 -15.76
N CYS B 994 -0.86 2.10 -16.58
CA CYS B 994 -2.28 2.30 -16.36
C CYS B 994 -3.10 1.80 -17.55
N GLN B 995 -2.49 1.05 -18.46
CA GLN B 995 -3.20 0.52 -19.62
C GLN B 995 -4.15 -0.59 -19.19
N LEU B 996 -5.41 -0.23 -18.92
CA LEU B 996 -6.41 -1.20 -18.48
C LEU B 996 -7.26 -1.74 -19.62
N SER B 997 -7.05 -1.27 -20.84
CA SER B 997 -7.82 -1.78 -21.97
C SER B 997 -7.42 -3.22 -22.28
N VAL B 998 -8.30 -3.90 -23.01
CA VAL B 998 -8.12 -5.32 -23.34
C VAL B 998 -8.48 -5.52 -24.80
N VAL B 999 -7.70 -6.35 -25.50
CA VAL B 999 -7.98 -6.70 -26.88
C VAL B 999 -8.43 -8.17 -26.91
N VAL B 1000 -9.55 -8.42 -27.58
CA VAL B 1000 -10.10 -9.76 -27.75
C VAL B 1000 -10.75 -9.86 -29.12
N ASP B 1001 -10.22 -10.74 -29.97
CA ASP B 1001 -10.74 -10.94 -31.32
C ASP B 1001 -10.85 -9.61 -32.07
N ASP B 1002 -9.80 -8.80 -31.95
CA ASP B 1002 -9.75 -7.47 -32.57
C ASP B 1002 -10.92 -6.59 -32.12
N LYS B 1003 -11.24 -6.66 -30.84
CA LYS B 1003 -12.21 -5.75 -30.23
C LYS B 1003 -11.63 -5.21 -28.93
N LYS B 1004 -11.90 -3.94 -28.65
CA LYS B 1004 -11.36 -3.25 -27.49
C LYS B 1004 -12.41 -3.24 -26.38
N PHE B 1005 -12.05 -3.77 -25.22
CA PHE B 1005 -12.92 -3.87 -24.06
C PHE B 1005 -12.30 -3.07 -22.92
N VAL B 1006 -13.10 -2.19 -22.31
CA VAL B 1006 -12.68 -1.36 -21.21
C VAL B 1006 -13.65 -1.56 -20.05
N SER B 1007 -13.12 -1.75 -18.84
CA SER B 1007 -13.96 -1.91 -17.67
C SER B 1007 -14.70 -0.62 -17.37
N ASN B 1008 -15.61 -0.68 -16.39
CA ASN B 1008 -16.48 0.43 -16.07
C ASN B 1008 -15.79 1.54 -15.30
N ILE B 1009 -14.45 1.54 -15.24
CA ILE B 1009 -13.74 2.58 -14.52
C ILE B 1009 -13.94 3.92 -15.21
N THR B 1010 -14.30 4.94 -14.44
CA THR B 1010 -14.54 6.27 -14.99
C THR B 1010 -13.39 7.24 -14.73
N ARG B 1011 -12.47 6.90 -13.84
CA ARG B 1011 -11.30 7.75 -13.58
C ARG B 1011 -10.13 7.26 -14.42
N LEU B 1012 -9.54 8.17 -15.18
CA LEU B 1012 -8.38 7.86 -16.01
C LEU B 1012 -7.26 8.83 -15.65
N SER B 1013 -6.17 8.29 -15.09
CA SER B 1013 -4.99 9.08 -14.74
C SER B 1013 -5.35 10.24 -13.80
N SER B 1014 -6.18 9.96 -12.81
CA SER B 1014 -6.53 10.95 -11.80
C SER B 1014 -7.14 10.24 -10.60
N GLY B 1015 -7.24 10.96 -9.50
CA GLY B 1015 -7.80 10.41 -8.28
C GLY B 1015 -7.62 11.35 -7.10
N PRO B 1016 -8.25 11.02 -5.97
CA PRO B 1016 -8.14 11.87 -4.79
C PRO B 1016 -6.80 11.82 -4.08
N PHE B 1017 -6.28 10.63 -3.83
CA PHE B 1017 -5.10 10.50 -3.00
C PHE B 1017 -3.82 10.51 -3.84
N ARG B 1018 -2.76 11.05 -3.27
CA ARG B 1018 -1.47 11.08 -3.93
C ARG B 1018 -0.94 9.66 -4.09
N THR B 1019 0.20 9.55 -4.77
CA THR B 1019 0.85 8.26 -4.92
C THR B 1019 1.34 7.75 -3.58
N ILE B 1020 1.56 6.45 -3.51
CA ILE B 1020 2.19 5.81 -2.36
C ILE B 1020 3.61 5.47 -2.79
N THR B 1021 4.58 6.17 -2.23
CA THR B 1021 5.96 6.04 -2.63
C THR B 1021 6.71 5.13 -1.67
N VAL B 1022 7.83 4.59 -2.16
CA VAL B 1022 8.63 3.64 -1.39
C VAL B 1022 9.14 4.26 -0.09
N ARG B 1023 9.38 5.57 -0.09
CA ARG B 1023 9.72 6.26 1.15
C ARG B 1023 8.58 6.18 2.16
N ASP B 1024 7.34 6.26 1.68
CA ASP B 1024 6.19 6.15 2.56
C ASP B 1024 5.86 4.68 2.76
N THR B 1025 6.85 3.81 2.56
CA THR B 1025 6.67 2.38 2.76
C THR B 1025 7.80 1.72 3.55
N MET B 1026 9.02 2.27 3.57
CA MET B 1026 10.08 1.63 4.34
C MET B 1026 10.92 2.58 5.18
N SER B 1027 10.57 3.85 5.28
CA SER B 1027 11.51 4.84 5.78
C SER B 1027 11.96 4.55 7.21
N ASP B 1028 11.00 4.36 8.12
CA ASP B 1028 11.34 4.34 9.55
C ASP B 1028 11.73 2.96 10.06
N LEU B 1029 11.88 1.97 9.18
CA LEU B 1029 12.35 0.66 9.61
C LEU B 1029 13.76 0.81 10.19
N PRO B 1030 14.07 0.11 11.29
CA PRO B 1030 15.41 0.22 11.87
C PRO B 1030 16.46 -0.35 10.93
N GLU B 1031 17.65 0.23 10.98
CA GLU B 1031 18.72 -0.18 10.09
C GLU B 1031 19.18 -1.58 10.43
N VAL B 1032 19.24 -2.45 9.41
CA VAL B 1032 19.81 -3.78 9.53
C VAL B 1032 20.70 -4.02 8.32
N ARG B 1033 21.65 -4.92 8.49
CA ARG B 1033 22.65 -5.20 7.46
C ARG B 1033 22.39 -6.55 6.81
N ASN B 1034 23.20 -6.85 5.79
CA ASN B 1034 23.03 -8.10 5.06
C ASN B 1034 23.20 -9.30 5.98
N GLY B 1035 22.38 -10.33 5.74
CA GLY B 1035 22.40 -11.52 6.55
C GLY B 1035 21.67 -11.41 7.87
N ALA B 1036 21.01 -10.28 8.14
CA ALA B 1036 20.27 -10.12 9.38
C ALA B 1036 19.16 -11.17 9.46
N SER B 1037 19.10 -11.88 10.58
CA SER B 1037 18.13 -12.94 10.78
C SER B 1037 17.42 -12.83 12.13
N ALA B 1038 17.45 -11.66 12.75
CA ALA B 1038 16.76 -11.44 14.03
C ALA B 1038 15.27 -11.34 13.75
N LEU B 1039 14.54 -12.41 14.06
CA LEU B 1039 13.10 -12.43 13.80
C LEU B 1039 12.39 -11.34 14.60
N GLU B 1040 12.77 -11.17 15.86
CA GLU B 1040 12.15 -10.17 16.74
C GLU B 1040 13.16 -9.06 16.98
N ILE B 1041 12.79 -7.84 16.58
CA ILE B 1041 13.62 -6.65 16.80
C ILE B 1041 12.70 -5.53 17.26
N SER B 1042 13.29 -4.58 17.98
CA SER B 1042 12.57 -3.38 18.37
C SER B 1042 12.32 -2.50 17.15
N TYR B 1043 11.19 -1.79 17.17
CA TYR B 1043 10.94 -0.80 16.13
C TYR B 1043 11.96 0.32 16.19
N ASN B 1044 12.31 0.74 17.41
CA ASN B 1044 13.29 1.80 17.63
C ASN B 1044 12.89 3.09 16.90
N GLY B 1045 11.59 3.29 16.70
CA GLY B 1045 11.13 4.45 15.99
C GLY B 1045 9.62 4.50 15.80
N GLU B 1046 9.04 5.67 16.01
CA GLU B 1046 7.62 5.86 15.77
C GLU B 1046 7.32 5.87 14.28
N PRO B 1047 6.09 5.55 13.89
CA PRO B 1047 5.73 5.61 12.47
C PRO B 1047 5.84 7.04 11.93
N GLN B 1048 6.31 7.15 10.69
CA GLN B 1048 6.54 8.46 10.08
C GLN B 1048 5.70 8.74 8.84
N SER B 1049 5.15 7.72 8.19
CA SER B 1049 4.36 7.91 6.99
C SER B 1049 2.94 7.40 7.22
N TRP B 1050 1.98 8.01 6.53
CA TRP B 1050 0.58 7.62 6.71
C TRP B 1050 0.39 6.13 6.46
N PHE B 1051 0.99 5.62 5.39
CA PHE B 1051 0.88 4.19 5.11
C PHE B 1051 1.41 3.37 6.28
N GLN B 1052 2.55 3.79 6.83
CA GLN B 1052 3.11 3.09 7.98
C GLN B 1052 2.21 3.20 9.21
N ARG B 1053 1.62 4.37 9.43
CA ARG B 1053 0.70 4.54 10.54
C ARG B 1053 -0.48 3.59 10.42
N GLN B 1054 -1.05 3.48 9.21
CA GLN B 1054 -2.17 2.56 8.99
C GLN B 1054 -1.72 1.11 9.10
N LEU B 1055 -0.46 0.82 8.80
CA LEU B 1055 0.02 -0.56 8.85
C LEU B 1055 0.35 -1.01 10.27
N ARG B 1056 0.80 -0.10 11.14
CA ARG B 1056 1.25 -0.50 12.47
C ARG B 1056 0.08 -0.87 13.36
N GLY B 1057 -0.77 0.10 13.67
CA GLY B 1057 -1.92 -0.10 14.52
C GLY B 1057 -2.08 1.05 15.49
N ALA B 1058 -3.02 0.88 16.41
CA ALA B 1058 -3.31 1.89 17.43
C ALA B 1058 -2.62 1.62 18.76
N GLN B 1059 -2.22 0.39 19.02
CA GLN B 1059 -1.41 0.06 20.19
C GLN B 1059 0.06 0.17 19.81
N TYR B 1060 0.85 0.85 20.64
CA TYR B 1060 2.25 1.10 20.32
C TYR B 1060 3.13 0.57 21.45
N GLN B 1061 3.36 -0.74 21.44
CA GLN B 1061 4.51 -1.38 22.04
C GLN B 1061 4.65 -2.79 21.49
N PRO B 1062 4.83 -2.96 20.18
CA PRO B 1062 4.97 -4.32 19.64
C PRO B 1062 6.44 -4.73 19.56
N ILE B 1063 6.68 -5.94 19.06
CA ILE B 1063 8.00 -6.34 18.58
C ILE B 1063 7.87 -6.61 17.09
N LEU B 1064 8.55 -5.79 16.28
CA LEU B 1064 8.46 -5.92 14.84
C LEU B 1064 9.03 -7.26 14.41
N ARG B 1065 8.37 -7.91 13.47
CA ARG B 1065 8.68 -9.29 13.15
C ARG B 1065 9.07 -9.45 11.68
N ASP B 1066 9.96 -10.41 11.44
CA ASP B 1066 10.30 -10.87 10.10
C ASP B 1066 10.98 -9.78 9.27
N HIS B 1067 11.84 -8.99 9.90
CA HIS B 1067 12.60 -7.96 9.20
C HIS B 1067 13.95 -8.53 8.77
N ILE B 1068 13.89 -9.54 7.93
CA ILE B 1068 15.06 -10.34 7.57
C ILE B 1068 15.23 -10.33 6.05
N CYS B 1069 16.46 -10.12 5.61
CA CYS B 1069 16.81 -10.12 4.20
C CYS B 1069 17.80 -11.25 3.93
N LYS B 1070 17.93 -11.60 2.65
CA LYS B 1070 18.73 -12.76 2.28
C LYS B 1070 20.19 -12.55 2.65
N ASP B 1071 20.87 -13.65 2.97
CA ASP B 1071 22.30 -13.66 3.26
C ASP B 1071 23.00 -14.12 1.99
N MET B 1072 23.47 -13.17 1.20
CA MET B 1072 24.03 -13.46 -0.11
C MET B 1072 25.54 -13.62 -0.03
N SER B 1073 26.15 -13.87 -1.18
CA SER B 1073 27.59 -14.13 -1.24
C SER B 1073 28.38 -12.87 -0.94
N ALA B 1074 29.58 -13.07 -0.39
CA ALA B 1074 30.42 -11.95 0.01
C ALA B 1074 30.82 -11.09 -1.18
N LEU B 1075 31.14 -11.73 -2.31
CA LEU B 1075 31.52 -10.98 -3.50
C LEU B 1075 30.37 -10.09 -3.96
N VAL B 1076 29.17 -10.65 -4.04
CA VAL B 1076 28.00 -9.85 -4.42
C VAL B 1076 27.75 -8.77 -3.39
N ALA B 1077 27.98 -9.09 -2.11
CA ALA B 1077 27.80 -8.11 -1.04
C ALA B 1077 28.69 -6.90 -1.26
N ALA B 1078 29.97 -7.14 -1.56
CA ALA B 1078 30.87 -6.03 -1.86
C ALA B 1078 30.42 -5.28 -3.10
N ARG B 1079 29.99 -6.02 -4.12
CA ARG B 1079 29.52 -5.39 -5.35
C ARG B 1079 28.43 -4.37 -5.06
N MET B 1080 27.39 -4.78 -4.34
CA MET B 1080 26.31 -3.87 -4.01
C MET B 1080 26.66 -2.90 -2.89
N ARG B 1081 27.77 -3.13 -2.19
CA ARG B 1081 28.26 -2.14 -1.24
C ARG B 1081 28.90 -0.96 -1.95
N HIS B 1082 29.50 -1.21 -3.12
CA HIS B 1082 30.16 -0.12 -3.85
C HIS B 1082 29.23 0.65 -4.78
N ILE B 1083 27.97 0.22 -4.94
CA ILE B 1083 27.05 0.98 -5.80
C ILE B 1083 26.76 2.33 -5.17
N PRO B 1084 26.82 3.43 -5.92
CA PRO B 1084 26.53 4.74 -5.35
C PRO B 1084 25.07 4.86 -4.93
N LEU B 1085 24.80 5.90 -4.14
CA LEU B 1085 23.48 6.14 -3.58
C LEU B 1085 22.67 7.14 -4.40
N ALA B 1086 23.19 7.61 -5.53
CA ALA B 1086 22.43 8.51 -6.38
C ALA B 1086 21.21 7.79 -6.95
N PRO B 1087 20.09 8.49 -7.12
CA PRO B 1087 18.87 7.82 -7.58
C PRO B 1087 19.05 7.17 -8.94
N GLY B 1088 18.49 5.98 -9.10
CA GLY B 1088 18.56 5.25 -10.34
C GLY B 1088 19.90 4.63 -10.67
N SER B 1089 20.87 4.73 -9.76
CA SER B 1089 22.18 4.16 -10.03
C SER B 1089 22.10 2.64 -10.10
N ASP B 1090 22.95 2.06 -10.93
CA ASP B 1090 22.91 0.63 -11.20
C ASP B 1090 24.33 0.15 -11.48
N TRP B 1091 24.45 -1.02 -12.10
CA TRP B 1091 25.76 -1.58 -12.41
C TRP B 1091 26.60 -0.66 -13.30
N ARG B 1092 25.96 0.24 -14.04
CA ARG B 1092 26.68 1.15 -14.92
C ARG B 1092 27.54 2.16 -14.17
N ASP B 1093 27.36 2.28 -12.85
CA ASP B 1093 28.17 3.16 -12.02
C ASP B 1093 29.14 2.39 -11.13
N LEU B 1094 29.47 1.17 -11.51
CA LEU B 1094 30.33 0.32 -10.69
C LEU B 1094 31.80 0.64 -10.96
N PRO B 1095 32.58 0.98 -9.94
CA PRO B 1095 34.00 1.27 -10.15
C PRO B 1095 34.80 0.00 -10.37
N ASN B 1096 35.83 0.09 -11.23
CA ASN B 1096 36.70 -1.06 -11.51
C ASN B 1096 37.93 -0.99 -10.60
N ILE B 1097 37.70 -1.28 -9.33
CA ILE B 1097 38.72 -1.21 -8.29
C ILE B 1097 38.87 -2.59 -7.65
N GLU B 1098 40.11 -3.04 -7.49
CA GLU B 1098 40.35 -4.26 -6.75
C GLU B 1098 40.00 -4.06 -5.29
N VAL B 1099 39.15 -4.95 -4.75
CA VAL B 1099 38.57 -4.79 -3.43
C VAL B 1099 38.62 -6.13 -2.70
N ARG B 1100 38.90 -6.08 -1.40
CA ARG B 1100 38.98 -7.30 -0.61
C ARG B 1100 37.59 -7.80 -0.24
N LEU B 1101 37.48 -9.12 -0.04
CA LEU B 1101 36.22 -9.79 0.20
C LEU B 1101 36.20 -10.41 1.60
N SER B 1102 35.01 -10.91 1.97
CA SER B 1102 34.83 -11.45 3.32
C SER B 1102 35.51 -12.80 3.48
N ASP B 1103 35.41 -13.67 2.47
CA ASP B 1103 35.98 -14.99 2.57
C ASP B 1103 37.50 -15.02 2.47
N GLY B 1104 38.12 -13.91 2.04
CA GLY B 1104 39.55 -13.84 1.89
C GLY B 1104 40.07 -14.02 0.48
N THR B 1105 39.20 -14.40 -0.46
CA THR B 1105 39.61 -14.57 -1.84
C THR B 1105 39.91 -13.21 -2.47
N MET B 1106 40.35 -13.24 -3.72
CA MET B 1106 40.83 -12.04 -4.41
C MET B 1106 39.91 -11.72 -5.58
N ALA B 1107 39.51 -10.46 -5.69
CA ALA B 1107 38.64 -9.98 -6.77
C ALA B 1107 39.45 -9.10 -7.71
N ARG B 1108 39.83 -9.67 -8.85
CA ARG B 1108 40.65 -8.98 -9.83
C ARG B 1108 39.82 -7.96 -10.62
N LYS B 1109 40.50 -6.96 -11.15
CA LYS B 1109 39.85 -5.96 -11.98
C LYS B 1109 39.49 -6.55 -13.34
N LEU B 1110 38.59 -5.87 -14.03
CA LEU B 1110 38.14 -6.31 -15.34
C LEU B 1110 39.11 -5.83 -16.42
N ARG B 1111 39.56 -6.75 -17.26
CA ARG B 1111 40.53 -6.46 -18.31
C ARG B 1111 39.82 -6.43 -19.66
N TYR B 1112 40.08 -5.36 -20.42
CA TYR B 1112 39.51 -5.20 -21.76
C TYR B 1112 40.54 -5.67 -22.77
N THR B 1113 40.26 -6.79 -23.44
CA THR B 1113 41.19 -7.38 -24.39
C THR B 1113 40.73 -7.25 -25.84
N HIS B 1114 39.60 -6.60 -26.10
CA HIS B 1114 39.08 -6.45 -27.44
C HIS B 1114 38.50 -5.05 -27.61
N HIS B 1115 38.10 -4.74 -28.84
CA HIS B 1115 37.54 -3.44 -29.19
C HIS B 1115 36.25 -3.63 -29.96
N ASP B 1116 35.23 -2.85 -29.61
CA ASP B 1116 33.91 -2.97 -30.20
C ASP B 1116 33.64 -1.77 -31.11
N ARG B 1117 33.10 -2.05 -32.30
CA ARG B 1117 32.86 -0.99 -33.26
C ARG B 1117 31.65 -0.14 -32.89
N LYS B 1118 30.60 -0.78 -32.36
CA LYS B 1118 29.33 -0.09 -32.14
C LYS B 1118 29.46 1.05 -31.14
N ASN B 1119 30.37 0.92 -30.16
CA ASN B 1119 30.50 1.90 -29.10
C ASN B 1119 31.75 2.75 -29.20
N GLY B 1120 32.79 2.27 -29.88
CA GLY B 1120 34.04 3.01 -29.96
C GLY B 1120 34.88 2.84 -28.71
N ARG B 1121 35.99 3.58 -28.68
CA ARG B 1121 36.93 3.51 -27.58
C ARG B 1121 36.66 4.62 -26.56
N SER B 1122 37.36 4.53 -25.43
CA SER B 1122 37.18 5.50 -24.37
C SER B 1122 37.80 6.84 -24.74
N SER B 1123 37.48 7.87 -23.95
CA SER B 1123 38.11 9.16 -24.12
C SER B 1123 39.62 9.08 -23.91
N SER B 1124 40.07 8.17 -23.05
CA SER B 1124 41.48 7.89 -22.87
C SER B 1124 42.02 6.90 -23.90
N GLY B 1125 41.17 6.37 -24.77
CA GLY B 1125 41.59 5.43 -25.79
C GLY B 1125 41.65 3.99 -25.35
N ALA B 1126 41.22 3.68 -24.13
CA ALA B 1126 41.27 2.31 -23.63
C ALA B 1126 40.26 1.43 -24.35
N LEU B 1127 40.54 0.13 -24.37
CA LEU B 1127 39.63 -0.83 -24.99
C LEU B 1127 38.31 -0.88 -24.23
N ARG B 1128 37.22 -1.01 -24.98
CA ARG B 1128 35.89 -1.10 -24.39
C ARG B 1128 35.27 -2.48 -24.49
N GLY B 1129 35.66 -3.28 -25.48
CA GLY B 1129 35.13 -4.61 -25.61
C GLY B 1129 35.70 -5.56 -24.57
N VAL B 1130 35.03 -6.70 -24.41
CA VAL B 1130 35.46 -7.70 -23.44
C VAL B 1130 35.66 -9.08 -24.06
N CYS B 1131 35.01 -9.41 -25.17
CA CYS B 1131 35.13 -10.72 -25.79
C CYS B 1131 35.21 -10.57 -27.30
N SER B 1132 35.58 -11.66 -27.98
CA SER B 1132 35.71 -11.64 -29.42
C SER B 1132 34.36 -11.44 -30.12
N CYS B 1133 33.25 -11.63 -29.41
CA CYS B 1133 31.93 -11.54 -30.02
C CYS B 1133 31.54 -10.11 -30.39
N VAL B 1134 32.32 -9.10 -29.98
CA VAL B 1134 31.99 -7.72 -30.31
C VAL B 1134 32.09 -7.51 -31.82
N GLU B 1135 33.05 -8.19 -32.47
CA GLU B 1135 33.16 -8.12 -33.91
C GLU B 1135 32.01 -8.90 -34.56
N ALA B 1136 31.44 -8.34 -35.61
CA ALA B 1136 30.29 -8.96 -36.27
C ALA B 1136 30.68 -10.33 -36.84
N GLY B 1137 29.82 -11.32 -36.59
CA GLY B 1137 30.05 -12.67 -37.08
C GLY B 1137 31.31 -13.31 -36.54
N LYS B 1138 31.60 -13.09 -35.26
CA LYS B 1138 32.76 -13.68 -34.60
C LYS B 1138 32.31 -14.45 -33.37
N ALA B 1139 32.71 -15.72 -33.29
CA ALA B 1139 32.32 -16.56 -32.18
C ALA B 1139 32.96 -16.08 -30.89
N CYS B 1140 32.29 -16.34 -29.77
CA CYS B 1140 32.84 -16.02 -28.46
C CYS B 1140 34.12 -16.82 -28.24
N ASP B 1141 35.16 -16.13 -27.79
CA ASP B 1141 36.45 -16.77 -27.62
C ASP B 1141 36.51 -17.47 -26.27
N PRO B 1142 36.70 -18.79 -26.23
CA PRO B 1142 36.90 -19.47 -24.96
C PRO B 1142 38.19 -18.99 -24.28
N ALA B 1143 38.20 -19.06 -22.95
CA ALA B 1143 39.27 -18.60 -22.08
C ALA B 1143 39.47 -17.10 -22.12
N ALA B 1144 38.65 -16.36 -22.87
CA ALA B 1144 38.65 -14.91 -22.83
C ALA B 1144 37.72 -14.36 -21.77
N ARG B 1145 37.10 -15.22 -20.97
CA ARG B 1145 36.14 -14.81 -19.97
C ARG B 1145 36.86 -14.50 -18.65
N GLN B 1146 36.18 -13.73 -17.80
CA GLN B 1146 36.68 -13.41 -16.48
C GLN B 1146 35.60 -13.75 -15.45
N PHE B 1147 36.05 -14.08 -14.24
CA PHE B 1147 35.15 -14.47 -13.17
C PHE B 1147 35.74 -14.01 -11.85
N ASN B 1148 34.89 -13.99 -10.81
CA ASN B 1148 35.24 -13.44 -9.50
C ASN B 1148 35.75 -12.02 -9.63
N THR B 1149 35.15 -11.27 -10.56
CA THR B 1149 35.48 -9.87 -10.78
C THR B 1149 34.44 -8.99 -10.11
N LEU B 1150 34.88 -7.86 -9.55
CA LEU B 1150 33.96 -7.01 -8.84
C LEU B 1150 32.89 -6.47 -9.78
N ILE B 1151 33.28 -5.98 -10.95
CA ILE B 1151 32.31 -5.67 -12.00
C ILE B 1151 32.07 -6.96 -12.79
N PRO B 1152 30.82 -7.33 -13.05
CA PRO B 1152 30.56 -8.60 -13.75
C PRO B 1152 31.14 -8.57 -15.16
N TRP B 1153 31.35 -9.78 -15.69
CA TRP B 1153 31.84 -9.96 -17.05
C TRP B 1153 30.69 -10.07 -18.05
N CYS B 1154 29.61 -10.73 -17.65
CA CYS B 1154 28.48 -10.96 -18.55
C CYS B 1154 27.78 -9.65 -18.92
N LEU B 1155 27.68 -8.72 -17.98
CA LEU B 1155 27.01 -7.46 -18.27
C LEU B 1155 27.71 -6.66 -19.37
N PRO B 1156 29.02 -6.40 -19.31
CA PRO B 1156 29.67 -5.79 -20.47
C PRO B 1156 29.73 -6.72 -21.66
N HIS B 1157 29.69 -8.04 -21.42
CA HIS B 1157 29.73 -8.98 -22.53
C HIS B 1157 28.51 -8.84 -23.43
N THR B 1158 27.32 -8.66 -22.84
CA THR B 1158 26.08 -8.69 -23.60
C THR B 1158 25.19 -7.49 -23.31
N GLY B 1159 25.79 -6.35 -22.97
CA GLY B 1159 24.98 -5.14 -22.80
C GLY B 1159 24.26 -4.71 -24.07
N ASN B 1160 24.97 -4.74 -25.21
CA ASN B 1160 24.42 -4.15 -26.42
C ASN B 1160 23.15 -4.83 -26.89
N ARG B 1161 23.02 -6.15 -26.67
CA ARG B 1161 21.88 -6.88 -27.19
C ARG B 1161 20.65 -6.80 -26.29
N HIS B 1162 20.76 -6.25 -25.09
CA HIS B 1162 19.64 -6.20 -24.16
C HIS B 1162 19.51 -4.82 -23.53
N ASN B 1163 19.77 -3.77 -24.33
CA ASN B 1163 19.65 -2.38 -23.87
C ASN B 1163 20.49 -2.13 -22.62
N HIS B 1164 21.73 -2.65 -22.65
CA HIS B 1164 22.73 -2.45 -21.60
C HIS B 1164 22.33 -3.07 -20.27
N TRP B 1165 21.28 -3.90 -20.24
CA TRP B 1165 20.74 -4.44 -18.99
C TRP B 1165 20.43 -3.31 -18.01
N ALA B 1166 19.94 -2.19 -18.53
CA ALA B 1166 19.71 -1.01 -17.71
C ALA B 1166 18.73 -1.32 -16.59
N GLY B 1167 19.08 -0.91 -15.38
CA GLY B 1167 18.29 -1.17 -14.20
C GLY B 1167 18.78 -2.31 -13.35
N LEU B 1168 19.52 -3.26 -13.92
CA LEU B 1168 20.07 -4.36 -13.15
C LEU B 1168 21.11 -3.84 -12.15
N TYR B 1169 21.16 -4.48 -10.99
CA TYR B 1169 21.97 -4.04 -9.86
C TYR B 1169 21.66 -2.61 -9.46
N GLY B 1170 20.43 -2.18 -9.69
CA GLY B 1170 20.01 -0.84 -9.32
C GLY B 1170 19.36 -0.78 -7.96
N ARG B 1171 19.22 0.45 -7.46
CA ARG B 1171 18.63 0.70 -6.16
C ARG B 1171 17.24 1.29 -6.32
N LEU B 1172 16.32 0.83 -5.48
CA LEU B 1172 14.98 1.40 -5.48
C LEU B 1172 15.05 2.87 -5.12
N GLU B 1173 14.37 3.71 -5.91
CA GLU B 1173 14.38 5.13 -5.64
C GLU B 1173 13.51 5.44 -4.43
N TRP B 1174 13.88 6.50 -3.70
CA TRP B 1174 13.08 6.92 -2.56
C TRP B 1174 11.75 7.49 -2.99
N ASP B 1175 11.61 7.90 -4.25
CA ASP B 1175 10.35 8.42 -4.76
C ASP B 1175 9.67 7.51 -5.78
N GLY B 1176 10.35 6.46 -6.22
CA GLY B 1176 9.77 5.58 -7.21
C GLY B 1176 8.82 4.56 -6.63
N PHE B 1177 8.91 3.33 -7.11
CA PHE B 1177 8.08 2.23 -6.62
C PHE B 1177 8.69 0.91 -7.08
N PHE B 1178 8.24 -0.16 -6.46
CA PHE B 1178 8.75 -1.49 -6.81
C PHE B 1178 8.48 -1.78 -8.28
N SER B 1179 9.49 -2.35 -8.95
CA SER B 1179 9.37 -2.61 -10.39
C SER B 1179 8.24 -3.58 -10.68
N THR B 1180 8.13 -4.64 -9.90
CA THR B 1180 7.11 -5.66 -10.09
C THR B 1180 6.98 -6.46 -8.81
N THR B 1181 6.20 -7.54 -8.88
CA THR B 1181 6.07 -8.42 -7.73
C THR B 1181 7.43 -9.04 -7.40
N VAL B 1182 7.64 -9.27 -6.11
CA VAL B 1182 8.94 -9.71 -5.59
C VAL B 1182 8.72 -11.04 -4.88
N THR B 1183 9.00 -12.13 -5.57
CA THR B 1183 8.87 -13.47 -5.00
C THR B 1183 10.18 -13.99 -4.43
N ASN B 1184 11.31 -13.55 -4.98
CA ASN B 1184 12.63 -13.94 -4.49
C ASN B 1184 13.65 -12.91 -4.97
N PRO B 1185 13.88 -11.84 -4.21
CA PRO B 1185 14.74 -10.77 -4.70
C PRO B 1185 16.16 -11.26 -4.97
N GLU B 1186 16.75 -10.73 -6.04
CA GLU B 1186 18.07 -11.13 -6.51
C GLU B 1186 18.60 -10.03 -7.42
N PRO B 1187 19.85 -9.59 -7.23
CA PRO B 1187 20.32 -8.39 -7.96
C PRO B 1187 20.28 -8.51 -9.47
N MET B 1188 20.56 -9.69 -10.03
CA MET B 1188 20.66 -9.85 -11.48
C MET B 1188 19.46 -10.59 -12.07
N GLY B 1189 18.39 -10.77 -11.29
CA GLY B 1189 17.19 -11.40 -11.80
C GLY B 1189 16.33 -10.44 -12.60
N LYS B 1190 15.22 -10.98 -13.10
CA LYS B 1190 14.30 -10.21 -13.95
C LYS B 1190 13.24 -9.45 -13.17
N GLN B 1191 13.25 -9.53 -11.85
CA GLN B 1191 12.25 -8.82 -11.03
C GLN B 1191 12.55 -7.35 -10.86
N GLY B 1192 13.47 -6.80 -11.65
CA GLY B 1192 13.80 -5.40 -11.52
C GLY B 1192 14.72 -5.12 -10.35
N ARG B 1193 14.76 -3.85 -9.96
CA ARG B 1193 15.62 -3.43 -8.86
C ARG B 1193 15.17 -4.08 -7.55
N VAL B 1194 16.15 -4.54 -6.77
CA VAL B 1194 15.84 -5.22 -5.51
C VAL B 1194 16.69 -4.69 -4.37
N LEU B 1195 17.33 -3.54 -4.57
CA LEU B 1195 18.27 -2.99 -3.59
C LEU B 1195 17.62 -1.90 -2.76
N HIS B 1196 17.92 -1.90 -1.46
CA HIS B 1196 17.45 -0.86 -0.57
C HIS B 1196 18.03 0.48 -1.02
N PRO B 1197 17.28 1.57 -0.92
CA PRO B 1197 17.82 2.86 -1.40
C PRO B 1197 19.09 3.31 -0.70
N GLU B 1198 19.24 3.07 0.60
CA GLU B 1198 20.40 3.56 1.34
C GLU B 1198 21.26 2.44 1.92
N GLN B 1199 20.67 1.54 2.69
CA GLN B 1199 21.45 0.47 3.30
C GLN B 1199 21.91 -0.54 2.26
N HIS B 1200 23.12 -1.07 2.47
CA HIS B 1200 23.69 -2.03 1.56
C HIS B 1200 23.04 -3.40 1.74
N ARG B 1201 21.75 -3.50 1.41
CA ARG B 1201 21.05 -4.77 1.53
C ARG B 1201 19.92 -4.80 0.52
N VAL B 1202 19.48 -6.01 0.19
CA VAL B 1202 18.27 -6.19 -0.59
C VAL B 1202 17.06 -5.97 0.31
N VAL B 1203 15.89 -5.77 -0.33
CA VAL B 1203 14.67 -5.56 0.44
C VAL B 1203 14.35 -6.82 1.24
N SER B 1204 14.00 -6.63 2.51
CA SER B 1204 13.80 -7.75 3.42
C SER B 1204 12.35 -8.24 3.36
N VAL B 1205 12.12 -9.38 4.04
CA VAL B 1205 10.81 -10.01 4.01
C VAL B 1205 9.73 -9.06 4.50
N ARG B 1206 9.95 -8.44 5.66
CA ARG B 1206 9.02 -7.43 6.13
C ARG B 1206 8.91 -6.29 5.14
N GLU B 1207 10.00 -5.94 4.46
CA GLU B 1207 9.92 -4.85 3.49
C GLU B 1207 9.06 -5.26 2.30
N CYS B 1208 9.22 -6.49 1.84
CA CYS B 1208 8.40 -7.01 0.76
C CYS B 1208 6.92 -7.01 1.15
N ALA B 1209 6.62 -7.45 2.37
CA ALA B 1209 5.24 -7.44 2.84
C ALA B 1209 4.72 -6.02 2.97
N ARG B 1210 5.58 -5.07 3.35
CA ARG B 1210 5.17 -3.68 3.42
C ARG B 1210 4.84 -3.13 2.04
N SER B 1211 5.52 -3.64 1.01
CA SER B 1211 5.21 -3.22 -0.36
C SER B 1211 3.76 -3.57 -0.72
N GLN B 1212 3.37 -4.83 -0.50
CA GLN B 1212 2.03 -5.27 -0.85
C GLN B 1212 0.95 -4.56 -0.05
N GLY B 1213 1.26 -4.06 1.13
CA GLY B 1213 0.27 -3.44 1.99
C GLY B 1213 -0.18 -4.28 3.17
N PHE B 1214 0.49 -5.39 3.45
CA PHE B 1214 0.11 -6.23 4.58
C PHE B 1214 0.19 -5.44 5.88
N PRO B 1215 -0.80 -5.57 6.75
CA PRO B 1215 -0.68 -4.94 8.08
C PRO B 1215 0.48 -5.55 8.84
N ASP B 1216 1.13 -4.71 9.65
CA ASP B 1216 2.33 -5.14 10.34
C ASP B 1216 2.05 -6.31 11.28
N THR B 1217 0.84 -6.37 11.84
CA THR B 1217 0.50 -7.47 12.75
C THR B 1217 0.36 -8.80 12.03
N TYR B 1218 0.26 -8.80 10.71
CA TYR B 1218 0.08 -10.04 9.96
C TYR B 1218 1.27 -10.98 10.20
N ARG B 1219 0.97 -12.27 10.33
CA ARG B 1219 1.95 -13.28 10.68
C ARG B 1219 2.27 -14.16 9.49
N LEU B 1220 3.50 -14.68 9.46
CA LEU B 1220 3.97 -15.57 8.41
C LEU B 1220 4.62 -16.79 9.05
N PHE B 1221 5.10 -17.70 8.21
CA PHE B 1221 5.64 -18.97 8.68
C PHE B 1221 6.71 -19.45 7.72
N GLY B 1222 7.58 -20.31 8.22
CA GLY B 1222 8.64 -20.88 7.40
C GLY B 1222 9.94 -20.09 7.47
N ASN B 1223 10.86 -20.50 6.61
CA ASN B 1223 12.16 -19.85 6.53
C ASN B 1223 12.05 -18.58 5.69
N ILE B 1224 13.19 -17.94 5.41
CA ILE B 1224 13.17 -16.65 4.74
C ILE B 1224 12.69 -16.78 3.29
N LEU B 1225 13.11 -17.85 2.60
CA LEU B 1225 12.69 -18.06 1.22
C LEU B 1225 11.19 -18.25 1.13
N ASP B 1226 10.64 -19.09 2.01
CA ASP B 1226 9.20 -19.34 2.02
C ASP B 1226 8.45 -18.06 2.35
N LYS B 1227 8.94 -17.28 3.32
CA LYS B 1227 8.28 -16.03 3.67
C LYS B 1227 8.26 -15.07 2.49
N HIS B 1228 9.39 -14.97 1.77
CA HIS B 1228 9.42 -14.13 0.58
C HIS B 1228 8.42 -14.59 -0.46
N ARG B 1229 8.34 -15.90 -0.69
CA ARG B 1229 7.41 -16.42 -1.69
C ARG B 1229 5.96 -16.15 -1.29
N GLN B 1230 5.62 -16.37 -0.02
CA GLN B 1230 4.25 -16.13 0.44
C GLN B 1230 3.89 -14.66 0.33
N VAL B 1231 4.83 -13.77 0.64
CA VAL B 1231 4.57 -12.34 0.47
C VAL B 1231 4.33 -12.03 -1.01
N GLY B 1232 5.16 -12.60 -1.88
CA GLY B 1232 5.05 -12.27 -3.30
C GLY B 1232 3.76 -12.76 -3.94
N ASN B 1233 3.35 -13.98 -3.63
CA ASN B 1233 2.25 -14.60 -4.36
C ASN B 1233 0.91 -13.93 -4.07
N ALA B 1234 0.65 -13.58 -2.82
CA ALA B 1234 -0.68 -13.18 -2.40
C ALA B 1234 -1.10 -11.85 -3.04
N VAL B 1235 -2.40 -11.73 -3.26
CA VAL B 1235 -2.98 -10.47 -3.76
C VAL B 1235 -2.80 -9.38 -2.72
N PRO B 1236 -2.46 -8.16 -3.10
CA PRO B 1236 -2.37 -7.06 -2.13
C PRO B 1236 -3.70 -6.84 -1.44
N PRO B 1237 -3.75 -6.96 -0.12
CA PRO B 1237 -5.01 -6.81 0.61
C PRO B 1237 -5.64 -5.44 0.38
N PRO B 1238 -4.86 -4.37 0.20
CA PRO B 1238 -5.51 -3.12 -0.24
C PRO B 1238 -6.30 -3.26 -1.53
N LEU B 1239 -5.85 -4.09 -2.46
CA LEU B 1239 -6.67 -4.41 -3.62
C LEU B 1239 -7.87 -5.25 -3.23
N ALA B 1240 -7.65 -6.28 -2.40
CA ALA B 1240 -8.75 -7.14 -1.97
C ALA B 1240 -9.81 -6.35 -1.22
N LYS B 1241 -9.39 -5.43 -0.36
CA LYS B 1241 -10.34 -4.55 0.31
C LYS B 1241 -11.07 -3.67 -0.71
N ALA B 1242 -10.34 -3.16 -1.71
CA ALA B 1242 -10.97 -2.32 -2.72
C ALA B 1242 -12.05 -3.07 -3.48
N ILE B 1243 -11.80 -4.34 -3.80
CA ILE B 1243 -12.86 -5.19 -4.32
C ILE B 1243 -13.90 -5.45 -3.25
N GLY B 1244 -13.45 -5.72 -2.01
CA GLY B 1244 -14.37 -6.12 -0.96
C GLY B 1244 -15.41 -5.06 -0.65
N LEU B 1245 -15.03 -3.78 -0.75
CA LEU B 1245 -16.00 -2.71 -0.55
C LEU B 1245 -17.07 -2.74 -1.62
N GLU B 1246 -16.67 -2.96 -2.88
CA GLU B 1246 -17.62 -2.88 -3.98
C GLU B 1246 -18.68 -3.98 -3.89
N ILE B 1247 -18.26 -5.21 -3.56
CA ILE B 1247 -19.22 -6.30 -3.42
C ILE B 1247 -20.23 -5.99 -2.32
N LYS B 1248 -19.75 -5.46 -1.19
CA LYS B 1248 -20.66 -5.09 -0.11
C LYS B 1248 -21.67 -4.05 -0.56
N LEU B 1249 -21.27 -3.15 -1.46
CA LEU B 1249 -22.23 -2.18 -2.00
C LEU B 1249 -23.37 -2.88 -2.73
N CYS B 1250 -23.14 -4.08 -3.25
CA CYS B 1250 -24.20 -4.85 -3.87
C CYS B 1250 -25.00 -5.67 -2.86
N MET B 1251 -24.35 -6.16 -1.80
CA MET B 1251 -25.08 -6.85 -0.75
C MET B 1251 -26.08 -5.92 -0.08
N LEU B 1252 -25.68 -4.68 0.16
CA LEU B 1252 -26.57 -3.71 0.80
C LEU B 1252 -27.75 -3.36 -0.11
N ALA B 1253 -27.49 -3.24 -1.41
CA ALA B 1253 -28.53 -2.78 -2.33
C ALA B 1253 -29.71 -3.74 -2.39
N LYS B 1254 -29.43 -5.05 -2.40
CA LYS B 1254 -30.51 -6.04 -2.46
C LYS B 1254 -31.44 -5.92 -1.25
N ALA B 1255 -30.86 -5.93 -0.05
CA ALA B 1255 -31.65 -5.86 1.16
C ALA B 1255 -32.15 -4.45 1.42
#